data_8OQL
#
_entry.id   8OQL
#
_cell.length_a   249.623
_cell.length_b   134.676
_cell.length_c   119.124
_cell.angle_alpha   90.000
_cell.angle_beta   110.608
_cell.angle_gamma   90.000
#
_symmetry.space_group_name_H-M   'C 1 2 1'
#
loop_
_entity.id
_entity.type
_entity.pdbx_description
1 polymer '3-hydroxyacyl-CoA dehydrogenase'
2 polymer 'Putative acyltransferase Rv0859'
3 non-polymer 'SULFATE ION'
4 non-polymer GLYCEROL
5 non-polymer 'Hexafluorophosphate anion'
6 water water
#
loop_
_entity_poly.entity_id
_entity_poly.type
_entity_poly.pdbx_seq_one_letter_code
_entity_poly.pdbx_strand_id
1 'polypeptide(L)'
;MGSSHHHHHHSQDPNSMPDNTIQWDKDADGIVTLTMDDPSGSTNVMNEAYIESMGKAVDRLVAEKDSITGVVVASAKKTF
FAGGDVKTMIQARPEDAGDVFNTVETIKRQLRTLETLGKPVVAAINGAALGGGLEIALACHHRIAADVKGSQLGLPEVTL
GLLPGGGGVTRTVRMFGIQNAFVSVLAQGTRFKPAKAKEIGLVDELVATVEELVPAAKAWIKEELKANPDGAGVQPWDKK
GYKMPGGTPSSPGLAAILPSFPSNLRKQLKGAPMPAPRAILAAAVEGAQVDFDTASRIESRYFASLVTGQVAKNMMQAFF
FDLQAINAGGSRPEGIGKTPIKRIGVLGAGMMGAGIAYVSAKAGYEVVLKDVSLEAAAKGKGYSEKLEAKALERGRTTQE
RSDALLARITPTADAADFKGVDFVIEAVFENQELKHKVFGEIEDIVEPNAILGSNTSTLPITGLATGVKRQEDFIGIHFF
SPVDKMPLVEIIKGEKTSDEALARVFDYTLAIGKTPIVVNDSRGFFTSRVIGTFVNEALAMLGEGVEPASIEQAGSQAGY
PAPPLQLSDELNLELMHKIAVATRKGVEDAGGTYQPHPAEAVVEKMIELGRSGRLKGAGFYEYADGKRSGLWPGLRETFK
SGSSQPPLQDMIDRMLFAEALETQKCLDEGVLTSTADANIGSIMGIGFPPWTGGSAQFIVGYSGPAGTGKAAFVARAREL
AAAYGDRFLPPESLLS
;
A,B
2 'polypeptide(L)'
;MSEEAFIYEAIRTPRGKQKNGSLHEVKPLSLVVGLIDELRKRHPDLDENLISDVILGCVSPVGDQGGDIARAAVLASGMP
VTSGGVQLNRF(CSO)ASGLEAVNTAAQKVRSGWDDLVLAGGVESMSRVPMGSDGGAMGLDPATNYDVMFVPQSIGADLI
ATIEGFSREDVDAYALRSQQKAAEAWSGGYFAKSVVPVRDQNGLLILDHDEHMRPDTTKEGLAKLKPAFEGLAALGGFDD
VALQKYHWVEKINHVHTGGNSSGIVDGAALVMIGSAAAGKLQGLTPRARIVATATSGADPVIMLTGPTPATRKVLDRAGL
TVDDIDLFELNEAFASVVLKFQKDLNIPDEKLNVNGGAIAMGHPLGATGAMILGTMVDELERRNARRALITLCIGGGMGV
ATIIERV
;
C,D
#
# COMPACT_ATOMS: atom_id res chain seq x y z
N SER A 3 -4.60 -27.30 21.73
CA SER A 3 -3.33 -27.60 22.36
C SER A 3 -3.04 -29.10 22.36
N SER A 4 -4.09 -29.89 22.56
CA SER A 4 -3.98 -31.34 22.65
C SER A 4 -3.98 -31.98 21.28
N HIS A 5 -3.13 -33.00 21.10
CA HIS A 5 -3.06 -33.77 19.86
C HIS A 5 -4.18 -34.79 19.73
N HIS A 6 -5.03 -34.91 20.74
CA HIS A 6 -6.15 -35.85 20.72
C HIS A 6 -7.46 -35.08 20.60
N HIS A 7 -8.51 -35.79 20.19
CA HIS A 7 -9.80 -35.16 19.94
C HIS A 7 -10.56 -34.82 21.22
N HIS A 8 -10.30 -35.50 22.32
CA HIS A 8 -11.04 -35.31 23.56
C HIS A 8 -10.06 -35.03 24.70
N HIS A 9 -10.19 -33.86 25.33
CA HIS A 9 -9.39 -33.54 26.50
C HIS A 9 -9.77 -34.37 27.72
N HIS A 10 -10.86 -35.13 27.63
CA HIS A 10 -11.28 -36.04 28.71
C HIS A 10 -12.30 -37.05 28.20
N MET A 17 -12.31 -46.19 22.65
CA MET A 17 -11.04 -46.89 22.54
C MET A 17 -10.82 -47.45 21.13
N PRO A 18 -10.34 -46.60 20.23
CA PRO A 18 -10.08 -47.04 18.85
C PRO A 18 -8.84 -47.93 18.80
N ASP A 19 -8.68 -48.59 17.65
CA ASP A 19 -7.53 -49.44 17.44
C ASP A 19 -6.32 -48.60 17.07
N ASN A 20 -5.16 -49.25 17.05
CA ASN A 20 -3.89 -48.58 16.75
C ASN A 20 -3.48 -48.88 15.31
N THR A 21 -3.06 -47.84 14.59
CA THR A 21 -2.78 -47.96 13.17
C THR A 21 -1.37 -47.53 12.77
N ILE A 22 -0.52 -47.14 13.71
CA ILE A 22 0.81 -46.62 13.40
C ILE A 22 1.85 -47.41 14.18
N GLN A 23 2.81 -48.00 13.47
CA GLN A 23 3.92 -48.71 14.09
C GLN A 23 5.08 -47.76 14.34
N TRP A 24 5.77 -47.96 15.45
CA TRP A 24 6.89 -47.13 15.87
C TRP A 24 8.19 -47.90 15.76
N ASP A 25 9.24 -47.23 15.28
CA ASP A 25 10.54 -47.87 15.09
C ASP A 25 11.61 -46.78 15.11
N LYS A 26 12.49 -46.82 16.11
CA LYS A 26 13.61 -45.89 16.23
C LYS A 26 14.90 -46.65 16.04
N ASP A 27 15.65 -46.31 14.98
CA ASP A 27 16.90 -46.98 14.71
C ASP A 27 18.00 -46.46 15.64
N ALA A 28 19.22 -46.97 15.43
CA ALA A 28 20.34 -46.56 16.28
C ALA A 28 20.76 -45.13 16.02
N ASP A 29 20.61 -44.66 14.78
CA ASP A 29 20.94 -43.26 14.47
C ASP A 29 19.96 -42.28 15.10
N GLY A 30 18.79 -42.74 15.51
CA GLY A 30 17.77 -41.87 16.04
C GLY A 30 16.69 -41.47 15.06
N ILE A 31 16.47 -42.25 14.00
CA ILE A 31 15.48 -41.94 12.98
C ILE A 31 14.24 -42.78 13.26
N VAL A 32 13.15 -42.12 13.64
CA VAL A 32 11.88 -42.80 13.88
C VAL A 32 11.18 -43.04 12.55
N THR A 33 10.64 -44.24 12.39
CA THR A 33 9.89 -44.61 11.18
C THR A 33 8.44 -44.87 11.58
N LEU A 34 7.56 -43.95 11.21
CA LEU A 34 6.12 -44.10 11.47
C LEU A 34 5.50 -44.81 10.28
N THR A 35 5.20 -46.10 10.45
CA THR A 35 4.62 -46.92 9.40
C THR A 35 3.13 -47.06 9.67
N MET A 36 2.31 -46.54 8.76
CA MET A 36 0.86 -46.58 8.90
C MET A 36 0.32 -47.89 8.34
N ASP A 37 -0.43 -48.62 9.18
CA ASP A 37 -0.93 -49.96 8.83
C ASP A 37 -2.27 -50.16 9.57
N ASP A 38 -3.33 -49.60 9.00
CA ASP A 38 -4.65 -49.69 9.59
C ASP A 38 -5.16 -51.13 9.53
N PRO A 39 -5.43 -51.78 10.65
CA PRO A 39 -5.88 -53.18 10.60
C PRO A 39 -7.31 -53.36 10.14
N SER A 40 -8.08 -52.28 10.00
CA SER A 40 -9.50 -52.37 9.67
C SER A 40 -9.78 -52.44 8.17
N GLY A 41 -8.75 -52.38 7.33
CA GLY A 41 -8.96 -52.44 5.90
C GLY A 41 -7.64 -52.47 5.17
N SER A 42 -7.75 -52.53 3.84
CA SER A 42 -6.59 -52.61 2.97
C SER A 42 -6.03 -51.24 2.60
N THR A 43 -6.53 -50.18 3.19
CA THR A 43 -6.10 -48.83 2.85
C THR A 43 -6.11 -47.95 4.09
N ASN A 44 -5.03 -47.20 4.31
CA ASN A 44 -4.98 -46.20 5.36
C ASN A 44 -5.94 -45.07 5.03
N VAL A 45 -6.89 -44.81 5.93
CA VAL A 45 -7.88 -43.77 5.73
C VAL A 45 -7.88 -42.87 6.96
N MET A 46 -8.33 -41.63 6.77
CA MET A 46 -8.34 -40.63 7.84
C MET A 46 -9.62 -40.79 8.64
N ASN A 47 -9.64 -41.82 9.48
CA ASN A 47 -10.76 -42.12 10.37
C ASN A 47 -10.40 -41.72 11.80
N GLU A 48 -11.30 -42.05 12.74
CA GLU A 48 -11.04 -41.74 14.14
C GLU A 48 -9.87 -42.56 14.69
N ALA A 49 -9.64 -43.75 14.13
CA ALA A 49 -8.54 -44.58 14.60
C ALA A 49 -7.18 -43.98 14.23
N TYR A 50 -7.07 -43.40 13.03
CA TYR A 50 -5.83 -42.74 12.64
C TYR A 50 -5.56 -41.52 13.51
N ILE A 51 -6.61 -40.73 13.80
CA ILE A 51 -6.43 -39.49 14.54
C ILE A 51 -5.86 -39.77 15.92
N GLU A 52 -6.41 -40.79 16.61
CA GLU A 52 -5.88 -41.15 17.92
C GLU A 52 -4.48 -41.73 17.82
N SER A 53 -4.22 -42.55 16.80
CA SER A 53 -2.91 -43.17 16.66
C SER A 53 -1.83 -42.14 16.39
N MET A 54 -2.07 -41.23 15.43
CA MET A 54 -1.09 -40.18 15.16
C MET A 54 -0.95 -39.24 16.35
N GLY A 55 -2.01 -39.05 17.13
CA GLY A 55 -1.90 -38.23 18.33
C GLY A 55 -0.88 -38.81 19.31
N LYS A 56 -0.94 -40.12 19.53
CA LYS A 56 0.02 -40.77 20.42
C LYS A 56 1.43 -40.70 19.84
N ALA A 57 1.58 -40.93 18.54
CA ALA A 57 2.90 -40.90 17.93
C ALA A 57 3.53 -39.51 18.00
N VAL A 58 2.73 -38.47 17.75
CA VAL A 58 3.24 -37.11 17.82
C VAL A 58 3.64 -36.76 19.25
N ASP A 59 2.83 -37.19 20.23
CA ASP A 59 3.20 -36.99 21.64
C ASP A 59 4.55 -37.65 21.93
N ARG A 60 4.73 -38.89 21.46
CA ARG A 60 5.98 -39.60 21.69
C ARG A 60 7.15 -38.93 20.96
N LEU A 61 6.89 -38.35 19.78
CA LEU A 61 7.94 -37.61 19.08
C LEU A 61 8.41 -36.42 19.89
N VAL A 62 7.52 -35.79 20.66
CA VAL A 62 7.89 -34.63 21.45
C VAL A 62 8.61 -35.04 22.73
N ALA A 63 8.12 -36.10 23.39
CA ALA A 63 8.71 -36.51 24.65
C ALA A 63 10.12 -37.08 24.46
N GLU A 64 10.37 -37.75 23.34
CA GLU A 64 11.66 -38.36 23.05
C GLU A 64 12.48 -37.54 22.07
N LYS A 65 12.24 -36.23 21.98
CA LYS A 65 12.91 -35.40 20.99
C LYS A 65 14.41 -35.30 21.23
N ASP A 66 14.88 -35.54 22.46
CA ASP A 66 16.32 -35.46 22.72
C ASP A 66 17.09 -36.59 22.03
N SER A 67 16.41 -37.71 21.76
CA SER A 67 17.07 -38.87 21.16
C SER A 67 16.63 -39.12 19.72
N ILE A 68 15.82 -38.23 19.15
CA ILE A 68 15.28 -38.39 17.80
C ILE A 68 15.97 -37.37 16.89
N THR A 69 16.51 -37.84 15.78
CA THR A 69 17.20 -37.00 14.81
C THR A 69 16.41 -36.76 13.54
N GLY A 70 15.43 -37.60 13.23
CA GLY A 70 14.63 -37.44 12.03
C GLY A 70 13.49 -38.42 12.01
N VAL A 71 12.50 -38.13 11.18
CA VAL A 71 11.28 -38.92 11.10
C VAL A 71 11.04 -39.36 9.66
N VAL A 72 10.54 -40.58 9.49
CA VAL A 72 10.14 -41.12 8.20
C VAL A 72 8.71 -41.63 8.33
N VAL A 73 7.82 -41.13 7.47
CA VAL A 73 6.42 -41.53 7.45
C VAL A 73 6.22 -42.46 6.26
N ALA A 74 5.93 -43.73 6.52
CA ALA A 74 5.77 -44.74 5.50
C ALA A 74 4.44 -45.46 5.69
N SER A 75 4.20 -46.45 4.83
CA SER A 75 2.96 -47.22 4.86
C SER A 75 3.28 -48.67 4.55
N ALA A 76 2.42 -49.56 5.06
CA ALA A 76 2.54 -50.99 4.81
C ALA A 76 1.56 -51.49 3.76
N LYS A 77 0.57 -50.69 3.37
CA LYS A 77 -0.42 -51.09 2.39
C LYS A 77 0.14 -50.94 0.98
N LYS A 78 -0.64 -51.38 -0.01
CA LYS A 78 -0.25 -51.14 -1.40
C LYS A 78 -0.29 -49.67 -1.75
N THR A 79 -1.20 -48.92 -1.14
CA THR A 79 -1.26 -47.47 -1.28
C THR A 79 -0.68 -46.80 -0.04
N PHE A 80 -0.22 -45.57 -0.21
CA PHE A 80 0.32 -44.80 0.90
C PHE A 80 -0.80 -44.45 1.89
N PHE A 81 -1.70 -43.58 1.46
CA PHE A 81 -2.78 -43.10 2.32
C PHE A 81 -3.80 -42.43 1.41
N ALA A 82 -5.02 -42.95 1.37
CA ALA A 82 -5.99 -42.49 0.40
C ALA A 82 -7.38 -42.45 1.02
N GLY A 83 -7.95 -41.25 1.10
CA GLY A 83 -9.35 -41.08 1.42
C GLY A 83 -9.56 -40.58 2.84
N GLY A 84 -10.84 -40.32 3.13
CA GLY A 84 -11.27 -39.95 4.47
C GLY A 84 -12.46 -40.79 4.91
N ASP A 85 -12.96 -40.46 6.09
CA ASP A 85 -14.11 -41.17 6.67
C ASP A 85 -15.38 -40.57 6.07
N VAL A 86 -15.70 -41.03 4.85
CA VAL A 86 -16.84 -40.47 4.13
C VAL A 86 -18.15 -40.82 4.80
N LYS A 87 -18.24 -42.02 5.38
CA LYS A 87 -19.45 -42.41 6.11
C LYS A 87 -19.70 -41.53 7.31
N THR A 88 -18.65 -40.91 7.87
CA THR A 88 -18.82 -39.95 8.96
C THR A 88 -19.08 -38.54 8.45
N MET A 89 -18.44 -38.17 7.33
CA MET A 89 -18.62 -36.82 6.79
C MET A 89 -20.02 -36.63 6.23
N ILE A 90 -20.57 -37.65 5.57
CA ILE A 90 -21.89 -37.51 4.97
C ILE A 90 -22.99 -37.40 6.02
N GLN A 91 -22.71 -37.78 7.26
CA GLN A 91 -23.69 -37.69 8.33
C GLN A 91 -23.58 -36.41 9.15
N ALA A 92 -22.59 -35.56 8.87
CA ALA A 92 -22.38 -34.35 9.64
C ALA A 92 -23.51 -33.37 9.38
N ARG A 93 -24.36 -33.16 10.38
CA ARG A 93 -25.46 -32.22 10.30
C ARG A 93 -24.93 -30.80 10.53
N PRO A 94 -25.73 -29.78 10.16
CA PRO A 94 -25.31 -28.40 10.46
C PRO A 94 -25.04 -28.14 11.93
N GLU A 95 -25.80 -28.78 12.83
CA GLU A 95 -25.54 -28.65 14.25
C GLU A 95 -24.23 -29.31 14.68
N ASP A 96 -23.64 -30.13 13.82
CA ASP A 96 -22.35 -30.76 14.10
C ASP A 96 -21.16 -29.94 13.61
N ALA A 97 -21.39 -28.68 13.23
CA ALA A 97 -20.31 -27.85 12.71
C ALA A 97 -19.21 -27.63 13.75
N GLY A 98 -19.57 -27.64 15.04
CA GLY A 98 -18.56 -27.50 16.07
C GLY A 98 -17.65 -28.72 16.15
N ASP A 99 -18.20 -29.91 15.94
CA ASP A 99 -17.39 -31.12 16.00
C ASP A 99 -16.52 -31.27 14.77
N VAL A 100 -17.05 -30.92 13.60
CA VAL A 100 -16.25 -30.95 12.37
C VAL A 100 -15.08 -30.00 12.49
N PHE A 101 -15.32 -28.80 13.01
CA PHE A 101 -14.25 -27.82 13.18
C PHE A 101 -13.16 -28.35 14.11
N ASN A 102 -13.56 -28.91 15.25
CA ASN A 102 -12.57 -29.41 16.20
C ASN A 102 -11.80 -30.61 15.66
N THR A 103 -12.43 -31.41 14.78
CA THR A 103 -11.75 -32.60 14.28
C THR A 103 -10.65 -32.24 13.30
N VAL A 104 -10.93 -31.36 12.34
CA VAL A 104 -9.90 -30.98 11.38
C VAL A 104 -8.83 -30.12 12.03
N GLU A 105 -9.19 -29.32 13.04
CA GLU A 105 -8.19 -28.57 13.79
C GLU A 105 -7.27 -29.51 14.55
N THR A 106 -7.82 -30.58 15.12
CA THR A 106 -6.99 -31.58 15.79
C THR A 106 -6.10 -32.31 14.79
N ILE A 107 -6.65 -32.63 13.61
CA ILE A 107 -5.84 -33.29 12.58
C ILE A 107 -4.66 -32.41 12.19
N LYS A 108 -4.90 -31.11 12.02
CA LYS A 108 -3.85 -30.21 11.58
C LYS A 108 -2.91 -29.81 12.72
N ARG A 109 -3.37 -29.87 13.97
CA ARG A 109 -2.47 -29.62 15.09
C ARG A 109 -1.40 -30.71 15.19
N GLN A 110 -1.74 -31.94 14.81
CA GLN A 110 -0.75 -33.02 14.78
C GLN A 110 0.26 -32.79 13.67
N LEU A 111 -0.21 -32.50 12.45
CA LEU A 111 0.69 -32.27 11.33
C LEU A 111 1.54 -31.03 11.53
N ARG A 112 1.01 -30.03 12.26
CA ARG A 112 1.79 -28.82 12.53
C ARG A 112 2.92 -29.10 13.51
N THR A 113 2.66 -29.95 14.52
CA THR A 113 3.72 -30.32 15.44
C THR A 113 4.80 -31.14 14.73
N LEU A 114 4.39 -32.04 13.84
CA LEU A 114 5.35 -32.79 13.04
C LEU A 114 6.18 -31.86 12.16
N GLU A 115 5.55 -30.81 11.64
CA GLU A 115 6.17 -29.90 10.69
C GLU A 115 7.20 -28.97 11.34
N THR A 116 7.00 -28.63 12.61
CA THR A 116 7.88 -27.72 13.34
C THR A 116 8.61 -28.45 14.45
N LEU A 117 9.10 -29.66 14.15
CA LEU A 117 9.75 -30.49 15.15
C LEU A 117 11.22 -30.15 15.33
N GLY A 118 11.81 -29.35 14.46
CA GLY A 118 13.23 -29.10 14.48
C GLY A 118 14.07 -30.21 13.89
N LYS A 119 13.45 -31.21 13.27
CA LYS A 119 14.09 -32.38 12.70
C LYS A 119 13.52 -32.64 11.32
N PRO A 120 14.29 -33.26 10.43
CA PRO A 120 13.78 -33.55 9.08
C PRO A 120 12.77 -34.68 9.09
N VAL A 121 11.65 -34.46 8.41
CA VAL A 121 10.60 -35.47 8.23
C VAL A 121 10.47 -35.75 6.74
N VAL A 122 10.57 -37.02 6.36
CA VAL A 122 10.52 -37.45 4.97
C VAL A 122 9.34 -38.39 4.78
N ALA A 123 8.58 -38.16 3.71
CA ALA A 123 7.45 -39.01 3.35
C ALA A 123 7.90 -40.07 2.35
N ALA A 124 7.71 -41.34 2.71
CA ALA A 124 8.04 -42.46 1.83
C ALA A 124 6.74 -42.92 1.16
N ILE A 125 6.42 -42.31 0.02
CA ILE A 125 5.16 -42.52 -0.65
C ILE A 125 5.31 -43.74 -1.55
N ASN A 126 4.76 -44.87 -1.11
CA ASN A 126 4.88 -46.13 -1.84
C ASN A 126 3.78 -46.36 -2.85
N GLY A 127 2.67 -45.65 -2.72
CA GLY A 127 1.56 -45.83 -3.65
C GLY A 127 0.68 -44.59 -3.71
N ALA A 128 -0.63 -44.82 -3.85
CA ALA A 128 -1.57 -43.71 -3.95
C ALA A 128 -1.56 -42.88 -2.68
N ALA A 129 -1.49 -41.55 -2.85
CA ALA A 129 -1.55 -40.59 -1.76
C ALA A 129 -2.58 -39.54 -2.16
N LEU A 130 -3.83 -39.76 -1.76
CA LEU A 130 -4.96 -38.93 -2.18
C LEU A 130 -5.65 -38.32 -0.97
N GLY A 131 -6.05 -37.06 -1.11
CA GLY A 131 -6.72 -36.34 -0.05
C GLY A 131 -5.90 -36.17 1.22
N GLY A 132 -6.38 -36.78 2.30
CA GLY A 132 -5.65 -36.73 3.55
C GLY A 132 -4.26 -37.34 3.44
N GLY A 133 -4.06 -38.25 2.50
CA GLY A 133 -2.75 -38.84 2.32
C GLY A 133 -1.72 -37.84 1.82
N LEU A 134 -2.08 -37.07 0.80
CA LEU A 134 -1.17 -36.04 0.32
C LEU A 134 -1.00 -34.93 1.35
N GLU A 135 -2.06 -34.63 2.11
CA GLU A 135 -1.95 -33.61 3.15
C GLU A 135 -0.95 -34.01 4.22
N ILE A 136 -0.89 -35.30 4.55
CA ILE A 136 0.14 -35.78 5.47
C ILE A 136 1.52 -35.57 4.86
N ALA A 137 1.69 -35.94 3.59
CA ALA A 137 2.98 -35.79 2.94
C ALA A 137 3.37 -34.33 2.78
N LEU A 138 2.39 -33.43 2.57
CA LEU A 138 2.70 -32.02 2.46
C LEU A 138 3.19 -31.42 3.77
N ALA A 139 2.88 -32.08 4.90
CA ALA A 139 3.40 -31.64 6.19
C ALA A 139 4.84 -32.06 6.42
N CYS A 140 5.36 -32.99 5.62
CA CYS A 140 6.76 -33.37 5.71
C CYS A 140 7.62 -32.34 4.98
N HIS A 141 8.93 -32.41 5.24
CA HIS A 141 9.88 -31.49 4.63
C HIS A 141 10.44 -32.00 3.30
N HIS A 142 10.22 -33.26 2.98
CA HIS A 142 10.77 -33.87 1.77
C HIS A 142 9.89 -35.06 1.40
N ARG A 143 9.58 -35.19 0.12
CA ARG A 143 8.67 -36.22 -0.36
C ARG A 143 9.37 -37.06 -1.43
N ILE A 144 9.41 -38.37 -1.21
CA ILE A 144 9.94 -39.32 -2.17
C ILE A 144 8.82 -40.28 -2.55
N ALA A 145 8.62 -40.47 -3.85
CA ALA A 145 7.58 -41.36 -4.36
C ALA A 145 8.21 -42.45 -5.21
N ALA A 146 7.64 -43.65 -5.12
CA ALA A 146 8.09 -44.77 -5.94
C ALA A 146 7.30 -44.78 -7.23
N ASP A 147 7.99 -44.64 -8.36
CA ASP A 147 7.36 -44.58 -9.68
C ASP A 147 6.84 -45.96 -10.04
N VAL A 148 5.71 -46.32 -9.43
CA VAL A 148 5.07 -47.61 -9.60
C VAL A 148 3.72 -47.41 -10.27
N LYS A 149 3.32 -48.39 -11.07
CA LYS A 149 2.06 -48.29 -11.80
C LYS A 149 0.88 -48.26 -10.85
N GLY A 150 -0.06 -47.35 -11.12
CA GLY A 150 -1.23 -47.17 -10.30
C GLY A 150 -1.10 -46.07 -9.25
N SER A 151 0.12 -45.66 -8.92
CA SER A 151 0.33 -44.64 -7.91
C SER A 151 -0.16 -43.28 -8.41
N GLN A 152 -0.94 -42.59 -7.58
CA GLN A 152 -1.46 -41.27 -7.91
C GLN A 152 -1.35 -40.37 -6.69
N LEU A 153 -1.18 -39.07 -6.95
CA LEU A 153 -1.08 -38.08 -5.89
C LEU A 153 -1.93 -36.87 -6.25
N GLY A 154 -2.67 -36.36 -5.28
CA GLY A 154 -3.53 -35.21 -5.52
C GLY A 154 -4.44 -34.96 -4.34
N LEU A 155 -5.22 -33.88 -4.47
CA LEU A 155 -6.18 -33.45 -3.47
C LEU A 155 -7.57 -33.41 -4.12
N PRO A 156 -8.22 -34.56 -4.29
CA PRO A 156 -9.45 -34.60 -5.08
C PRO A 156 -10.73 -34.38 -4.29
N GLU A 157 -10.66 -33.78 -3.09
CA GLU A 157 -11.86 -33.63 -2.28
C GLU A 157 -12.84 -32.61 -2.84
N VAL A 158 -12.43 -31.78 -3.82
CA VAL A 158 -13.38 -30.89 -4.45
C VAL A 158 -14.40 -31.68 -5.27
N THR A 159 -14.00 -32.85 -5.78
CA THR A 159 -14.91 -33.68 -6.55
C THR A 159 -16.01 -34.29 -5.68
N LEU A 160 -15.85 -34.27 -4.37
CA LEU A 160 -16.86 -34.72 -3.44
C LEU A 160 -17.58 -33.57 -2.74
N GLY A 161 -17.38 -32.33 -3.22
CA GLY A 161 -17.97 -31.18 -2.59
C GLY A 161 -17.25 -30.68 -1.36
N LEU A 162 -16.09 -31.24 -1.04
CA LEU A 162 -15.31 -30.83 0.11
C LEU A 162 -14.12 -30.01 -0.35
N LEU A 163 -13.21 -29.69 0.57
CA LEU A 163 -11.96 -29.03 0.26
C LEU A 163 -10.85 -29.70 1.06
N PRO A 164 -9.60 -29.58 0.62
CA PRO A 164 -8.49 -30.12 1.43
C PRO A 164 -8.41 -29.44 2.79
N GLY A 165 -8.97 -30.07 3.81
CA GLY A 165 -9.06 -29.48 5.13
C GLY A 165 -7.98 -29.87 6.10
N GLY A 166 -7.06 -30.75 5.71
CA GLY A 166 -5.97 -31.13 6.58
C GLY A 166 -4.70 -30.36 6.28
N GLY A 167 -4.86 -29.12 5.85
CA GLY A 167 -3.75 -28.27 5.47
C GLY A 167 -3.45 -28.24 3.98
N GLY A 168 -4.22 -28.96 3.18
CA GLY A 168 -3.93 -29.02 1.75
C GLY A 168 -3.99 -27.65 1.08
N VAL A 169 -5.05 -26.89 1.38
CA VAL A 169 -5.19 -25.57 0.77
C VAL A 169 -4.07 -24.65 1.27
N THR A 170 -3.82 -24.66 2.57
CA THR A 170 -2.86 -23.72 3.15
C THR A 170 -1.45 -23.99 2.63
N ARG A 171 -1.03 -25.26 2.63
CA ARG A 171 0.35 -25.58 2.31
C ARG A 171 0.62 -25.46 0.81
N THR A 172 -0.33 -25.85 -0.03
CA THR A 172 -0.13 -25.72 -1.47
C THR A 172 -0.01 -24.25 -1.87
N VAL A 173 -0.75 -23.36 -1.20
CA VAL A 173 -0.60 -21.94 -1.46
C VAL A 173 0.76 -21.44 -1.00
N ARG A 174 1.26 -21.97 0.12
CA ARG A 174 2.59 -21.58 0.58
C ARG A 174 3.68 -22.05 -0.38
N MET A 175 3.47 -23.18 -1.05
CA MET A 175 4.44 -23.75 -1.97
C MET A 175 4.38 -23.14 -3.37
N PHE A 176 3.18 -22.86 -3.87
CA PHE A 176 2.99 -22.49 -5.26
C PHE A 176 2.36 -21.12 -5.46
N GLY A 177 1.87 -20.47 -4.40
CA GLY A 177 1.14 -19.23 -4.54
C GLY A 177 -0.33 -19.49 -4.80
N ILE A 178 -1.11 -18.41 -4.68
CA ILE A 178 -2.56 -18.53 -4.78
C ILE A 178 -2.97 -19.08 -6.13
N GLN A 179 -2.49 -18.45 -7.21
CA GLN A 179 -2.99 -18.78 -8.54
C GLN A 179 -2.60 -20.20 -8.95
N ASN A 180 -1.31 -20.54 -8.80
CA ASN A 180 -0.85 -21.85 -9.25
C ASN A 180 -1.44 -22.97 -8.40
N ALA A 181 -1.51 -22.80 -7.08
CA ALA A 181 -2.08 -23.84 -6.23
C ALA A 181 -3.55 -24.06 -6.53
N PHE A 182 -4.29 -22.98 -6.80
CA PHE A 182 -5.71 -23.12 -7.06
C PHE A 182 -5.98 -23.79 -8.40
N VAL A 183 -5.34 -23.31 -9.46
CA VAL A 183 -5.66 -23.79 -10.80
C VAL A 183 -5.13 -25.20 -11.00
N SER A 184 -3.89 -25.46 -10.60
CA SER A 184 -3.23 -26.71 -10.93
C SER A 184 -3.59 -27.86 -9.99
N VAL A 185 -4.01 -27.57 -8.77
CA VAL A 185 -4.17 -28.62 -7.77
C VAL A 185 -5.57 -28.62 -7.16
N LEU A 186 -5.98 -27.48 -6.61
CA LEU A 186 -7.11 -27.46 -5.69
C LEU A 186 -8.45 -27.44 -6.42
N ALA A 187 -8.60 -26.55 -7.40
CA ALA A 187 -9.93 -26.24 -7.94
C ALA A 187 -10.59 -27.45 -8.58
N GLN A 188 -9.82 -28.30 -9.24
CA GLN A 188 -10.37 -29.45 -9.94
C GLN A 188 -9.95 -30.78 -9.33
N GLY A 189 -9.10 -30.76 -8.31
CA GLY A 189 -8.67 -31.98 -7.63
C GLY A 189 -8.00 -32.96 -8.57
N THR A 190 -7.07 -32.45 -9.39
CA THR A 190 -6.44 -33.28 -10.41
C THR A 190 -5.54 -34.32 -9.77
N ARG A 191 -5.66 -35.56 -10.24
CA ARG A 191 -4.76 -36.63 -9.84
C ARG A 191 -3.53 -36.64 -10.75
N PHE A 192 -2.37 -36.89 -10.16
CA PHE A 192 -1.10 -36.83 -10.88
C PHE A 192 -0.37 -38.16 -10.79
N LYS A 193 0.24 -38.57 -11.90
CA LYS A 193 1.21 -39.63 -11.86
C LYS A 193 2.45 -39.16 -11.10
N PRO A 194 3.24 -40.08 -10.55
CA PRO A 194 4.44 -39.66 -9.80
C PRO A 194 5.40 -38.80 -10.62
N ALA A 195 5.53 -39.06 -11.93
CA ALA A 195 6.41 -38.23 -12.75
C ALA A 195 5.87 -36.82 -12.92
N LYS A 196 4.55 -36.68 -13.14
CA LYS A 196 3.95 -35.36 -13.22
C LYS A 196 3.96 -34.67 -11.87
N ALA A 197 3.86 -35.43 -10.78
CA ALA A 197 3.88 -34.83 -9.45
C ALA A 197 5.22 -34.16 -9.16
N LYS A 198 6.32 -34.85 -9.48
CA LYS A 198 7.64 -34.25 -9.29
C LYS A 198 7.81 -33.00 -10.16
N GLU A 199 7.18 -32.98 -11.33
CA GLU A 199 7.36 -31.86 -12.26
C GLU A 199 6.74 -30.57 -11.70
N ILE A 200 5.56 -30.67 -11.09
CA ILE A 200 4.87 -29.47 -10.60
C ILE A 200 5.29 -29.07 -9.20
N GLY A 201 6.01 -29.92 -8.47
CA GLY A 201 6.53 -29.56 -7.16
C GLY A 201 5.90 -30.29 -5.99
N LEU A 202 4.92 -31.16 -6.23
CA LEU A 202 4.33 -31.91 -5.12
C LEU A 202 5.32 -32.92 -4.54
N VAL A 203 6.06 -33.61 -5.41
CA VAL A 203 7.05 -34.58 -5.01
C VAL A 203 8.43 -34.05 -5.37
N ASP A 204 9.42 -34.38 -4.56
CA ASP A 204 10.78 -33.90 -4.75
C ASP A 204 11.69 -34.88 -5.47
N GLU A 205 11.58 -36.18 -5.17
CA GLU A 205 12.46 -37.18 -5.77
C GLU A 205 11.67 -38.46 -6.03
N LEU A 206 12.26 -39.33 -6.86
CA LEU A 206 11.62 -40.58 -7.26
C LEU A 206 12.60 -41.74 -7.06
N VAL A 207 12.04 -42.94 -6.92
CA VAL A 207 12.80 -44.17 -6.84
C VAL A 207 12.12 -45.23 -7.70
N ALA A 208 12.90 -46.24 -8.07
CA ALA A 208 12.42 -47.24 -9.02
C ALA A 208 11.36 -48.15 -8.40
N THR A 209 11.63 -48.66 -7.20
CA THR A 209 10.71 -49.56 -6.51
C THR A 209 10.52 -49.10 -5.07
N VAL A 210 9.59 -49.78 -4.38
CA VAL A 210 9.26 -49.39 -3.01
C VAL A 210 10.32 -49.80 -2.00
N GLU A 211 11.16 -50.78 -2.32
CA GLU A 211 12.20 -51.22 -1.39
C GLU A 211 13.26 -50.15 -1.15
N GLU A 212 13.37 -49.17 -2.05
CA GLU A 212 14.38 -48.12 -1.94
C GLU A 212 13.87 -46.89 -1.20
N LEU A 213 12.61 -46.88 -0.77
CA LEU A 213 12.00 -45.68 -0.20
C LEU A 213 12.58 -45.31 1.15
N VAL A 214 12.37 -46.17 2.16
CA VAL A 214 12.85 -45.87 3.50
C VAL A 214 14.36 -45.71 3.55
N PRO A 215 15.17 -46.53 2.87
CA PRO A 215 16.62 -46.24 2.85
C PRO A 215 16.96 -44.89 2.27
N ALA A 216 16.37 -44.53 1.12
CA ALA A 216 16.61 -43.20 0.56
C ALA A 216 16.09 -42.10 1.46
N ALA A 217 14.99 -42.37 2.17
CA ALA A 217 14.47 -41.40 3.14
C ALA A 217 15.48 -41.12 4.23
N LYS A 218 16.04 -42.18 4.83
CA LYS A 218 17.05 -42.00 5.87
C LYS A 218 18.34 -41.45 5.30
N ALA A 219 18.64 -41.75 4.04
CA ALA A 219 19.82 -41.16 3.40
C ALA A 219 19.66 -39.66 3.24
N TRP A 220 18.47 -39.20 2.85
CA TRP A 220 18.22 -37.77 2.74
C TRP A 220 18.29 -37.08 4.10
N ILE A 221 17.80 -37.77 5.14
CA ILE A 221 17.87 -37.22 6.49
C ILE A 221 19.32 -36.99 6.91
N LYS A 222 20.19 -37.96 6.61
CA LYS A 222 21.59 -37.85 7.04
C LYS A 222 22.32 -36.74 6.29
N GLU A 223 22.09 -36.62 4.98
CA GLU A 223 22.75 -35.56 4.21
C GLU A 223 22.20 -34.19 4.57
N GLU A 224 20.89 -34.11 4.85
CA GLU A 224 20.29 -32.83 5.23
C GLU A 224 20.86 -32.32 6.54
N LEU A 225 21.10 -33.22 7.50
CA LEU A 225 21.64 -32.81 8.79
C LEU A 225 23.09 -32.37 8.67
N LYS A 226 23.84 -32.93 7.72
CA LYS A 226 25.24 -32.58 7.54
C LYS A 226 25.42 -31.36 6.63
N ALA A 227 24.67 -31.29 5.53
CA ALA A 227 24.84 -30.21 4.56
C ALA A 227 24.10 -28.94 4.94
N ASN A 228 23.05 -29.03 5.73
CA ASN A 228 22.25 -27.86 6.11
C ASN A 228 21.71 -28.06 7.52
N PRO A 229 22.56 -27.87 8.53
CA PRO A 229 22.10 -28.06 9.91
C PRO A 229 21.24 -26.93 10.43
N ASP A 230 21.27 -25.76 9.80
CA ASP A 230 20.47 -24.63 10.28
C ASP A 230 19.01 -24.75 9.84
N GLY A 231 18.77 -25.13 8.59
CA GLY A 231 17.42 -25.16 8.07
C GLY A 231 16.81 -26.54 7.97
N ALA A 232 17.37 -27.50 8.71
CA ALA A 232 16.84 -28.85 8.69
C ALA A 232 15.51 -28.90 9.45
N GLY A 233 14.49 -29.46 8.81
CA GLY A 233 13.18 -29.53 9.43
C GLY A 233 12.49 -28.19 9.57
N VAL A 234 12.76 -27.26 8.66
CA VAL A 234 12.16 -25.92 8.67
C VAL A 234 11.60 -25.66 7.28
N GLN A 235 10.29 -25.56 7.17
CA GLN A 235 9.63 -25.34 5.89
C GLN A 235 9.97 -23.94 5.36
N PRO A 236 9.82 -23.73 4.05
CA PRO A 236 10.11 -22.40 3.50
C PRO A 236 9.31 -21.27 4.14
N TRP A 237 8.04 -21.51 4.46
CA TRP A 237 7.21 -20.46 5.04
C TRP A 237 7.50 -20.22 6.52
N ASP A 238 8.28 -21.08 7.16
CA ASP A 238 8.67 -20.88 8.55
C ASP A 238 10.05 -20.26 8.69
N LYS A 239 10.57 -19.66 7.62
CA LYS A 239 11.82 -18.94 7.64
C LYS A 239 11.56 -17.44 7.60
N LYS A 240 12.56 -16.67 8.05
CA LYS A 240 12.38 -15.24 8.22
C LYS A 240 12.10 -14.54 6.89
N GLY A 241 12.82 -14.93 5.84
CA GLY A 241 12.69 -14.25 4.57
C GLY A 241 11.80 -14.96 3.58
N TYR A 242 10.67 -15.48 4.04
CA TYR A 242 9.76 -16.17 3.14
C TYR A 242 9.01 -15.18 2.26
N LYS A 243 8.85 -15.55 0.99
CA LYS A 243 8.11 -14.74 0.02
C LYS A 243 7.23 -15.67 -0.80
N MET A 244 5.92 -15.48 -0.71
CA MET A 244 4.98 -16.37 -1.38
C MET A 244 5.13 -16.25 -2.90
N PRO A 245 5.25 -17.36 -3.63
CA PRO A 245 5.30 -17.29 -5.09
C PRO A 245 4.08 -16.59 -5.65
N GLY A 246 4.32 -15.73 -6.65
CA GLY A 246 3.25 -14.91 -7.17
C GLY A 246 2.83 -13.76 -6.29
N GLY A 247 3.37 -13.67 -5.07
CA GLY A 247 3.07 -12.58 -4.16
C GLY A 247 1.89 -12.89 -3.25
N THR A 248 1.79 -12.10 -2.19
CA THR A 248 0.63 -12.11 -1.31
C THR A 248 -0.45 -11.22 -1.92
N PRO A 249 -1.69 -11.30 -1.42
CA PRO A 249 -2.74 -10.40 -1.93
C PRO A 249 -2.42 -8.92 -1.79
N SER A 250 -1.51 -8.56 -0.89
CA SER A 250 -1.13 -7.17 -0.69
C SER A 250 0.03 -6.73 -1.58
N SER A 251 0.61 -7.64 -2.37
CA SER A 251 1.68 -7.25 -3.27
C SER A 251 1.11 -6.62 -4.54
N PRO A 252 1.82 -5.65 -5.12
CA PRO A 252 1.23 -4.89 -6.25
C PRO A 252 0.94 -5.75 -7.47
N GLY A 253 1.77 -6.75 -7.75
CA GLY A 253 1.56 -7.57 -8.94
C GLY A 253 0.28 -8.39 -8.87
N LEU A 254 0.05 -9.04 -7.74
CA LEU A 254 -1.12 -9.92 -7.60
C LEU A 254 -2.40 -9.14 -7.31
N ALA A 255 -2.31 -8.02 -6.59
CA ALA A 255 -3.48 -7.22 -6.28
C ALA A 255 -4.13 -6.63 -7.53
N ALA A 256 -3.47 -6.69 -8.67
CA ALA A 256 -4.05 -6.19 -9.91
C ALA A 256 -5.06 -7.17 -10.49
N ILE A 257 -4.69 -8.46 -10.53
CA ILE A 257 -5.54 -9.49 -11.13
C ILE A 257 -6.35 -10.27 -10.10
N LEU A 258 -6.11 -10.06 -8.81
CA LEU A 258 -6.81 -10.85 -7.79
C LEU A 258 -8.32 -10.63 -7.76
N PRO A 259 -8.84 -9.40 -7.87
CA PRO A 259 -10.31 -9.25 -7.90
C PRO A 259 -10.98 -9.94 -9.08
N SER A 260 -10.23 -10.30 -10.11
CA SER A 260 -10.78 -11.00 -11.26
C SER A 260 -10.79 -12.51 -11.09
N PHE A 261 -10.24 -13.02 -9.98
CA PHE A 261 -10.24 -14.47 -9.78
C PHE A 261 -11.65 -15.03 -9.58
N PRO A 262 -12.51 -14.46 -8.72
CA PRO A 262 -13.86 -15.02 -8.59
C PRO A 262 -14.67 -14.92 -9.87
N SER A 263 -14.42 -13.91 -10.71
CA SER A 263 -15.14 -13.81 -11.97
C SER A 263 -14.67 -14.85 -12.97
N ASN A 264 -13.37 -15.16 -12.97
CA ASN A 264 -12.87 -16.24 -13.82
C ASN A 264 -13.46 -17.58 -13.41
N LEU A 265 -13.66 -17.79 -12.11
CA LEU A 265 -14.28 -19.03 -11.64
C LEU A 265 -15.77 -19.05 -11.96
N ARG A 266 -16.43 -17.89 -11.86
CA ARG A 266 -17.85 -17.82 -12.23
C ARG A 266 -18.05 -18.08 -13.72
N LYS A 267 -17.06 -17.71 -14.54
CA LYS A 267 -17.14 -17.97 -15.98
C LYS A 267 -16.98 -19.46 -16.27
N GLN A 268 -16.06 -20.12 -15.58
CA GLN A 268 -15.80 -21.54 -15.85
C GLN A 268 -16.94 -22.42 -15.34
N LEU A 269 -17.52 -22.07 -14.19
CA LEU A 269 -18.65 -22.82 -13.65
C LEU A 269 -19.98 -22.43 -14.29
N LYS A 270 -19.98 -21.41 -15.16
CA LYS A 270 -21.18 -20.98 -15.88
C LYS A 270 -22.28 -20.53 -14.94
N GLY A 271 -21.91 -20.06 -13.74
CA GLY A 271 -22.88 -19.60 -12.78
C GLY A 271 -23.60 -20.70 -12.01
N ALA A 272 -23.10 -21.93 -12.06
CA ALA A 272 -23.78 -23.03 -11.40
C ALA A 272 -23.58 -22.96 -9.90
N PRO A 273 -24.56 -23.43 -9.11
CA PRO A 273 -24.45 -23.37 -7.64
C PRO A 273 -23.62 -24.51 -7.05
N MET A 274 -22.34 -24.54 -7.42
CA MET A 274 -21.40 -25.49 -6.83
C MET A 274 -20.47 -24.74 -5.89
N PRO A 275 -20.66 -24.86 -4.56
CA PRO A 275 -19.95 -23.97 -3.64
C PRO A 275 -18.52 -24.37 -3.34
N ALA A 276 -18.12 -25.62 -3.62
CA ALA A 276 -16.78 -26.07 -3.23
C ALA A 276 -15.67 -25.23 -3.84
N PRO A 277 -15.63 -24.97 -5.15
CA PRO A 277 -14.55 -24.11 -5.68
C PRO A 277 -14.62 -22.68 -5.17
N ARG A 278 -15.82 -22.17 -4.88
CA ARG A 278 -15.92 -20.85 -4.27
C ARG A 278 -15.20 -20.82 -2.93
N ALA A 279 -15.44 -21.82 -2.09
CA ALA A 279 -14.86 -21.84 -0.76
C ALA A 279 -13.35 -22.08 -0.80
N ILE A 280 -12.87 -22.86 -1.75
CA ILE A 280 -11.43 -23.10 -1.86
C ILE A 280 -10.71 -21.81 -2.22
N LEU A 281 -11.26 -21.05 -3.16
CA LEU A 281 -10.64 -19.77 -3.53
C LEU A 281 -10.67 -18.80 -2.36
N ALA A 282 -11.76 -18.79 -1.60
CA ALA A 282 -11.85 -17.90 -0.44
C ALA A 282 -10.82 -18.28 0.62
N ALA A 283 -10.77 -19.56 0.98
CA ALA A 283 -9.80 -20.00 1.98
C ALA A 283 -8.37 -19.74 1.51
N ALA A 284 -8.11 -19.89 0.21
CA ALA A 284 -6.77 -19.67 -0.32
C ALA A 284 -6.36 -18.21 -0.20
N VAL A 285 -7.21 -17.31 -0.69
CA VAL A 285 -6.88 -15.88 -0.67
C VAL A 285 -6.82 -15.37 0.77
N GLU A 286 -7.86 -15.65 1.56
CA GLU A 286 -7.87 -15.20 2.95
C GLU A 286 -6.70 -15.80 3.73
N GLY A 287 -6.33 -17.04 3.41
CA GLY A 287 -5.21 -17.66 4.09
C GLY A 287 -3.88 -16.97 3.80
N ALA A 288 -3.71 -16.51 2.56
CA ALA A 288 -2.46 -15.86 2.15
C ALA A 288 -2.31 -14.46 2.74
N GLN A 289 -3.30 -13.97 3.48
CA GLN A 289 -3.23 -12.65 4.10
C GLN A 289 -2.73 -12.69 5.54
N VAL A 290 -2.71 -13.87 6.17
CA VAL A 290 -2.40 -14.00 7.59
C VAL A 290 -1.29 -15.04 7.75
N ASP A 291 -0.86 -15.23 9.00
CA ASP A 291 0.17 -16.21 9.31
C ASP A 291 -0.34 -17.63 9.04
N PHE A 292 0.58 -18.59 9.10
CA PHE A 292 0.24 -19.96 8.73
C PHE A 292 -0.80 -20.55 9.68
N ASP A 293 -0.68 -20.27 10.97
CA ASP A 293 -1.62 -20.84 11.94
C ASP A 293 -3.02 -20.26 11.78
N THR A 294 -3.12 -18.95 11.55
CA THR A 294 -4.43 -18.34 11.35
C THR A 294 -5.03 -18.77 10.02
N ALA A 295 -4.20 -18.90 8.98
CA ALA A 295 -4.68 -19.42 7.71
C ALA A 295 -5.23 -20.81 7.85
N SER A 296 -4.57 -21.65 8.66
CA SER A 296 -5.03 -23.02 8.86
C SER A 296 -6.39 -23.06 9.54
N ARG A 297 -6.65 -22.12 10.45
CA ARG A 297 -7.94 -22.11 11.15
C ARG A 297 -9.05 -21.64 10.23
N ILE A 298 -8.77 -20.68 9.35
CA ILE A 298 -9.75 -20.25 8.36
C ILE A 298 -10.08 -21.42 7.44
N GLU A 299 -9.08 -22.21 7.08
CA GLU A 299 -9.31 -23.39 6.24
C GLU A 299 -10.28 -24.36 6.90
N SER A 300 -10.21 -24.50 8.22
CA SER A 300 -11.13 -25.39 8.93
C SER A 300 -12.56 -24.88 8.86
N ARG A 301 -12.74 -23.55 8.94
CA ARG A 301 -14.09 -23.00 8.97
C ARG A 301 -14.79 -23.21 7.63
N TYR A 302 -14.09 -22.98 6.52
CA TYR A 302 -14.69 -23.23 5.22
C TYR A 302 -14.94 -24.72 4.99
N PHE A 303 -14.08 -25.58 5.53
CA PHE A 303 -14.30 -27.02 5.42
C PHE A 303 -15.57 -27.44 6.14
N ALA A 304 -15.74 -26.98 7.39
CA ALA A 304 -16.95 -27.30 8.14
C ALA A 304 -18.19 -26.74 7.47
N SER A 305 -18.05 -25.65 6.70
CA SER A 305 -19.18 -25.09 5.98
C SER A 305 -19.63 -26.02 4.85
N LEU A 306 -18.67 -26.66 4.19
CA LEU A 306 -19.02 -27.55 3.07
C LEU A 306 -19.55 -28.89 3.56
N VAL A 307 -18.87 -29.50 4.54
CA VAL A 307 -19.24 -30.83 5.00
C VAL A 307 -20.66 -30.85 5.54
N THR A 308 -21.05 -29.82 6.27
CA THR A 308 -22.39 -29.71 6.80
C THR A 308 -23.41 -29.24 5.77
N GLY A 309 -22.98 -28.93 4.55
CA GLY A 309 -23.88 -28.46 3.52
C GLY A 309 -24.53 -29.60 2.73
N GLN A 310 -25.47 -29.22 1.86
CA GLN A 310 -26.25 -30.21 1.13
C GLN A 310 -25.53 -30.69 -0.12
N VAL A 311 -24.84 -29.79 -0.83
CA VAL A 311 -24.18 -30.17 -2.08
C VAL A 311 -23.13 -31.24 -1.83
N ALA A 312 -22.30 -31.04 -0.80
CA ALA A 312 -21.28 -32.03 -0.48
C ALA A 312 -21.89 -33.40 -0.20
N LYS A 313 -23.08 -33.43 0.40
CA LYS A 313 -23.73 -34.71 0.65
C LYS A 313 -24.26 -35.32 -0.63
N ASN A 314 -24.77 -34.48 -1.55
CA ASN A 314 -25.17 -34.98 -2.86
C ASN A 314 -23.99 -35.58 -3.61
N MET A 315 -22.84 -34.89 -3.60
CA MET A 315 -21.68 -35.35 -4.36
C MET A 315 -21.01 -36.53 -3.69
N MET A 316 -20.96 -36.55 -2.35
CA MET A 316 -20.44 -37.73 -1.66
C MET A 316 -21.32 -38.95 -1.91
N GLN A 317 -22.64 -38.74 -2.02
CA GLN A 317 -23.55 -39.85 -2.26
C GLN A 317 -23.35 -40.43 -3.65
N ALA A 318 -23.04 -39.59 -4.63
CA ALA A 318 -22.94 -40.03 -6.02
C ALA A 318 -21.52 -40.50 -6.36
N PHE A 319 -20.54 -39.62 -6.21
CA PHE A 319 -19.19 -39.89 -6.68
C PHE A 319 -18.38 -40.78 -5.74
N PHE A 320 -18.93 -41.15 -4.59
CA PHE A 320 -18.28 -42.11 -3.70
C PHE A 320 -19.14 -43.35 -3.51
N PHE A 321 -20.31 -43.22 -2.86
CA PHE A 321 -21.09 -44.41 -2.53
C PHE A 321 -21.74 -45.02 -3.76
N ASP A 322 -22.38 -44.20 -4.61
CA ASP A 322 -23.07 -44.72 -5.78
C ASP A 322 -22.09 -45.31 -6.79
N LEU A 323 -20.92 -44.68 -6.95
CA LEU A 323 -19.92 -45.22 -7.87
C LEU A 323 -19.34 -46.53 -7.37
N GLN A 324 -19.11 -46.64 -6.05
CA GLN A 324 -18.58 -47.88 -5.49
C GLN A 324 -19.54 -49.04 -5.72
N ALA A 325 -20.82 -48.83 -5.42
CA ALA A 325 -21.82 -49.89 -5.57
C ALA A 325 -21.89 -50.37 -7.03
N ILE A 326 -21.79 -49.43 -7.98
CA ILE A 326 -21.81 -49.81 -9.39
C ILE A 326 -20.53 -50.54 -9.77
N ASN A 327 -19.38 -49.99 -9.37
CA ASN A 327 -18.09 -50.59 -9.70
C ASN A 327 -17.86 -51.92 -8.97
N ALA A 328 -18.69 -52.26 -8.00
CA ALA A 328 -18.55 -53.52 -7.26
C ALA A 328 -19.63 -54.53 -7.65
N GLY A 329 -20.05 -54.51 -8.91
CA GLY A 329 -21.01 -55.48 -9.39
C GLY A 329 -22.40 -55.38 -8.81
N GLY A 330 -22.83 -54.17 -8.43
CA GLY A 330 -24.16 -54.02 -7.86
C GLY A 330 -25.26 -54.32 -8.85
N SER A 331 -25.06 -53.95 -10.12
CA SER A 331 -26.05 -54.17 -11.16
C SER A 331 -25.77 -55.42 -12.00
N ARG A 332 -24.68 -56.13 -11.71
CA ARG A 332 -24.18 -57.33 -12.38
C ARG A 332 -24.83 -58.58 -11.80
N PRO A 333 -25.16 -59.57 -12.64
CA PRO A 333 -25.62 -60.85 -12.11
C PRO A 333 -24.55 -61.51 -11.26
N GLU A 334 -25.00 -62.26 -10.25
CA GLU A 334 -24.10 -62.81 -9.24
C GLU A 334 -23.24 -63.95 -9.76
N GLY A 335 -23.84 -65.13 -9.95
CA GLY A 335 -23.07 -66.32 -10.27
C GLY A 335 -22.70 -66.49 -11.73
N ILE A 336 -21.90 -65.58 -12.27
CA ILE A 336 -21.43 -65.65 -13.65
C ILE A 336 -19.93 -65.45 -13.65
N GLY A 337 -19.24 -66.17 -14.54
CA GLY A 337 -17.80 -66.08 -14.67
C GLY A 337 -17.37 -65.10 -15.74
N LYS A 338 -16.10 -65.21 -16.12
CA LYS A 338 -15.49 -64.32 -17.09
C LYS A 338 -15.35 -65.01 -18.44
N THR A 339 -15.54 -64.24 -19.51
CA THR A 339 -15.36 -64.72 -20.88
C THR A 339 -14.51 -63.69 -21.61
N PRO A 340 -13.19 -63.89 -21.66
CA PRO A 340 -12.32 -62.89 -22.29
C PRO A 340 -12.70 -62.63 -23.74
N ILE A 341 -12.37 -61.42 -24.20
CA ILE A 341 -12.74 -60.93 -25.52
C ILE A 341 -11.48 -60.91 -26.39
N LYS A 342 -11.57 -61.52 -27.58
CA LYS A 342 -10.43 -61.60 -28.49
C LYS A 342 -10.46 -60.45 -29.50
N ARG A 343 -11.41 -60.50 -30.43
CA ARG A 343 -11.51 -59.51 -31.50
C ARG A 343 -12.91 -58.91 -31.50
N ILE A 344 -12.99 -57.59 -31.67
CA ILE A 344 -14.24 -56.85 -31.64
C ILE A 344 -14.60 -56.46 -33.07
N GLY A 345 -15.89 -56.51 -33.39
CA GLY A 345 -16.37 -56.12 -34.70
C GLY A 345 -17.40 -55.01 -34.66
N VAL A 346 -17.00 -53.81 -35.10
CA VAL A 346 -17.87 -52.64 -35.07
C VAL A 346 -18.52 -52.48 -36.44
N LEU A 347 -19.86 -52.39 -36.44
CA LEU A 347 -20.64 -52.19 -37.67
C LEU A 347 -20.99 -50.71 -37.75
N GLY A 348 -20.32 -49.98 -38.64
CA GLY A 348 -20.55 -48.57 -38.78
C GLY A 348 -19.31 -47.73 -38.53
N ALA A 349 -19.04 -46.76 -39.40
CA ALA A 349 -17.83 -45.95 -39.31
C ALA A 349 -18.14 -44.48 -39.02
N GLY A 350 -19.31 -44.17 -38.47
CA GLY A 350 -19.62 -42.81 -38.10
C GLY A 350 -18.89 -42.40 -36.84
N MET A 351 -19.27 -41.23 -36.32
CA MET A 351 -18.68 -40.74 -35.09
C MET A 351 -18.91 -41.70 -33.93
N MET A 352 -19.94 -42.53 -33.99
CA MET A 352 -20.16 -43.55 -32.96
C MET A 352 -19.31 -44.79 -33.22
N GLY A 353 -19.37 -45.32 -34.44
CA GLY A 353 -18.59 -46.51 -34.75
C GLY A 353 -17.10 -46.27 -34.69
N ALA A 354 -16.66 -45.09 -35.12
CA ALA A 354 -15.24 -44.75 -35.02
C ALA A 354 -14.82 -44.48 -33.58
N GLY A 355 -15.74 -43.97 -32.76
CA GLY A 355 -15.42 -43.78 -31.36
C GLY A 355 -15.36 -45.09 -30.60
N ILE A 356 -16.23 -46.03 -30.94
CA ILE A 356 -16.20 -47.35 -30.29
C ILE A 356 -14.93 -48.09 -30.65
N ALA A 357 -14.44 -47.91 -31.88
CA ALA A 357 -13.20 -48.56 -32.28
C ALA A 357 -11.99 -47.97 -31.57
N TYR A 358 -12.05 -46.68 -31.22
CA TYR A 358 -10.89 -46.04 -30.58
C TYR A 358 -10.75 -46.49 -29.14
N VAL A 359 -11.84 -46.43 -28.36
CA VAL A 359 -11.77 -46.81 -26.96
C VAL A 359 -11.63 -48.32 -26.80
N SER A 360 -11.90 -49.10 -27.85
CA SER A 360 -11.65 -50.54 -27.78
C SER A 360 -10.19 -50.86 -28.07
N ALA A 361 -9.56 -50.11 -28.98
CA ALA A 361 -8.15 -50.31 -29.26
C ALA A 361 -7.26 -49.70 -28.17
N LYS A 362 -7.71 -48.60 -27.56
CA LYS A 362 -6.99 -48.02 -26.43
C LYS A 362 -6.96 -48.97 -25.23
N ALA A 363 -7.93 -49.89 -25.14
CA ALA A 363 -7.92 -50.89 -24.09
C ALA A 363 -7.07 -52.10 -24.45
N GLY A 364 -6.75 -52.28 -25.73
CA GLY A 364 -5.89 -53.35 -26.17
C GLY A 364 -6.55 -54.47 -26.96
N TYR A 365 -7.70 -54.23 -27.56
CA TYR A 365 -8.44 -55.25 -28.30
C TYR A 365 -8.29 -55.04 -29.81
N GLU A 366 -8.34 -56.15 -30.54
CA GLU A 366 -8.35 -56.11 -31.99
C GLU A 366 -9.74 -55.77 -32.50
N VAL A 367 -9.84 -54.74 -33.33
CA VAL A 367 -11.12 -54.23 -33.81
C VAL A 367 -11.16 -54.31 -35.32
N VAL A 368 -12.29 -54.77 -35.85
CA VAL A 368 -12.57 -54.76 -37.28
C VAL A 368 -13.67 -53.74 -37.51
N LEU A 369 -13.35 -52.67 -38.22
CA LEU A 369 -14.24 -51.52 -38.41
C LEU A 369 -14.86 -51.61 -39.80
N LYS A 370 -16.06 -52.16 -39.87
CA LYS A 370 -16.74 -52.37 -41.15
C LYS A 370 -17.65 -51.19 -41.48
N ASP A 371 -17.80 -50.93 -42.78
CA ASP A 371 -18.76 -49.96 -43.28
C ASP A 371 -19.18 -50.40 -44.68
N VAL A 372 -19.97 -49.56 -45.36
CA VAL A 372 -20.45 -49.93 -46.68
C VAL A 372 -19.33 -49.86 -47.71
N SER A 373 -18.42 -48.91 -47.55
CA SER A 373 -17.31 -48.73 -48.49
C SER A 373 -15.99 -48.67 -47.74
N LEU A 374 -14.93 -49.12 -48.41
CA LEU A 374 -13.59 -49.02 -47.82
C LEU A 374 -13.17 -47.57 -47.65
N GLU A 375 -13.67 -46.67 -48.53
CA GLU A 375 -13.38 -45.25 -48.38
C GLU A 375 -13.93 -44.71 -47.06
N ALA A 376 -15.14 -45.14 -46.70
CA ALA A 376 -15.77 -44.64 -45.48
C ALA A 376 -15.22 -45.31 -44.23
N ALA A 377 -14.88 -46.61 -44.32
CA ALA A 377 -14.28 -47.29 -43.17
C ALA A 377 -12.90 -46.73 -42.84
N ALA A 378 -12.18 -46.25 -43.85
CA ALA A 378 -10.88 -45.64 -43.60
C ALA A 378 -11.01 -44.26 -42.97
N LYS A 379 -12.07 -43.52 -43.34
CA LYS A 379 -12.33 -42.23 -42.70
C LYS A 379 -12.76 -42.39 -41.26
N GLY A 380 -13.21 -43.57 -40.86
CA GLY A 380 -13.52 -43.85 -39.47
C GLY A 380 -12.28 -44.16 -38.67
N LYS A 381 -11.35 -44.92 -39.26
CA LYS A 381 -10.06 -45.13 -38.61
C LYS A 381 -9.29 -43.82 -38.49
N GLY A 382 -9.49 -42.90 -39.41
CA GLY A 382 -8.88 -41.58 -39.31
C GLY A 382 -9.35 -40.78 -38.12
N TYR A 383 -10.52 -41.12 -37.56
CA TYR A 383 -10.96 -40.51 -36.32
C TYR A 383 -10.04 -40.92 -35.16
N SER A 384 -9.52 -42.14 -35.18
CA SER A 384 -8.55 -42.58 -34.19
C SER A 384 -7.16 -42.00 -34.48
N GLU A 385 -6.81 -41.85 -35.76
CA GLU A 385 -5.52 -41.26 -36.11
C GLU A 385 -5.47 -39.79 -35.71
N LYS A 386 -6.53 -39.04 -36.00
CA LYS A 386 -6.56 -37.61 -35.69
C LYS A 386 -6.54 -37.35 -34.19
N LEU A 387 -6.97 -38.32 -33.38
CA LEU A 387 -6.83 -38.20 -31.93
C LEU A 387 -5.43 -38.59 -31.47
N GLU A 388 -4.79 -39.54 -32.14
CA GLU A 388 -3.42 -39.90 -31.79
C GLU A 388 -2.44 -38.79 -32.18
N ALA A 389 -2.73 -38.06 -33.26
CA ALA A 389 -1.87 -36.95 -33.64
C ALA A 389 -1.93 -35.83 -32.58
N LYS A 390 -3.12 -35.52 -32.09
CA LYS A 390 -3.25 -34.55 -31.00
C LYS A 390 -2.72 -35.10 -29.68
N ALA A 391 -2.66 -36.43 -29.53
CA ALA A 391 -2.07 -37.02 -28.34
C ALA A 391 -0.55 -37.07 -28.42
N LEU A 392 0.02 -36.98 -29.62
CA LEU A 392 1.48 -36.94 -29.75
C LEU A 392 2.01 -35.51 -29.61
N GLU A 393 1.26 -34.53 -30.11
CA GLU A 393 1.66 -33.13 -29.99
C GLU A 393 1.66 -32.70 -28.53
N ARG A 394 0.73 -33.21 -27.74
CA ARG A 394 0.68 -32.90 -26.31
C ARG A 394 1.60 -33.79 -25.49
N GLY A 395 2.00 -34.94 -26.03
CA GLY A 395 3.00 -35.78 -25.37
C GLY A 395 2.48 -36.65 -24.26
N ARG A 396 1.31 -37.28 -24.46
CA ARG A 396 0.76 -38.19 -23.46
C ARG A 396 0.96 -39.65 -23.82
N THR A 397 1.30 -39.96 -25.07
CA THR A 397 1.63 -41.32 -25.48
C THR A 397 2.77 -41.25 -26.48
N THR A 398 3.57 -42.31 -26.51
CA THR A 398 4.74 -42.35 -27.37
C THR A 398 4.36 -42.70 -28.81
N GLN A 399 5.34 -42.60 -29.70
CA GLN A 399 5.15 -43.08 -31.07
C GLN A 399 5.09 -44.61 -31.13
N GLU A 400 5.66 -45.29 -30.13
CA GLU A 400 5.63 -46.75 -30.10
C GLU A 400 4.26 -47.25 -29.69
N ARG A 401 3.64 -46.63 -28.68
CA ARG A 401 2.31 -47.06 -28.24
C ARG A 401 1.22 -46.61 -29.19
N SER A 402 1.40 -45.47 -29.87
CA SER A 402 0.37 -44.97 -30.76
C SER A 402 0.25 -45.85 -32.01
N ASP A 403 1.38 -46.28 -32.57
CA ASP A 403 1.34 -47.13 -33.75
C ASP A 403 0.72 -48.48 -33.44
N ALA A 404 1.00 -49.03 -32.26
CA ALA A 404 0.39 -50.30 -31.87
C ALA A 404 -1.10 -50.16 -31.64
N LEU A 405 -1.57 -48.96 -31.26
CA LEU A 405 -2.99 -48.72 -31.10
C LEU A 405 -3.71 -48.77 -32.44
N LEU A 406 -3.29 -47.93 -33.38
CA LEU A 406 -3.92 -47.90 -34.70
C LEU A 406 -3.71 -49.19 -35.48
N ALA A 407 -2.73 -50.01 -35.08
CA ALA A 407 -2.50 -51.29 -35.76
C ALA A 407 -3.56 -52.32 -35.44
N ARG A 408 -4.36 -52.11 -34.38
CA ARG A 408 -5.42 -53.03 -34.02
C ARG A 408 -6.76 -52.65 -34.64
N ILE A 409 -6.80 -51.56 -35.40
CA ILE A 409 -8.01 -51.12 -36.10
C ILE A 409 -7.87 -51.52 -37.55
N THR A 410 -8.75 -52.42 -38.00
CA THR A 410 -8.72 -52.95 -39.36
C THR A 410 -9.95 -52.47 -40.13
N PRO A 411 -9.85 -51.36 -40.86
CA PRO A 411 -11.02 -50.88 -41.62
C PRO A 411 -11.27 -51.74 -42.84
N THR A 412 -12.54 -52.05 -43.09
CA THR A 412 -12.91 -52.92 -44.19
C THR A 412 -14.31 -52.59 -44.66
N ALA A 413 -14.65 -53.12 -45.84
CA ALA A 413 -16.01 -53.05 -46.37
C ALA A 413 -16.56 -54.44 -46.69
N ASP A 414 -15.79 -55.49 -46.46
CA ASP A 414 -16.21 -56.86 -46.77
C ASP A 414 -16.81 -57.51 -45.54
N ALA A 415 -17.96 -58.16 -45.72
CA ALA A 415 -18.63 -58.82 -44.61
C ALA A 415 -17.87 -60.03 -44.11
N ALA A 416 -16.99 -60.61 -44.93
CA ALA A 416 -16.22 -61.78 -44.53
C ALA A 416 -15.09 -61.46 -43.57
N ASP A 417 -14.75 -60.18 -43.38
CA ASP A 417 -13.67 -59.79 -42.47
C ASP A 417 -14.10 -59.81 -41.01
N PHE A 418 -15.27 -60.35 -40.68
CA PHE A 418 -15.70 -60.54 -39.31
C PHE A 418 -15.49 -61.97 -38.83
N LYS A 419 -14.58 -62.70 -39.46
CA LYS A 419 -14.27 -64.07 -39.04
C LYS A 419 -13.43 -64.03 -37.77
N GLY A 420 -13.91 -64.71 -36.73
CA GLY A 420 -13.22 -64.73 -35.45
C GLY A 420 -13.64 -63.66 -34.47
N VAL A 421 -14.64 -62.84 -34.82
CA VAL A 421 -15.12 -61.79 -33.92
C VAL A 421 -16.04 -62.41 -32.89
N ASP A 422 -15.72 -62.20 -31.61
CA ASP A 422 -16.53 -62.71 -30.52
C ASP A 422 -17.30 -61.61 -29.79
N PHE A 423 -17.29 -60.39 -30.32
CA PHE A 423 -18.01 -59.27 -29.71
C PHE A 423 -18.35 -58.28 -30.81
N VAL A 424 -19.64 -58.16 -31.13
CA VAL A 424 -20.11 -57.29 -32.20
C VAL A 424 -20.87 -56.12 -31.57
N ILE A 425 -20.52 -54.91 -32.00
CA ILE A 425 -21.17 -53.68 -31.53
C ILE A 425 -21.63 -52.93 -32.77
N GLU A 426 -22.91 -53.08 -33.13
CA GLU A 426 -23.46 -52.42 -34.30
C GLU A 426 -23.76 -50.96 -33.97
N ALA A 427 -23.35 -50.06 -34.87
CA ALA A 427 -23.54 -48.62 -34.69
C ALA A 427 -24.06 -48.01 -35.99
N VAL A 428 -25.19 -48.54 -36.47
CA VAL A 428 -25.80 -48.06 -37.71
C VAL A 428 -26.99 -47.17 -37.37
N PHE A 429 -27.80 -46.85 -38.39
CA PHE A 429 -28.93 -45.95 -38.21
C PHE A 429 -29.99 -46.57 -37.31
N GLU A 430 -30.79 -45.70 -36.70
CA GLU A 430 -31.87 -46.11 -35.79
C GLU A 430 -33.08 -46.60 -36.58
N ASN A 431 -32.87 -47.68 -37.34
CA ASN A 431 -33.91 -48.29 -38.16
C ASN A 431 -33.94 -49.77 -37.86
N GLN A 432 -35.10 -50.27 -37.41
CA GLN A 432 -35.20 -51.67 -37.00
C GLN A 432 -34.96 -52.62 -38.17
N GLU A 433 -35.41 -52.24 -39.37
CA GLU A 433 -35.17 -53.07 -40.55
C GLU A 433 -33.69 -53.14 -40.89
N LEU A 434 -32.99 -52.00 -40.76
CA LEU A 434 -31.56 -51.98 -41.09
C LEU A 434 -30.76 -52.85 -40.14
N LYS A 435 -31.14 -52.90 -38.87
CA LYS A 435 -30.43 -53.73 -37.91
C LYS A 435 -30.71 -55.21 -38.12
N HIS A 436 -31.95 -55.54 -38.49
CA HIS A 436 -32.27 -56.92 -38.83
C HIS A 436 -31.48 -57.39 -40.05
N LYS A 437 -31.35 -56.51 -41.04
CA LYS A 437 -30.64 -56.90 -42.26
C LYS A 437 -29.15 -57.05 -42.01
N VAL A 438 -28.55 -56.16 -41.23
CA VAL A 438 -27.10 -56.20 -41.02
C VAL A 438 -26.70 -57.28 -40.02
N PHE A 439 -27.60 -57.67 -39.11
CA PHE A 439 -27.26 -58.72 -38.16
C PHE A 439 -27.43 -60.12 -38.77
N GLY A 440 -28.38 -60.28 -39.69
CA GLY A 440 -28.52 -61.56 -40.36
C GLY A 440 -27.35 -61.88 -41.26
N GLU A 441 -26.67 -60.86 -41.77
CA GLU A 441 -25.50 -61.04 -42.62
C GLU A 441 -24.21 -61.25 -41.84
N ILE A 442 -24.25 -61.22 -40.52
CA ILE A 442 -23.03 -61.23 -39.71
C ILE A 442 -23.11 -62.33 -38.65
N GLU A 443 -24.32 -62.66 -38.21
CA GLU A 443 -24.50 -63.60 -37.11
C GLU A 443 -23.94 -64.98 -37.41
N ASP A 444 -23.70 -65.30 -38.69
CA ASP A 444 -23.15 -66.60 -39.06
C ASP A 444 -21.66 -66.57 -39.35
N ILE A 445 -21.11 -65.40 -39.69
CA ILE A 445 -19.68 -65.29 -39.94
C ILE A 445 -18.91 -65.18 -38.62
N VAL A 446 -19.54 -64.63 -37.58
CA VAL A 446 -18.87 -64.44 -36.29
C VAL A 446 -18.89 -65.74 -35.49
N GLU A 447 -18.32 -65.70 -34.29
CA GLU A 447 -18.21 -66.87 -33.44
C GLU A 447 -19.59 -67.38 -33.04
N PRO A 448 -19.71 -68.66 -32.67
CA PRO A 448 -21.01 -69.18 -32.25
C PRO A 448 -21.49 -68.63 -30.92
N ASN A 449 -20.58 -68.38 -29.98
CA ASN A 449 -20.93 -67.87 -28.65
C ASN A 449 -20.56 -66.40 -28.50
N ALA A 450 -20.62 -65.64 -29.58
CA ALA A 450 -20.27 -64.23 -29.56
C ALA A 450 -21.41 -63.40 -28.97
N ILE A 451 -21.09 -62.16 -28.63
CA ILE A 451 -22.07 -61.18 -28.15
C ILE A 451 -22.50 -60.31 -29.33
N LEU A 452 -23.80 -60.19 -29.52
CA LEU A 452 -24.37 -59.38 -30.59
C LEU A 452 -24.96 -58.13 -29.96
N GLY A 453 -24.13 -57.10 -29.80
CA GLY A 453 -24.56 -55.86 -29.18
C GLY A 453 -25.12 -54.87 -30.20
N SER A 454 -26.02 -54.02 -29.71
CA SER A 454 -26.69 -53.01 -30.54
C SER A 454 -26.62 -51.67 -29.85
N ASN A 455 -25.99 -50.69 -30.49
CA ASN A 455 -25.95 -49.32 -29.99
C ASN A 455 -27.25 -48.64 -30.40
N THR A 456 -28.28 -48.79 -29.56
CA THR A 456 -29.61 -48.27 -29.83
C THR A 456 -29.98 -47.25 -28.75
N SER A 457 -30.63 -46.17 -29.18
CA SER A 457 -31.01 -45.10 -28.28
C SER A 457 -32.48 -45.11 -27.89
N THR A 458 -33.36 -45.60 -28.75
CA THR A 458 -34.79 -45.58 -28.45
C THR A 458 -35.50 -46.89 -28.78
N LEU A 459 -35.11 -47.58 -29.84
CA LEU A 459 -35.85 -48.74 -30.31
C LEU A 459 -35.75 -49.88 -29.29
N PRO A 460 -36.87 -50.51 -28.93
CA PRO A 460 -36.82 -51.58 -27.93
C PRO A 460 -35.93 -52.74 -28.37
N ILE A 461 -35.15 -53.25 -27.42
CA ILE A 461 -34.20 -54.33 -27.72
C ILE A 461 -34.94 -55.64 -27.96
N THR A 462 -36.10 -55.84 -27.33
CA THR A 462 -36.87 -57.06 -27.54
C THR A 462 -37.28 -57.20 -29.01
N GLY A 463 -37.63 -56.07 -29.65
CA GLY A 463 -37.99 -56.13 -31.05
C GLY A 463 -36.79 -56.37 -31.95
N LEU A 464 -35.63 -55.80 -31.60
CA LEU A 464 -34.43 -56.00 -32.40
C LEU A 464 -33.89 -57.42 -32.27
N ALA A 465 -34.26 -58.15 -31.23
CA ALA A 465 -33.71 -59.48 -31.02
C ALA A 465 -34.34 -60.52 -31.94
N THR A 466 -35.51 -60.22 -32.51
CA THR A 466 -36.19 -61.16 -33.39
C THR A 466 -35.54 -61.27 -34.77
N GLY A 467 -34.46 -60.53 -35.02
CA GLY A 467 -33.73 -60.62 -36.26
C GLY A 467 -32.47 -61.47 -36.21
N VAL A 468 -32.23 -62.16 -35.10
CA VAL A 468 -31.07 -63.03 -34.95
C VAL A 468 -31.53 -64.39 -34.43
N LYS A 469 -30.66 -65.39 -34.62
CA LYS A 469 -30.98 -66.75 -34.20
C LYS A 469 -30.83 -66.91 -32.69
N ARG A 470 -29.60 -66.76 -32.19
CA ARG A 470 -29.34 -66.84 -30.76
C ARG A 470 -29.72 -65.52 -30.12
N GLN A 471 -30.95 -65.45 -29.58
CA GLN A 471 -31.44 -64.22 -28.98
C GLN A 471 -30.86 -63.97 -27.59
N GLU A 472 -30.34 -65.01 -26.92
CA GLU A 472 -29.77 -64.82 -25.60
C GLU A 472 -28.54 -63.91 -25.66
N ASP A 473 -27.72 -64.06 -26.69
CA ASP A 473 -26.51 -63.27 -26.86
C ASP A 473 -26.78 -61.90 -27.47
N PHE A 474 -28.05 -61.51 -27.60
CA PHE A 474 -28.42 -60.20 -28.13
C PHE A 474 -28.76 -59.27 -26.97
N ILE A 475 -28.21 -58.06 -27.01
CA ILE A 475 -28.31 -57.12 -25.90
C ILE A 475 -28.02 -55.73 -26.44
N GLY A 476 -28.50 -54.71 -25.71
CA GLY A 476 -28.27 -53.33 -26.08
C GLY A 476 -27.07 -52.77 -25.34
N ILE A 477 -26.14 -52.19 -26.11
CA ILE A 477 -24.91 -51.60 -25.57
C ILE A 477 -24.87 -50.17 -26.10
N HIS A 478 -25.34 -49.22 -25.28
CA HIS A 478 -25.51 -47.84 -25.71
C HIS A 478 -24.30 -47.01 -25.30
N PHE A 479 -23.64 -46.40 -26.28
CA PHE A 479 -22.53 -45.50 -26.07
C PHE A 479 -22.99 -44.05 -26.24
N PHE A 480 -22.09 -43.11 -25.98
CA PHE A 480 -22.42 -41.70 -26.06
C PHE A 480 -21.31 -40.95 -26.79
N SER A 481 -21.70 -39.92 -27.55
CA SER A 481 -20.78 -39.17 -28.40
C SER A 481 -20.27 -37.94 -27.67
N PRO A 482 -18.96 -37.65 -27.70
CA PRO A 482 -17.91 -38.50 -28.30
C PRO A 482 -17.48 -39.65 -27.39
N VAL A 483 -17.30 -40.83 -27.96
CA VAL A 483 -17.04 -42.03 -27.17
C VAL A 483 -15.74 -41.91 -26.38
N ASP A 484 -14.76 -41.18 -26.91
CA ASP A 484 -13.47 -41.04 -26.24
C ASP A 484 -13.53 -40.14 -25.01
N LYS A 485 -14.65 -39.42 -24.80
CA LYS A 485 -14.77 -38.54 -23.64
C LYS A 485 -16.01 -38.79 -22.78
N MET A 486 -16.96 -39.63 -23.24
CA MET A 486 -18.13 -39.94 -22.43
C MET A 486 -17.91 -41.24 -21.68
N PRO A 487 -18.15 -41.27 -20.37
CA PRO A 487 -17.77 -42.42 -19.55
C PRO A 487 -18.85 -43.45 -19.27
N LEU A 488 -20.08 -43.28 -19.75
CA LEU A 488 -21.16 -44.19 -19.42
C LEU A 488 -21.45 -45.16 -20.57
N VAL A 489 -21.88 -46.36 -20.22
CA VAL A 489 -22.40 -47.35 -21.15
C VAL A 489 -23.72 -47.84 -20.60
N GLU A 490 -24.80 -47.61 -21.33
CA GLU A 490 -26.14 -47.99 -20.89
C GLU A 490 -26.43 -49.38 -21.43
N ILE A 491 -26.31 -50.39 -20.56
CA ILE A 491 -26.60 -51.77 -20.93
C ILE A 491 -28.11 -52.01 -20.80
N ILE A 492 -28.75 -52.39 -21.90
CA ILE A 492 -30.19 -52.57 -21.95
C ILE A 492 -30.50 -54.06 -22.05
N LYS A 493 -31.27 -54.56 -21.09
CA LYS A 493 -31.56 -55.98 -20.97
C LYS A 493 -32.90 -56.27 -21.64
N GLY A 494 -32.86 -56.96 -22.78
CA GLY A 494 -34.08 -57.39 -23.43
C GLY A 494 -34.74 -58.54 -22.70
N GLU A 495 -35.90 -58.94 -23.22
CA GLU A 495 -36.65 -60.03 -22.59
C GLU A 495 -35.91 -61.36 -22.73
N LYS A 496 -35.45 -61.68 -23.94
CA LYS A 496 -34.70 -62.91 -24.17
C LYS A 496 -33.22 -62.77 -23.84
N THR A 497 -32.75 -61.57 -23.48
CA THR A 497 -31.36 -61.39 -23.09
C THR A 497 -31.08 -62.15 -21.79
N SER A 498 -30.03 -62.95 -21.80
CA SER A 498 -29.71 -63.81 -20.67
C SER A 498 -28.74 -63.12 -19.71
N ASP A 499 -28.57 -63.73 -18.53
CA ASP A 499 -27.64 -63.19 -17.55
C ASP A 499 -26.19 -63.36 -17.99
N GLU A 500 -25.92 -64.36 -18.83
CA GLU A 500 -24.57 -64.56 -19.34
C GLU A 500 -24.11 -63.35 -20.15
N ALA A 501 -24.94 -62.89 -21.09
CA ALA A 501 -24.60 -61.74 -21.91
C ALA A 501 -24.52 -60.45 -21.09
N LEU A 502 -25.35 -60.33 -20.05
CA LEU A 502 -25.35 -59.13 -19.23
C LEU A 502 -24.00 -58.95 -18.53
N ALA A 503 -23.43 -60.04 -18.02
CA ALA A 503 -22.16 -59.96 -17.30
C ALA A 503 -20.99 -59.71 -18.25
N ARG A 504 -21.05 -60.27 -19.46
CA ARG A 504 -19.94 -60.08 -20.40
C ARG A 504 -19.84 -58.65 -20.88
N VAL A 505 -20.98 -58.00 -21.13
CA VAL A 505 -20.97 -56.59 -21.49
C VAL A 505 -20.59 -55.73 -20.29
N PHE A 506 -21.03 -56.14 -19.10
CA PHE A 506 -20.62 -55.47 -17.87
C PHE A 506 -19.10 -55.46 -17.74
N ASP A 507 -18.47 -56.62 -17.90
CA ASP A 507 -17.02 -56.71 -17.76
C ASP A 507 -16.31 -55.99 -18.91
N TYR A 508 -16.88 -56.05 -20.12
CA TYR A 508 -16.30 -55.30 -21.23
C TYR A 508 -16.33 -53.80 -20.96
N THR A 509 -17.40 -53.32 -20.33
CA THR A 509 -17.48 -51.90 -20.01
C THR A 509 -16.38 -51.48 -19.04
N LEU A 510 -16.05 -52.33 -18.08
CA LEU A 510 -14.98 -52.03 -17.14
C LEU A 510 -13.61 -52.21 -17.78
N ALA A 511 -13.49 -53.08 -18.77
CA ALA A 511 -12.21 -53.29 -19.43
C ALA A 511 -11.80 -52.06 -20.25
N ILE A 512 -12.77 -51.36 -20.84
CA ILE A 512 -12.46 -50.16 -21.62
C ILE A 512 -12.49 -48.89 -20.78
N GLY A 513 -12.68 -49.02 -19.47
CA GLY A 513 -12.61 -47.86 -18.59
C GLY A 513 -13.87 -47.02 -18.51
N LYS A 514 -15.04 -47.64 -18.63
CA LYS A 514 -16.31 -46.93 -18.57
C LYS A 514 -17.19 -47.51 -17.47
N THR A 515 -18.26 -46.78 -17.14
CA THR A 515 -19.15 -47.11 -16.04
C THR A 515 -20.45 -47.67 -16.57
N PRO A 516 -20.87 -48.87 -16.17
CA PRO A 516 -22.09 -49.45 -16.72
C PRO A 516 -23.32 -49.27 -15.84
N ILE A 517 -24.48 -49.08 -16.47
CA ILE A 517 -25.77 -49.20 -15.80
C ILE A 517 -26.59 -50.22 -16.56
N VAL A 518 -27.45 -50.94 -15.83
CA VAL A 518 -28.29 -51.98 -16.40
C VAL A 518 -29.72 -51.47 -16.41
N VAL A 519 -30.35 -51.53 -17.58
CA VAL A 519 -31.67 -50.96 -17.80
C VAL A 519 -32.57 -52.02 -18.43
N ASN A 520 -33.80 -52.12 -17.95
CA ASN A 520 -34.78 -53.03 -18.53
C ASN A 520 -35.37 -52.42 -19.80
N ASP A 521 -35.84 -53.29 -20.69
CA ASP A 521 -36.29 -52.85 -22.01
C ASP A 521 -37.52 -51.96 -21.88
N SER A 522 -37.48 -50.82 -22.57
CA SER A 522 -38.55 -49.83 -22.58
C SER A 522 -38.25 -48.80 -23.65
N ARG A 523 -39.30 -48.18 -24.18
CA ARG A 523 -39.12 -47.16 -25.20
C ARG A 523 -38.43 -45.94 -24.60
N GLY A 524 -37.39 -45.48 -25.28
CA GLY A 524 -36.56 -44.41 -24.77
C GLY A 524 -35.53 -44.83 -23.74
N PHE A 525 -35.59 -46.07 -23.23
CA PHE A 525 -34.68 -46.56 -22.21
C PHE A 525 -34.68 -45.61 -21.02
N PHE A 526 -33.50 -45.26 -20.51
CA PHE A 526 -33.41 -44.28 -19.43
C PHE A 526 -32.80 -42.96 -19.87
N THR A 527 -31.67 -43.01 -20.58
CA THR A 527 -30.96 -41.78 -20.93
C THR A 527 -31.75 -40.96 -21.94
N SER A 528 -32.18 -41.58 -23.03
CA SER A 528 -32.88 -40.85 -24.09
C SER A 528 -34.21 -40.30 -23.59
N ARG A 529 -34.96 -41.11 -22.85
CA ARG A 529 -36.26 -40.67 -22.35
C ARG A 529 -36.12 -39.48 -21.41
N VAL A 530 -35.13 -39.52 -20.51
CA VAL A 530 -35.00 -38.45 -19.52
C VAL A 530 -34.45 -37.19 -20.19
N ILE A 531 -33.43 -37.33 -21.04
CA ILE A 531 -32.88 -36.16 -21.70
C ILE A 531 -33.88 -35.53 -22.67
N GLY A 532 -34.89 -36.30 -23.10
CA GLY A 532 -35.93 -35.73 -23.95
C GLY A 532 -36.79 -34.73 -23.20
N THR A 533 -37.16 -35.04 -21.96
CA THR A 533 -37.92 -34.09 -21.16
C THR A 533 -37.14 -32.82 -20.88
N PHE A 534 -35.81 -32.88 -20.98
CA PHE A 534 -35.00 -31.69 -20.75
C PHE A 534 -35.10 -30.72 -21.93
N VAL A 535 -34.87 -31.22 -23.14
CA VAL A 535 -34.96 -30.34 -24.31
C VAL A 535 -36.39 -29.93 -24.58
N ASN A 536 -37.37 -30.77 -24.21
CA ASN A 536 -38.76 -30.43 -24.46
C ASN A 536 -39.21 -29.25 -23.60
N GLU A 537 -38.74 -29.17 -22.36
CA GLU A 537 -39.08 -28.03 -21.52
C GLU A 537 -38.52 -26.74 -22.08
N ALA A 538 -37.29 -26.78 -22.60
CA ALA A 538 -36.69 -25.59 -23.19
C ALA A 538 -37.45 -25.16 -24.43
N LEU A 539 -37.78 -26.12 -25.30
CA LEU A 539 -38.54 -25.79 -26.50
C LEU A 539 -39.94 -25.30 -26.14
N ALA A 540 -40.52 -25.84 -25.07
CA ALA A 540 -41.79 -25.32 -24.58
C ALA A 540 -41.65 -23.85 -24.19
N MET A 541 -40.59 -23.52 -23.44
CA MET A 541 -40.36 -22.13 -23.05
C MET A 541 -40.23 -21.24 -24.27
N LEU A 542 -39.47 -21.69 -25.28
CA LEU A 542 -39.32 -20.90 -26.49
C LEU A 542 -40.66 -20.69 -27.19
N GLY A 543 -41.50 -21.73 -27.21
CA GLY A 543 -42.83 -21.58 -27.78
C GLY A 543 -43.72 -20.67 -26.97
N GLU A 544 -43.53 -20.66 -25.64
CA GLU A 544 -44.30 -19.78 -24.77
C GLU A 544 -43.89 -18.31 -24.90
N GLY A 545 -42.83 -18.01 -25.65
CA GLY A 545 -42.39 -16.65 -25.83
C GLY A 545 -41.24 -16.21 -24.94
N VAL A 546 -40.47 -17.14 -24.39
CA VAL A 546 -39.36 -16.79 -23.52
C VAL A 546 -38.13 -16.49 -24.37
N GLU A 547 -37.33 -15.53 -23.92
CA GLU A 547 -36.15 -15.12 -24.67
C GLU A 547 -35.21 -16.31 -24.87
N PRO A 548 -34.72 -16.53 -26.09
CA PRO A 548 -33.80 -17.66 -26.31
C PRO A 548 -32.52 -17.53 -25.52
N ALA A 549 -31.98 -16.32 -25.38
CA ALA A 549 -30.76 -16.13 -24.60
C ALA A 549 -30.99 -16.47 -23.13
N SER A 550 -32.20 -16.21 -22.62
CA SER A 550 -32.51 -16.57 -21.24
C SER A 550 -32.57 -18.08 -21.06
N ILE A 551 -33.15 -18.80 -22.02
CA ILE A 551 -33.25 -20.24 -21.92
C ILE A 551 -31.86 -20.87 -21.85
N GLU A 552 -30.96 -20.41 -22.72
CA GLU A 552 -29.59 -20.95 -22.72
C GLU A 552 -28.88 -20.61 -21.42
N GLN A 553 -29.05 -19.39 -20.92
CA GLN A 553 -28.45 -19.02 -19.65
C GLN A 553 -29.03 -19.84 -18.50
N ALA A 554 -30.33 -20.14 -18.57
CA ALA A 554 -30.94 -20.98 -17.55
C ALA A 554 -30.33 -22.38 -17.55
N GLY A 555 -30.10 -22.94 -18.74
CA GLY A 555 -29.48 -24.25 -18.82
C GLY A 555 -28.06 -24.27 -18.27
N SER A 556 -27.26 -23.26 -18.61
CA SER A 556 -25.88 -23.23 -18.14
C SER A 556 -25.82 -23.00 -16.63
N GLN A 557 -26.63 -22.09 -16.11
CA GLN A 557 -26.61 -21.81 -14.68
C GLN A 557 -27.22 -22.94 -13.86
N ALA A 558 -28.03 -23.80 -14.49
CA ALA A 558 -28.50 -25.00 -13.80
C ALA A 558 -27.38 -26.00 -13.56
N GLY A 559 -26.30 -25.92 -14.33
CA GLY A 559 -25.19 -26.84 -14.20
C GLY A 559 -25.01 -27.80 -15.36
N TYR A 560 -25.81 -27.68 -16.42
CA TYR A 560 -25.69 -28.60 -17.54
C TYR A 560 -24.44 -28.28 -18.36
N PRO A 561 -23.80 -29.29 -18.94
CA PRO A 561 -22.60 -29.04 -19.73
C PRO A 561 -22.89 -28.39 -21.08
N ALA A 562 -24.12 -28.45 -21.57
CA ALA A 562 -24.47 -27.82 -22.83
C ALA A 562 -25.87 -27.22 -22.69
N PRO A 563 -26.06 -25.96 -23.07
CA PRO A 563 -27.40 -25.36 -23.00
C PRO A 563 -28.37 -26.12 -23.90
N PRO A 564 -29.66 -26.05 -23.60
CA PRO A 564 -30.60 -26.98 -24.24
C PRO A 564 -30.85 -26.70 -25.71
N LEU A 565 -30.93 -25.44 -26.13
CA LEU A 565 -31.12 -25.16 -27.54
C LEU A 565 -29.93 -25.61 -28.37
N GLN A 566 -28.72 -25.39 -27.85
CA GLN A 566 -27.52 -25.90 -28.52
C GLN A 566 -27.56 -27.42 -28.62
N LEU A 567 -27.98 -28.09 -27.54
CA LEU A 567 -28.09 -29.54 -27.57
C LEU A 567 -29.18 -30.00 -28.53
N SER A 568 -30.27 -29.24 -28.66
CA SER A 568 -31.34 -29.61 -29.57
C SER A 568 -30.89 -29.56 -31.03
N ASP A 569 -29.78 -28.88 -31.33
CA ASP A 569 -29.22 -28.86 -32.67
C ASP A 569 -28.32 -30.06 -32.92
N GLU A 570 -27.51 -30.45 -31.93
CA GLU A 570 -26.64 -31.60 -32.07
C GLU A 570 -27.40 -32.91 -32.01
N LEU A 571 -28.68 -32.88 -31.64
CA LEU A 571 -29.53 -34.06 -31.67
C LEU A 571 -30.42 -34.13 -32.91
N ASN A 572 -30.57 -33.01 -33.62
CA ASN A 572 -31.34 -32.90 -34.86
C ASN A 572 -32.84 -33.02 -34.63
N LEU A 573 -33.60 -31.98 -35.00
CA LEU A 573 -35.04 -31.97 -34.75
C LEU A 573 -35.78 -32.98 -35.60
N GLU A 574 -35.22 -33.40 -36.74
CA GLU A 574 -35.86 -34.44 -37.53
C GLU A 574 -35.98 -35.73 -36.75
N LEU A 575 -34.96 -36.06 -35.95
CA LEU A 575 -35.04 -37.22 -35.08
C LEU A 575 -36.03 -37.00 -33.94
N MET A 576 -36.05 -35.79 -33.37
CA MET A 576 -36.99 -35.50 -32.29
C MET A 576 -38.43 -35.59 -32.76
N HIS A 577 -38.67 -35.30 -34.05
CA HIS A 577 -40.03 -35.39 -34.58
C HIS A 577 -40.50 -36.83 -34.67
N LYS A 578 -39.69 -37.70 -35.27
CA LYS A 578 -40.08 -39.10 -35.42
C LYS A 578 -40.20 -39.82 -34.09
N ILE A 579 -39.49 -39.35 -33.05
CA ILE A 579 -39.66 -39.92 -31.72
C ILE A 579 -41.07 -39.64 -31.20
N ALA A 580 -41.56 -38.42 -31.42
CA ALA A 580 -42.93 -38.09 -31.01
C ALA A 580 -43.95 -38.86 -31.84
N VAL A 581 -43.67 -39.10 -33.11
CA VAL A 581 -44.57 -39.91 -33.94
C VAL A 581 -44.63 -41.33 -33.40
N ALA A 582 -43.51 -41.85 -32.90
CA ALA A 582 -43.50 -43.18 -32.32
C ALA A 582 -44.28 -43.22 -31.01
N THR A 583 -44.14 -42.18 -30.19
CA THR A 583 -44.92 -42.12 -28.95
C THR A 583 -46.41 -41.95 -29.26
N ARG A 584 -46.73 -41.19 -30.32
CA ARG A 584 -48.13 -41.02 -30.72
C ARG A 584 -48.71 -42.29 -31.33
N LYS A 585 -47.87 -43.19 -31.83
CA LYS A 585 -48.38 -44.44 -32.40
C LYS A 585 -48.68 -45.46 -31.31
N GLY A 586 -47.87 -45.50 -30.26
CA GLY A 586 -48.05 -46.44 -29.18
C GLY A 586 -49.10 -46.01 -28.17
N VAL A 587 -49.94 -45.04 -28.55
CA VAL A 587 -51.03 -44.57 -27.71
C VAL A 587 -52.34 -44.68 -28.50
N GLU A 588 -52.31 -44.24 -29.75
CA GLU A 588 -53.49 -44.34 -30.60
C GLU A 588 -53.75 -45.77 -31.07
N ASP A 589 -52.79 -46.69 -30.88
CA ASP A 589 -53.02 -48.10 -31.15
C ASP A 589 -53.56 -48.84 -29.95
N ALA A 590 -53.25 -48.39 -28.74
CA ALA A 590 -53.80 -48.99 -27.53
C ALA A 590 -55.26 -48.63 -27.31
N GLY A 591 -55.80 -47.71 -28.10
CA GLY A 591 -57.18 -47.29 -27.97
C GLY A 591 -57.40 -45.99 -27.21
N GLY A 592 -56.34 -45.24 -26.91
CA GLY A 592 -56.43 -44.02 -26.14
C GLY A 592 -56.23 -42.78 -26.97
N THR A 593 -56.04 -41.67 -26.26
CA THR A 593 -55.84 -40.36 -26.86
C THR A 593 -54.48 -39.82 -26.43
N TYR A 594 -53.71 -39.34 -27.39
CA TYR A 594 -52.35 -38.85 -27.13
C TYR A 594 -52.38 -37.42 -26.64
N GLN A 595 -51.71 -37.16 -25.52
CA GLN A 595 -51.57 -35.82 -24.98
C GLN A 595 -50.21 -35.27 -25.41
N PRO A 596 -50.15 -34.48 -26.48
CA PRO A 596 -48.84 -34.07 -27.01
C PRO A 596 -48.13 -33.07 -26.13
N HIS A 597 -46.80 -33.12 -26.16
CA HIS A 597 -46.00 -32.15 -25.43
C HIS A 597 -46.05 -30.80 -26.14
N PRO A 598 -46.10 -29.69 -25.41
CA PRO A 598 -46.12 -28.37 -26.06
C PRO A 598 -44.89 -28.10 -26.92
N ALA A 599 -43.80 -28.85 -26.72
CA ALA A 599 -42.60 -28.66 -27.52
C ALA A 599 -42.74 -29.19 -28.94
N GLU A 600 -43.67 -30.12 -29.18
CA GLU A 600 -43.82 -30.71 -30.50
C GLU A 600 -44.20 -29.66 -31.54
N ALA A 601 -45.00 -28.67 -31.14
CA ALA A 601 -45.36 -27.59 -32.06
C ALA A 601 -44.15 -26.75 -32.42
N VAL A 602 -43.20 -26.60 -31.50
CA VAL A 602 -42.00 -25.82 -31.80
C VAL A 602 -41.08 -26.60 -32.74
N VAL A 603 -41.03 -27.92 -32.59
CA VAL A 603 -40.20 -28.74 -33.48
C VAL A 603 -40.72 -28.66 -34.90
N GLU A 604 -42.03 -28.82 -35.08
CA GLU A 604 -42.63 -28.79 -36.41
C GLU A 604 -42.41 -27.45 -37.09
N LYS A 605 -42.48 -26.35 -36.32
CA LYS A 605 -42.27 -25.03 -36.90
C LYS A 605 -40.84 -24.88 -37.43
N MET A 606 -39.86 -25.36 -36.67
CA MET A 606 -38.48 -25.29 -37.14
C MET A 606 -38.23 -26.16 -38.35
N ILE A 607 -38.94 -27.30 -38.46
CA ILE A 607 -38.83 -28.13 -39.65
C ILE A 607 -39.48 -27.43 -40.84
N GLU A 608 -40.62 -26.78 -40.61
CA GLU A 608 -41.29 -26.05 -41.68
C GLU A 608 -40.40 -24.94 -42.24
N LEU A 609 -39.65 -24.27 -41.37
CA LEU A 609 -38.73 -23.21 -41.78
C LEU A 609 -37.40 -23.75 -42.28
N GLY A 610 -37.26 -25.06 -42.40
CA GLY A 610 -36.03 -25.63 -42.93
C GLY A 610 -34.83 -25.51 -42.03
N ARG A 611 -35.04 -25.52 -40.70
CA ARG A 611 -33.95 -25.42 -39.73
C ARG A 611 -34.08 -26.61 -38.78
N SER A 612 -33.52 -27.75 -39.18
CA SER A 612 -33.70 -28.99 -38.43
C SER A 612 -32.55 -29.28 -37.47
N GLY A 613 -31.45 -28.56 -37.54
CA GLY A 613 -30.39 -28.73 -36.58
C GLY A 613 -29.02 -28.46 -37.20
N ARG A 614 -27.99 -28.85 -36.44
CA ARG A 614 -26.61 -28.59 -36.87
C ARG A 614 -26.21 -29.47 -38.04
N LEU A 615 -26.72 -30.69 -38.09
CA LEU A 615 -26.34 -31.61 -39.16
C LEU A 615 -26.76 -31.09 -40.53
N LYS A 616 -27.86 -30.33 -40.59
CA LYS A 616 -28.36 -29.77 -41.84
C LYS A 616 -27.98 -28.31 -42.01
N GLY A 617 -27.03 -27.80 -41.22
CA GLY A 617 -26.49 -26.47 -41.42
C GLY A 617 -27.24 -25.35 -40.74
N ALA A 618 -28.44 -25.59 -40.20
CA ALA A 618 -29.21 -24.51 -39.59
C ALA A 618 -30.12 -25.09 -38.53
N GLY A 619 -30.04 -24.54 -37.31
CA GLY A 619 -30.93 -24.92 -36.23
C GLY A 619 -31.37 -23.68 -35.45
N PHE A 620 -31.39 -23.79 -34.12
CA PHE A 620 -31.60 -22.60 -33.31
C PHE A 620 -30.43 -21.64 -33.40
N TYR A 621 -29.25 -22.13 -33.78
CA TYR A 621 -28.07 -21.32 -34.02
C TYR A 621 -27.78 -21.26 -35.51
N GLU A 622 -26.96 -20.28 -35.90
CA GLU A 622 -26.41 -20.22 -37.24
C GLU A 622 -25.02 -20.83 -37.23
N TYR A 623 -24.66 -21.46 -38.35
CA TYR A 623 -23.40 -22.19 -38.44
C TYR A 623 -22.64 -21.77 -39.68
N ALA A 624 -21.34 -21.56 -39.51
CA ALA A 624 -20.45 -21.16 -40.59
C ALA A 624 -19.05 -21.66 -40.29
N ASP A 625 -18.42 -22.30 -41.27
CA ASP A 625 -17.08 -22.87 -41.12
C ASP A 625 -17.04 -23.92 -40.01
N GLY A 626 -18.10 -24.71 -39.91
CA GLY A 626 -18.20 -25.72 -38.85
C GLY A 626 -18.50 -25.25 -37.44
N LYS A 627 -17.84 -24.17 -37.00
CA LYS A 627 -18.09 -23.64 -35.67
C LYS A 627 -19.49 -23.05 -35.58
N ARG A 628 -20.03 -23.03 -34.37
CA ARG A 628 -21.36 -22.52 -34.10
C ARG A 628 -21.31 -21.02 -33.90
N SER A 629 -22.09 -20.29 -34.71
CA SER A 629 -22.18 -18.85 -34.57
C SER A 629 -23.26 -18.52 -33.54
N GLY A 630 -23.77 -17.29 -33.55
CA GLY A 630 -24.77 -16.89 -32.59
C GLY A 630 -26.14 -17.48 -32.87
N LEU A 631 -27.10 -17.08 -32.05
CA LEU A 631 -28.47 -17.51 -32.23
C LEU A 631 -29.06 -16.92 -33.51
N TRP A 632 -29.91 -17.69 -34.17
CA TRP A 632 -30.53 -17.27 -35.41
C TRP A 632 -31.36 -16.00 -35.18
N PRO A 633 -31.10 -14.91 -35.90
CA PRO A 633 -31.81 -13.66 -35.63
C PRO A 633 -33.32 -13.76 -35.79
N GLY A 634 -33.80 -14.57 -36.74
CA GLY A 634 -35.23 -14.73 -36.91
C GLY A 634 -35.93 -15.51 -35.83
N LEU A 635 -35.20 -15.96 -34.81
CA LEU A 635 -35.80 -16.78 -33.76
C LEU A 635 -36.79 -15.98 -32.92
N ARG A 636 -36.46 -14.72 -32.63
CA ARG A 636 -37.32 -13.91 -31.77
C ARG A 636 -38.62 -13.54 -32.48
N GLU A 637 -38.56 -13.25 -33.79
CA GLU A 637 -39.76 -12.90 -34.53
C GLU A 637 -40.69 -14.09 -34.71
N THR A 638 -40.13 -15.30 -34.74
CA THR A 638 -40.94 -16.50 -34.98
C THR A 638 -41.80 -16.84 -33.77
N PHE A 639 -41.25 -16.68 -32.56
CA PHE A 639 -41.93 -17.11 -31.35
C PHE A 639 -42.30 -15.96 -30.43
N LYS A 640 -42.19 -14.72 -30.90
CA LYS A 640 -42.52 -13.53 -30.10
C LYS A 640 -41.73 -13.53 -28.79
N SER A 641 -40.41 -13.64 -28.92
CA SER A 641 -39.55 -13.73 -27.74
C SER A 641 -39.60 -12.43 -26.95
N GLY A 642 -39.79 -12.56 -25.64
CA GLY A 642 -39.94 -11.42 -24.75
C GLY A 642 -41.34 -11.24 -24.19
N SER A 643 -42.35 -11.83 -24.85
CA SER A 643 -43.72 -11.70 -24.37
C SER A 643 -43.96 -12.46 -23.07
N SER A 644 -43.05 -13.36 -22.71
CA SER A 644 -43.12 -14.08 -21.44
C SER A 644 -41.76 -14.00 -20.78
N GLN A 645 -41.72 -13.47 -19.56
CA GLN A 645 -40.48 -13.25 -18.82
C GLN A 645 -40.61 -13.85 -17.42
N PRO A 646 -40.59 -15.17 -17.32
CA PRO A 646 -40.60 -15.80 -15.99
C PRO A 646 -39.27 -15.59 -15.31
N PRO A 647 -39.21 -15.70 -13.98
CA PRO A 647 -37.92 -15.60 -13.30
C PRO A 647 -36.99 -16.71 -13.73
N LEU A 648 -35.69 -16.40 -13.73
CA LEU A 648 -34.70 -17.36 -14.23
C LEU A 648 -34.75 -18.65 -13.43
N GLN A 649 -34.98 -18.56 -12.12
CA GLN A 649 -35.02 -19.76 -11.30
C GLN A 649 -36.20 -20.66 -11.68
N ASP A 650 -37.31 -20.08 -12.14
CA ASP A 650 -38.41 -20.90 -12.62
C ASP A 650 -38.01 -21.69 -13.86
N MET A 651 -37.24 -21.06 -14.76
CA MET A 651 -36.75 -21.78 -15.93
C MET A 651 -35.79 -22.90 -15.52
N ILE A 652 -34.84 -22.58 -14.62
CA ILE A 652 -33.89 -23.57 -14.15
C ILE A 652 -34.60 -24.73 -13.49
N ASP A 653 -35.56 -24.43 -12.61
CA ASP A 653 -36.28 -25.49 -11.91
C ASP A 653 -37.14 -26.32 -12.87
N ARG A 654 -37.70 -25.68 -13.90
CA ARG A 654 -38.53 -26.42 -14.84
C ARG A 654 -37.72 -27.48 -15.59
N MET A 655 -36.46 -27.16 -15.91
CA MET A 655 -35.62 -28.15 -16.59
C MET A 655 -35.12 -29.22 -15.64
N LEU A 656 -34.74 -28.83 -14.41
CA LEU A 656 -34.26 -29.82 -13.45
C LEU A 656 -35.38 -30.73 -12.99
N PHE A 657 -36.56 -30.18 -12.72
CA PHE A 657 -37.66 -31.00 -12.22
C PHE A 657 -38.22 -31.92 -13.29
N ALA A 658 -38.20 -31.51 -14.55
CA ALA A 658 -38.70 -32.37 -15.62
C ALA A 658 -37.93 -33.68 -15.69
N GLU A 659 -36.60 -33.60 -15.55
CA GLU A 659 -35.79 -34.82 -15.59
C GLU A 659 -35.92 -35.60 -14.29
N ALA A 660 -35.96 -34.92 -13.15
CA ALA A 660 -36.07 -35.63 -11.87
C ALA A 660 -37.39 -36.37 -11.76
N LEU A 661 -38.49 -35.74 -12.20
CA LEU A 661 -39.78 -36.43 -12.19
C LEU A 661 -39.77 -37.60 -13.17
N GLU A 662 -39.14 -37.43 -14.33
CA GLU A 662 -39.07 -38.52 -15.29
C GLU A 662 -38.19 -39.66 -14.80
N THR A 663 -37.17 -39.35 -13.99
CA THR A 663 -36.35 -40.40 -13.41
C THR A 663 -37.14 -41.20 -12.38
N GLN A 664 -37.98 -40.53 -11.59
CA GLN A 664 -38.81 -41.23 -10.63
C GLN A 664 -39.79 -42.18 -11.32
N LYS A 665 -40.31 -41.77 -12.48
CA LYS A 665 -41.19 -42.65 -13.25
C LYS A 665 -40.44 -43.89 -13.71
N CYS A 666 -39.17 -43.73 -14.11
CA CYS A 666 -38.38 -44.88 -14.53
C CYS A 666 -38.13 -45.83 -13.36
N LEU A 667 -37.91 -45.28 -12.16
CA LEU A 667 -37.75 -46.13 -10.99
C LEU A 667 -39.06 -46.83 -10.62
N ASP A 668 -40.20 -46.19 -10.90
CA ASP A 668 -41.48 -46.82 -10.63
C ASP A 668 -41.78 -47.91 -11.65
N GLU A 669 -41.60 -47.60 -12.94
CA GLU A 669 -41.93 -48.54 -14.01
C GLU A 669 -41.00 -49.75 -14.03
N GLY A 670 -39.96 -49.77 -13.23
CA GLY A 670 -39.01 -50.88 -13.25
C GLY A 670 -37.94 -50.77 -14.31
N VAL A 671 -37.82 -49.61 -14.98
CA VAL A 671 -36.79 -49.43 -15.98
C VAL A 671 -35.41 -49.45 -15.34
N LEU A 672 -35.29 -48.86 -14.15
CA LEU A 672 -34.06 -48.89 -13.37
C LEU A 672 -34.30 -49.64 -12.06
N THR A 673 -33.28 -50.36 -11.61
CA THR A 673 -33.41 -51.16 -10.40
C THR A 673 -32.93 -50.43 -9.15
N SER A 674 -31.91 -49.59 -9.27
CA SER A 674 -31.33 -48.91 -8.12
C SER A 674 -31.23 -47.42 -8.40
N THR A 675 -31.24 -46.62 -7.33
CA THR A 675 -31.02 -45.18 -7.48
C THR A 675 -29.57 -44.86 -7.83
N ALA A 676 -28.65 -45.80 -7.59
CA ALA A 676 -27.26 -45.58 -7.99
C ALA A 676 -27.15 -45.47 -9.51
N ASP A 677 -27.80 -46.38 -10.24
CA ASP A 677 -27.81 -46.29 -11.69
C ASP A 677 -28.54 -45.03 -12.17
N ALA A 678 -29.59 -44.63 -11.45
CA ALA A 678 -30.31 -43.42 -11.84
C ALA A 678 -29.44 -42.19 -11.68
N ASN A 679 -28.68 -42.10 -10.59
CA ASN A 679 -27.83 -40.94 -10.35
C ASN A 679 -26.65 -40.92 -11.32
N ILE A 680 -25.81 -41.96 -11.26
CA ILE A 680 -24.63 -42.00 -12.11
C ILE A 680 -25.02 -42.00 -13.58
N GLY A 681 -26.13 -42.68 -13.91
CA GLY A 681 -26.58 -42.68 -15.29
C GLY A 681 -26.94 -41.29 -15.79
N SER A 682 -27.64 -40.52 -14.97
CA SER A 682 -28.01 -39.17 -15.37
C SER A 682 -26.81 -38.24 -15.40
N ILE A 683 -25.83 -38.47 -14.52
CA ILE A 683 -24.67 -37.60 -14.47
C ILE A 683 -23.71 -37.90 -15.61
N MET A 684 -23.27 -39.16 -15.71
CA MET A 684 -22.27 -39.53 -16.72
C MET A 684 -22.88 -39.74 -18.09
N GLY A 685 -24.18 -39.96 -18.19
CA GLY A 685 -24.80 -40.23 -19.47
C GLY A 685 -25.31 -39.00 -20.19
N ILE A 686 -26.30 -38.33 -19.61
CA ILE A 686 -26.95 -37.20 -20.26
C ILE A 686 -26.46 -35.85 -19.74
N GLY A 687 -25.58 -35.84 -18.75
CA GLY A 687 -25.00 -34.61 -18.26
C GLY A 687 -25.79 -33.89 -17.19
N PHE A 688 -26.51 -34.62 -16.34
CA PHE A 688 -27.19 -33.99 -15.22
C PHE A 688 -26.14 -33.34 -14.32
N PRO A 689 -26.42 -32.16 -13.76
CA PRO A 689 -25.38 -31.40 -13.05
C PRO A 689 -24.82 -32.18 -11.87
N PRO A 690 -23.50 -32.19 -11.71
CA PRO A 690 -22.90 -32.97 -10.61
C PRO A 690 -23.27 -32.49 -9.22
N TRP A 691 -23.56 -31.19 -9.05
CA TRP A 691 -23.89 -30.68 -7.73
C TRP A 691 -25.17 -31.27 -7.18
N THR A 692 -26.01 -31.87 -8.03
CA THR A 692 -27.23 -32.51 -7.60
C THR A 692 -27.03 -33.95 -7.13
N GLY A 693 -25.91 -34.57 -7.49
CA GLY A 693 -25.72 -35.96 -7.14
C GLY A 693 -26.53 -36.94 -7.97
N GLY A 694 -27.25 -36.46 -8.98
CA GLY A 694 -28.05 -37.32 -9.82
C GLY A 694 -29.50 -36.89 -9.83
N SER A 695 -30.25 -37.33 -10.84
CA SER A 695 -31.65 -36.94 -10.96
C SER A 695 -32.53 -37.59 -9.90
N ALA A 696 -32.06 -38.68 -9.27
CA ALA A 696 -32.77 -39.27 -8.15
C ALA A 696 -32.37 -38.61 -6.83
N GLN A 697 -31.08 -38.37 -6.64
CA GLN A 697 -30.61 -37.65 -5.44
C GLN A 697 -31.18 -36.24 -5.40
N PHE A 698 -31.44 -35.65 -6.56
CA PHE A 698 -32.00 -34.30 -6.62
C PHE A 698 -33.33 -34.20 -5.87
N ILE A 699 -34.06 -35.31 -5.77
CA ILE A 699 -35.34 -35.30 -5.06
C ILE A 699 -35.13 -35.34 -3.56
N VAL A 700 -34.43 -36.37 -3.08
CA VAL A 700 -34.26 -36.56 -1.64
C VAL A 700 -33.36 -35.49 -1.03
N GLY A 701 -32.58 -34.78 -1.85
CA GLY A 701 -31.69 -33.77 -1.33
C GLY A 701 -31.95 -32.38 -1.88
N TYR A 702 -33.15 -32.16 -2.39
CA TYR A 702 -33.50 -30.84 -2.91
C TYR A 702 -33.39 -29.80 -1.82
N SER A 703 -32.85 -28.63 -2.19
CA SER A 703 -32.68 -27.53 -1.25
C SER A 703 -33.12 -26.25 -1.94
N GLY A 704 -34.28 -25.74 -1.58
CA GLY A 704 -34.80 -24.52 -2.13
C GLY A 704 -35.08 -23.50 -1.06
N PRO A 705 -35.71 -22.38 -1.44
CA PRO A 705 -36.01 -21.34 -0.43
C PRO A 705 -37.02 -21.79 0.60
N ALA A 706 -37.90 -22.73 0.27
CA ALA A 706 -38.92 -23.21 1.18
C ALA A 706 -38.67 -24.67 1.52
N GLY A 707 -37.65 -24.90 2.34
CA GLY A 707 -37.40 -26.21 2.92
C GLY A 707 -36.33 -26.99 2.17
N THR A 708 -36.13 -28.21 2.66
CA THR A 708 -35.12 -29.13 2.14
C THR A 708 -35.66 -30.54 2.18
N GLY A 709 -35.35 -31.33 1.15
CA GLY A 709 -35.69 -32.74 1.13
C GLY A 709 -36.88 -33.05 0.25
N LYS A 710 -37.31 -34.32 0.32
CA LYS A 710 -38.42 -34.79 -0.51
C LYS A 710 -39.67 -33.95 -0.29
N ALA A 711 -39.91 -33.53 0.95
CA ALA A 711 -41.08 -32.70 1.25
C ALA A 711 -41.00 -31.37 0.52
N ALA A 712 -39.82 -30.75 0.49
CA ALA A 712 -39.65 -29.49 -0.22
C ALA A 712 -39.65 -29.68 -1.73
N PHE A 713 -39.17 -30.82 -2.21
CA PHE A 713 -39.21 -31.11 -3.63
C PHE A 713 -40.65 -31.19 -4.12
N VAL A 714 -41.50 -31.91 -3.40
CA VAL A 714 -42.91 -32.02 -3.77
C VAL A 714 -43.58 -30.65 -3.74
N ALA A 715 -43.29 -29.85 -2.70
CA ALA A 715 -43.88 -28.53 -2.59
C ALA A 715 -43.50 -27.65 -3.77
N ARG A 716 -42.21 -27.67 -4.14
CA ARG A 716 -41.76 -26.89 -5.29
C ARG A 716 -42.31 -27.47 -6.59
N ALA A 717 -42.46 -28.79 -6.68
CA ALA A 717 -43.05 -29.39 -7.87
C ALA A 717 -44.50 -28.93 -8.05
N ARG A 718 -45.22 -28.79 -6.93
CA ARG A 718 -46.60 -28.30 -7.02
C ARG A 718 -46.66 -26.82 -7.37
N GLU A 719 -45.64 -26.05 -6.97
CA GLU A 719 -45.54 -24.67 -7.44
C GLU A 719 -45.43 -24.63 -8.96
N LEU A 720 -44.55 -25.46 -9.53
CA LEU A 720 -44.36 -25.47 -10.97
C LEU A 720 -45.61 -25.97 -11.70
N ALA A 721 -46.35 -26.91 -11.10
CA ALA A 721 -47.52 -27.47 -11.75
C ALA A 721 -48.66 -26.47 -11.80
N ALA A 722 -48.84 -25.69 -10.72
CA ALA A 722 -49.92 -24.71 -10.68
C ALA A 722 -49.70 -23.56 -11.64
N ALA A 723 -48.47 -23.38 -12.15
CA ALA A 723 -48.15 -22.25 -12.99
C ALA A 723 -47.66 -22.62 -14.39
N TYR A 724 -47.39 -23.90 -14.65
CA TYR A 724 -46.84 -24.28 -15.95
C TYR A 724 -47.45 -25.51 -16.59
N GLY A 725 -48.07 -26.41 -15.84
CA GLY A 725 -48.72 -27.56 -16.44
C GLY A 725 -48.74 -28.75 -15.50
N ASP A 726 -49.63 -29.70 -15.82
CA ASP A 726 -49.79 -30.89 -14.98
C ASP A 726 -48.59 -31.82 -15.03
N ARG A 727 -47.71 -31.68 -16.03
CA ARG A 727 -46.55 -32.56 -16.12
C ARG A 727 -45.61 -32.41 -14.93
N PHE A 728 -45.71 -31.32 -14.18
CA PHE A 728 -44.90 -31.12 -12.98
C PHE A 728 -45.56 -31.67 -11.73
N LEU A 729 -46.65 -32.41 -11.86
CA LEU A 729 -47.30 -33.01 -10.70
C LEU A 729 -46.52 -34.25 -10.26
N PRO A 730 -46.13 -34.34 -8.99
CA PRO A 730 -45.31 -35.47 -8.53
C PRO A 730 -46.11 -36.75 -8.51
N PRO A 731 -45.51 -37.87 -8.90
CA PRO A 731 -46.21 -39.16 -8.82
C PRO A 731 -46.51 -39.54 -7.38
N GLU A 732 -47.44 -40.48 -7.23
CA GLU A 732 -47.87 -40.92 -5.90
C GLU A 732 -46.73 -41.54 -5.10
N SER A 733 -45.68 -42.02 -5.77
CA SER A 733 -44.56 -42.66 -5.05
C SER A 733 -43.78 -41.66 -4.22
N LEU A 734 -43.73 -40.39 -4.64
CA LEU A 734 -43.11 -39.34 -3.85
C LEU A 734 -44.02 -38.76 -2.78
N LEU A 735 -45.33 -38.87 -2.95
CA LEU A 735 -46.28 -38.36 -1.97
C LEU A 735 -46.39 -39.32 -0.80
N SER A 736 -46.81 -38.77 0.35
CA SER A 736 -46.90 -39.54 1.59
C SER A 736 -47.86 -38.89 2.59
N SER B 3 14.28 21.56 -26.39
CA SER B 3 15.11 20.38 -26.19
C SER B 3 16.48 20.57 -26.83
N SER B 4 17.39 21.24 -26.12
CA SER B 4 18.68 21.60 -26.66
C SER B 4 19.76 21.42 -25.60
N HIS B 5 20.96 21.09 -26.06
CA HIS B 5 22.12 20.98 -25.19
C HIS B 5 22.78 22.32 -24.89
N HIS B 6 22.27 23.41 -25.48
CA HIS B 6 22.81 24.73 -25.27
C HIS B 6 21.83 25.58 -24.45
N HIS B 7 22.37 26.60 -23.79
CA HIS B 7 21.55 27.40 -22.88
C HIS B 7 20.56 28.28 -23.62
N HIS B 8 20.97 28.82 -24.77
CA HIS B 8 20.18 29.81 -25.49
C HIS B 8 19.82 29.27 -26.88
N HIS B 9 18.52 29.21 -27.15
CA HIS B 9 18.03 28.83 -28.47
C HIS B 9 18.12 29.94 -29.50
N HIS B 10 18.53 31.14 -29.08
CA HIS B 10 18.62 32.28 -29.99
C HIS B 10 20.02 32.88 -29.95
N MET B 17 30.34 32.30 -28.26
CA MET B 17 30.84 33.56 -27.73
C MET B 17 31.97 33.40 -26.70
N PRO B 18 31.87 32.45 -25.76
CA PRO B 18 33.00 32.17 -24.88
C PRO B 18 33.95 31.13 -25.47
N ASP B 19 35.15 31.09 -24.90
CA ASP B 19 36.19 30.20 -25.40
C ASP B 19 35.85 28.74 -25.11
N ASN B 20 36.33 27.86 -25.97
CA ASN B 20 36.05 26.44 -25.82
C ASN B 20 36.86 25.85 -24.67
N THR B 21 36.20 24.98 -23.90
CA THR B 21 36.79 24.38 -22.70
C THR B 21 37.26 22.95 -22.92
N ILE B 22 36.67 22.22 -23.87
CA ILE B 22 36.89 20.79 -24.02
C ILE B 22 37.65 20.53 -25.30
N GLN B 23 38.68 19.69 -25.21
CA GLN B 23 39.40 19.20 -26.38
C GLN B 23 38.83 17.86 -26.82
N TRP B 24 38.83 17.64 -28.12
CA TRP B 24 38.21 16.48 -28.74
C TRP B 24 39.27 15.61 -29.40
N ASP B 25 39.26 14.31 -29.07
CA ASP B 25 40.20 13.36 -29.67
C ASP B 25 39.49 12.01 -29.80
N LYS B 26 39.30 11.57 -31.04
CA LYS B 26 38.77 10.25 -31.34
C LYS B 26 39.90 9.39 -31.91
N ASP B 27 40.09 8.21 -31.33
CA ASP B 27 41.19 7.36 -31.75
C ASP B 27 40.73 6.38 -32.83
N ALA B 28 41.65 5.51 -33.27
CA ALA B 28 41.35 4.58 -34.36
C ALA B 28 40.27 3.59 -33.97
N ASP B 29 40.15 3.28 -32.67
CA ASP B 29 39.11 2.37 -32.20
C ASP B 29 37.76 3.04 -32.02
N GLY B 30 37.66 4.35 -32.29
CA GLY B 30 36.40 5.04 -32.09
C GLY B 30 36.14 5.48 -30.67
N ILE B 31 37.17 5.60 -29.84
CA ILE B 31 37.02 6.07 -28.47
C ILE B 31 37.30 7.56 -28.45
N VAL B 32 36.30 8.35 -28.05
CA VAL B 32 36.43 9.79 -27.98
C VAL B 32 36.91 10.17 -26.58
N THR B 33 37.93 11.03 -26.52
CA THR B 33 38.51 11.50 -25.27
C THR B 33 38.19 12.98 -25.11
N LEU B 34 37.25 13.30 -24.22
CA LEU B 34 36.89 14.68 -23.92
C LEU B 34 37.78 15.15 -22.77
N THR B 35 38.70 16.07 -23.09
CA THR B 35 39.67 16.59 -22.12
C THR B 35 39.27 18.01 -21.76
N MET B 36 38.79 18.20 -20.54
CA MET B 36 38.37 19.52 -20.08
C MET B 36 39.59 20.36 -19.70
N ASP B 37 39.69 21.55 -20.30
CA ASP B 37 40.86 22.41 -20.11
C ASP B 37 40.41 23.86 -20.32
N ASP B 38 39.80 24.43 -19.28
CA ASP B 38 39.33 25.82 -19.34
C ASP B 38 40.54 26.75 -19.43
N PRO B 39 40.68 27.52 -20.50
CA PRO B 39 41.88 28.37 -20.67
C PRO B 39 41.83 29.67 -19.89
N SER B 40 40.79 29.93 -19.09
CA SER B 40 40.68 31.16 -18.33
C SER B 40 40.92 30.96 -16.84
N GLY B 41 41.42 29.80 -16.44
CA GLY B 41 41.66 29.54 -15.02
C GLY B 41 42.47 28.27 -14.85
N SER B 42 42.85 28.02 -13.60
CA SER B 42 43.63 26.84 -13.27
C SER B 42 42.77 25.62 -12.95
N THR B 43 41.48 25.82 -12.73
CA THR B 43 40.56 24.73 -12.40
C THR B 43 39.37 24.77 -13.33
N ASN B 44 38.97 23.59 -13.83
CA ASN B 44 37.74 23.47 -14.58
C ASN B 44 36.55 23.81 -13.69
N VAL B 45 35.77 24.80 -14.11
CA VAL B 45 34.64 25.30 -13.34
C VAL B 45 33.39 25.24 -14.21
N MET B 46 32.25 24.92 -13.59
CA MET B 46 30.99 24.82 -14.31
C MET B 46 30.44 26.21 -14.56
N ASN B 47 31.04 26.89 -15.53
CA ASN B 47 30.68 28.24 -15.92
C ASN B 47 29.98 28.22 -17.28
N GLU B 48 29.73 29.41 -17.83
CA GLU B 48 29.07 29.51 -19.12
C GLU B 48 29.93 28.94 -20.25
N ALA B 49 31.26 29.01 -20.11
CA ALA B 49 32.13 28.45 -21.14
C ALA B 49 32.05 26.94 -21.16
N TYR B 50 32.02 26.30 -19.97
CA TYR B 50 31.91 24.84 -19.94
C TYR B 50 30.58 24.38 -20.51
N ILE B 51 29.48 25.04 -20.12
CA ILE B 51 28.16 24.63 -20.57
C ILE B 51 28.08 24.63 -22.09
N GLU B 52 28.64 25.67 -22.73
CA GLU B 52 28.63 25.73 -24.18
C GLU B 52 29.59 24.71 -24.77
N SER B 53 30.74 24.50 -24.14
CA SER B 53 31.72 23.55 -24.66
C SER B 53 31.18 22.12 -24.61
N MET B 54 30.66 21.71 -23.46
CA MET B 54 30.06 20.38 -23.37
C MET B 54 28.82 20.27 -24.24
N GLY B 55 28.15 21.40 -24.51
CA GLY B 55 27.03 21.38 -25.43
C GLY B 55 27.46 21.02 -26.85
N LYS B 56 28.55 21.64 -27.31
CA LYS B 56 29.09 21.31 -28.63
C LYS B 56 29.57 19.86 -28.67
N ALA B 57 30.27 19.43 -27.61
CA ALA B 57 30.83 18.08 -27.60
C ALA B 57 29.74 17.01 -27.59
N VAL B 58 28.70 17.21 -26.78
CA VAL B 58 27.62 16.22 -26.72
C VAL B 58 26.87 16.16 -28.04
N ASP B 59 26.66 17.31 -28.69
CA ASP B 59 26.08 17.30 -30.04
C ASP B 59 26.92 16.45 -30.99
N ARG B 60 28.24 16.56 -30.89
CA ARG B 60 29.12 15.81 -31.78
C ARG B 60 29.09 14.31 -31.47
N LEU B 61 28.97 13.96 -30.19
CA LEU B 61 28.85 12.55 -29.82
C LEU B 61 27.61 11.92 -30.45
N VAL B 62 26.54 12.70 -30.60
CA VAL B 62 25.32 12.17 -31.22
C VAL B 62 25.44 12.18 -32.73
N ALA B 63 26.06 13.23 -33.29
CA ALA B 63 26.20 13.33 -34.74
C ALA B 63 27.11 12.25 -35.29
N GLU B 64 28.14 11.85 -34.55
CA GLU B 64 29.08 10.84 -34.99
C GLU B 64 28.91 9.53 -34.23
N LYS B 65 27.67 9.21 -33.82
CA LYS B 65 27.43 8.03 -33.00
C LYS B 65 27.78 6.75 -33.73
N ASP B 66 27.67 6.74 -35.07
CA ASP B 66 27.95 5.53 -35.82
C ASP B 66 29.42 5.16 -35.81
N SER B 67 30.33 6.12 -35.58
CA SER B 67 31.75 5.88 -35.58
C SER B 67 32.38 6.03 -34.19
N ILE B 68 31.58 5.88 -33.13
CA ILE B 68 32.04 6.06 -31.77
C ILE B 68 31.65 4.83 -30.96
N THR B 69 32.62 4.27 -30.22
CA THR B 69 32.39 3.09 -29.40
C THR B 69 32.50 3.33 -27.90
N GLY B 70 33.14 4.42 -27.49
CA GLY B 70 33.28 4.73 -26.08
C GLY B 70 33.79 6.13 -25.88
N VAL B 71 33.56 6.65 -24.67
CA VAL B 71 33.92 8.02 -24.32
C VAL B 71 34.71 8.01 -23.02
N VAL B 72 35.77 8.80 -22.98
CA VAL B 72 36.58 9.00 -21.78
C VAL B 72 36.58 10.48 -21.44
N VAL B 73 36.24 10.81 -20.20
CA VAL B 73 36.20 12.19 -19.74
C VAL B 73 37.44 12.42 -18.88
N ALA B 74 38.36 13.26 -19.36
CA ALA B 74 39.62 13.52 -18.69
C ALA B 74 39.79 15.01 -18.47
N SER B 75 40.91 15.39 -17.85
CA SER B 75 41.20 16.77 -17.54
C SER B 75 42.69 17.03 -17.67
N ALA B 76 43.03 18.24 -18.14
CA ALA B 76 44.42 18.66 -18.27
C ALA B 76 44.91 19.49 -17.08
N LYS B 77 44.01 19.85 -16.16
CA LYS B 77 44.41 20.59 -14.97
C LYS B 77 44.98 19.63 -13.91
N LYS B 78 45.54 20.22 -12.86
CA LYS B 78 45.98 19.41 -11.73
C LYS B 78 44.79 18.75 -11.04
N THR B 79 43.64 19.42 -11.01
CA THR B 79 42.40 18.86 -10.52
C THR B 79 41.54 18.38 -11.69
N PHE B 80 40.65 17.45 -11.39
CA PHE B 80 39.72 16.97 -12.41
C PHE B 80 38.70 18.06 -12.77
N PHE B 81 37.90 18.46 -11.79
CA PHE B 81 36.84 19.45 -11.98
C PHE B 81 36.30 19.80 -10.61
N ALA B 82 36.39 21.07 -10.21
CA ALA B 82 36.01 21.47 -8.85
C ALA B 82 35.39 22.84 -8.88
N GLY B 83 34.07 22.90 -8.69
CA GLY B 83 33.41 24.17 -8.46
C GLY B 83 32.40 24.59 -9.50
N GLY B 84 31.40 25.36 -9.07
CA GLY B 84 30.53 26.08 -9.96
C GLY B 84 30.91 27.55 -10.05
N ASP B 85 30.11 28.29 -10.80
CA ASP B 85 30.34 29.73 -10.97
C ASP B 85 29.66 30.45 -9.81
N VAL B 86 30.38 30.56 -8.69
CA VAL B 86 29.82 31.21 -7.51
C VAL B 86 29.64 32.69 -7.76
N LYS B 87 30.48 33.30 -8.60
CA LYS B 87 30.30 34.71 -8.95
C LYS B 87 28.95 34.95 -9.59
N THR B 88 28.43 33.96 -10.34
CA THR B 88 27.13 34.06 -10.99
C THR B 88 25.99 33.64 -10.08
N MET B 89 26.19 32.58 -9.30
CA MET B 89 25.12 32.08 -8.44
C MET B 89 24.73 33.10 -7.38
N ILE B 90 25.70 33.86 -6.86
CA ILE B 90 25.41 34.80 -5.78
C ILE B 90 24.62 36.01 -6.27
N GLN B 91 24.60 36.25 -7.59
CA GLN B 91 23.85 37.36 -8.16
C GLN B 91 22.46 36.96 -8.64
N ALA B 92 22.07 35.70 -8.46
CA ALA B 92 20.77 35.22 -8.93
C ALA B 92 19.66 35.77 -8.05
N ARG B 93 18.88 36.71 -8.59
CA ARG B 93 17.76 37.27 -7.87
C ARG B 93 16.54 36.37 -8.00
N PRO B 94 15.56 36.52 -7.11
CA PRO B 94 14.32 35.73 -7.24
C PRO B 94 13.64 35.85 -8.59
N GLU B 95 13.73 37.01 -9.26
CA GLU B 95 13.18 37.12 -10.59
C GLU B 95 13.99 36.35 -11.63
N ASP B 96 15.19 35.89 -11.28
CA ASP B 96 16.03 35.10 -12.17
C ASP B 96 15.83 33.61 -12.01
N ALA B 97 14.82 33.18 -11.24
CA ALA B 97 14.60 31.75 -11.03
C ALA B 97 14.35 31.02 -12.34
N GLY B 98 13.75 31.70 -13.32
CA GLY B 98 13.56 31.08 -14.62
C GLY B 98 14.87 30.74 -15.31
N ASP B 99 15.86 31.63 -15.21
CA ASP B 99 17.15 31.38 -15.83
C ASP B 99 17.94 30.31 -15.07
N VAL B 100 17.85 30.31 -13.74
CA VAL B 100 18.55 29.31 -12.94
C VAL B 100 18.01 27.92 -13.24
N PHE B 101 16.69 27.79 -13.32
CA PHE B 101 16.08 26.51 -13.65
C PHE B 101 16.52 26.04 -15.04
N ASN B 102 16.44 26.92 -16.04
CA ASN B 102 16.82 26.53 -17.40
C ASN B 102 18.29 26.14 -17.48
N THR B 103 19.15 26.77 -16.69
CA THR B 103 20.58 26.49 -16.77
C THR B 103 20.89 25.08 -16.24
N VAL B 104 20.42 24.76 -15.04
CA VAL B 104 20.68 23.44 -14.49
C VAL B 104 19.94 22.37 -15.29
N GLU B 105 18.80 22.70 -15.88
CA GLU B 105 18.12 21.75 -16.76
C GLU B 105 18.94 21.48 -18.02
N THR B 106 19.65 22.50 -18.52
CA THR B 106 20.52 22.29 -19.68
C THR B 106 21.74 21.46 -19.30
N ILE B 107 22.35 21.76 -18.14
CA ILE B 107 23.50 20.99 -17.68
C ILE B 107 23.16 19.52 -17.58
N LYS B 108 22.05 19.20 -16.92
CA LYS B 108 21.65 17.80 -16.74
C LYS B 108 21.11 17.19 -18.02
N ARG B 109 20.62 17.99 -18.95
CA ARG B 109 20.24 17.46 -20.25
C ARG B 109 21.45 16.96 -21.01
N GLN B 110 22.59 17.66 -20.87
CA GLN B 110 23.83 17.19 -21.47
C GLN B 110 24.30 15.89 -20.82
N LEU B 111 24.31 15.85 -19.48
CA LEU B 111 24.81 14.67 -18.78
C LEU B 111 23.89 13.47 -19.00
N ARG B 112 22.58 13.69 -19.14
CA ARG B 112 21.68 12.57 -19.40
C ARG B 112 21.88 11.99 -20.78
N THR B 113 22.22 12.84 -21.76
CA THR B 113 22.56 12.34 -23.09
C THR B 113 23.84 11.51 -23.04
N LEU B 114 24.88 12.05 -22.40
CA LEU B 114 26.13 11.31 -22.25
C LEU B 114 25.92 10.00 -21.51
N GLU B 115 24.93 9.95 -20.62
CA GLU B 115 24.65 8.77 -19.81
C GLU B 115 23.87 7.70 -20.57
N THR B 116 23.10 8.09 -21.58
CA THR B 116 22.26 7.18 -22.36
C THR B 116 22.71 7.15 -23.81
N LEU B 117 24.02 7.16 -24.02
CA LEU B 117 24.58 7.19 -25.36
C LEU B 117 24.57 5.83 -26.05
N GLY B 118 24.31 4.75 -25.31
CA GLY B 118 24.41 3.41 -25.86
C GLY B 118 25.82 2.86 -25.91
N LYS B 119 26.76 3.49 -25.20
CA LYS B 119 28.16 3.08 -25.20
C LYS B 119 28.78 3.54 -23.90
N PRO B 120 29.77 2.82 -23.38
CA PRO B 120 30.28 3.14 -22.04
C PRO B 120 31.06 4.44 -22.02
N VAL B 121 30.84 5.22 -20.95
CA VAL B 121 31.54 6.46 -20.69
C VAL B 121 32.29 6.31 -19.38
N VAL B 122 33.58 6.62 -19.39
CA VAL B 122 34.45 6.44 -18.23
C VAL B 122 35.00 7.79 -17.82
N ALA B 123 35.02 8.04 -16.50
CA ALA B 123 35.61 9.24 -15.94
C ALA B 123 37.04 8.95 -15.52
N ALA B 124 37.98 9.74 -16.04
CA ALA B 124 39.39 9.62 -15.69
C ALA B 124 39.70 10.74 -14.70
N ILE B 125 39.44 10.46 -13.42
CA ILE B 125 39.56 11.46 -12.36
C ILE B 125 41.02 11.56 -11.94
N ASN B 126 41.68 12.64 -12.35
CA ASN B 126 43.11 12.85 -12.07
C ASN B 126 43.36 13.68 -10.82
N GLY B 127 42.33 14.29 -10.24
CA GLY B 127 42.51 15.12 -9.07
C GLY B 127 41.21 15.40 -8.36
N ALA B 128 41.10 16.59 -7.77
CA ALA B 128 39.90 16.95 -7.01
C ALA B 128 38.69 16.99 -7.92
N ALA B 129 37.68 16.19 -7.57
CA ALA B 129 36.40 16.14 -8.28
C ALA B 129 35.34 16.55 -7.26
N LEU B 130 35.06 17.85 -7.17
CA LEU B 130 34.20 18.41 -6.15
C LEU B 130 32.96 19.05 -6.77
N GLY B 131 31.81 18.78 -6.17
CA GLY B 131 30.57 19.39 -6.58
C GLY B 131 30.16 19.05 -8.00
N GLY B 132 30.15 20.05 -8.87
CA GLY B 132 29.82 19.81 -10.26
C GLY B 132 30.76 18.81 -10.92
N GLY B 133 32.01 18.78 -10.48
CA GLY B 133 32.95 17.83 -11.05
C GLY B 133 32.60 16.39 -10.75
N LEU B 134 32.21 16.10 -9.51
CA LEU B 134 31.75 14.75 -9.19
C LEU B 134 30.45 14.44 -9.90
N GLU B 135 29.58 15.45 -10.07
CA GLU B 135 28.35 15.25 -10.82
C GLU B 135 28.64 14.85 -12.26
N ILE B 136 29.73 15.34 -12.84
CA ILE B 136 30.14 14.90 -14.16
C ILE B 136 30.52 13.42 -14.12
N ALA B 137 31.35 13.05 -13.15
CA ALA B 137 31.80 11.66 -13.04
C ALA B 137 30.64 10.74 -12.70
N LEU B 138 29.69 11.20 -11.88
CA LEU B 138 28.54 10.38 -11.54
C LEU B 138 27.67 10.09 -12.76
N ALA B 139 27.78 10.91 -13.80
CA ALA B 139 27.07 10.66 -15.05
C ALA B 139 27.75 9.64 -15.94
N CYS B 140 28.96 9.22 -15.60
CA CYS B 140 29.67 8.19 -16.33
C CYS B 140 29.34 6.82 -15.77
N HIS B 141 29.57 5.79 -16.57
CA HIS B 141 29.25 4.42 -16.17
C HIS B 141 30.33 3.78 -15.34
N HIS B 142 31.54 4.35 -15.32
CA HIS B 142 32.66 3.80 -14.58
C HIS B 142 33.58 4.96 -14.19
N ARG B 143 34.08 4.92 -12.97
CA ARG B 143 34.91 6.00 -12.43
C ARG B 143 36.24 5.43 -11.95
N ILE B 144 37.33 5.88 -12.58
CA ILE B 144 38.68 5.51 -12.20
C ILE B 144 39.36 6.75 -11.63
N ALA B 145 39.93 6.62 -10.43
CA ALA B 145 40.55 7.73 -9.72
C ALA B 145 42.02 7.47 -9.51
N ALA B 146 42.83 8.53 -9.64
CA ALA B 146 44.25 8.47 -9.34
C ALA B 146 44.48 8.80 -7.88
N ASP B 147 45.19 7.91 -7.18
CA ASP B 147 45.43 8.06 -5.74
C ASP B 147 46.62 8.98 -5.51
N VAL B 148 46.38 10.27 -5.76
CA VAL B 148 47.40 11.30 -5.58
C VAL B 148 47.12 12.05 -4.29
N LYS B 149 48.14 12.74 -3.80
CA LYS B 149 47.99 13.56 -2.60
C LYS B 149 47.19 14.82 -2.94
N GLY B 150 46.32 15.21 -2.01
CA GLY B 150 45.50 16.39 -2.20
C GLY B 150 44.20 16.15 -2.95
N SER B 151 43.98 14.94 -3.45
CA SER B 151 42.77 14.64 -4.20
C SER B 151 41.60 14.40 -3.25
N GLN B 152 40.44 14.95 -3.61
CA GLN B 152 39.23 14.79 -2.83
C GLN B 152 38.04 14.63 -3.78
N LEU B 153 37.01 13.92 -3.30
CA LEU B 153 35.78 13.74 -4.05
C LEU B 153 34.61 13.94 -3.10
N GLY B 154 33.57 14.61 -3.58
CA GLY B 154 32.41 14.86 -2.76
C GLY B 154 31.52 15.91 -3.39
N LEU B 155 30.42 16.19 -2.68
CA LEU B 155 29.42 17.17 -3.11
C LEU B 155 29.27 18.23 -2.02
N PRO B 156 30.14 19.23 -2.00
CA PRO B 156 30.11 20.21 -0.90
C PRO B 156 29.12 21.35 -1.12
N GLU B 157 28.14 21.15 -2.01
CA GLU B 157 27.18 22.22 -2.30
C GLU B 157 26.44 22.68 -1.06
N VAL B 158 26.21 21.79 -0.10
CA VAL B 158 25.43 22.15 1.08
C VAL B 158 26.20 23.12 1.98
N THR B 159 27.53 23.09 1.92
CA THR B 159 28.33 24.00 2.74
C THR B 159 28.28 25.43 2.22
N LEU B 160 27.78 25.65 1.01
CA LEU B 160 27.55 26.98 0.47
C LEU B 160 26.07 27.32 0.41
N GLY B 161 25.24 26.63 1.19
CA GLY B 161 23.81 26.86 1.17
C GLY B 161 23.11 26.39 -0.08
N LEU B 162 23.76 25.56 -0.88
CA LEU B 162 23.20 25.06 -2.13
C LEU B 162 22.93 23.57 -2.00
N LEU B 163 22.53 22.94 -3.10
CA LEU B 163 22.40 21.50 -3.18
C LEU B 163 23.01 21.02 -4.49
N PRO B 164 23.48 19.77 -4.55
CA PRO B 164 24.00 19.24 -5.82
C PRO B 164 22.93 19.23 -6.89
N GLY B 165 22.95 20.24 -7.76
CA GLY B 165 21.92 20.44 -8.75
C GLY B 165 22.23 19.93 -10.14
N GLY B 166 23.43 19.41 -10.37
CA GLY B 166 23.76 18.84 -11.65
C GLY B 166 23.57 17.34 -11.69
N GLY B 167 22.55 16.86 -10.96
CA GLY B 167 22.25 15.45 -10.88
C GLY B 167 22.85 14.74 -9.68
N GLY B 168 23.57 15.45 -8.82
CA GLY B 168 24.21 14.78 -7.69
C GLY B 168 23.23 14.14 -6.74
N VAL B 169 22.15 14.86 -6.40
CA VAL B 169 21.15 14.30 -5.50
C VAL B 169 20.44 13.12 -6.15
N THR B 170 20.08 13.26 -7.43
CA THR B 170 19.30 12.21 -8.08
C THR B 170 20.11 10.94 -8.28
N ARG B 171 21.40 11.07 -8.57
CA ARG B 171 22.21 9.90 -8.87
C ARG B 171 22.72 9.21 -7.61
N THR B 172 23.11 9.99 -6.59
CA THR B 172 23.55 9.37 -5.34
C THR B 172 22.41 8.60 -4.68
N VAL B 173 21.18 9.07 -4.83
CA VAL B 173 20.04 8.35 -4.28
C VAL B 173 19.78 7.07 -5.08
N ARG B 174 19.92 7.14 -6.42
CA ARG B 174 19.76 5.94 -7.23
C ARG B 174 20.87 4.94 -6.97
N MET B 175 22.05 5.40 -6.57
CA MET B 175 23.17 4.49 -6.35
C MET B 175 23.13 3.88 -4.96
N PHE B 176 22.79 4.66 -3.94
CA PHE B 176 22.93 4.23 -2.55
C PHE B 176 21.61 4.19 -1.77
N GLY B 177 20.52 4.73 -2.33
CA GLY B 177 19.28 4.84 -1.59
C GLY B 177 19.19 6.15 -0.83
N ILE B 178 17.97 6.44 -0.37
CA ILE B 178 17.68 7.73 0.24
C ILE B 178 18.54 7.96 1.48
N GLN B 179 18.53 6.99 2.40
CA GLN B 179 19.17 7.21 3.70
C GLN B 179 20.69 7.26 3.58
N ASN B 180 21.28 6.33 2.82
CA ASN B 180 22.73 6.30 2.70
C ASN B 180 23.27 7.52 1.95
N ALA B 181 22.62 7.89 0.84
CA ALA B 181 23.08 9.02 0.06
C ALA B 181 23.00 10.32 0.86
N PHE B 182 21.90 10.50 1.60
CA PHE B 182 21.73 11.73 2.37
C PHE B 182 22.74 11.81 3.51
N VAL B 183 22.86 10.75 4.30
CA VAL B 183 23.68 10.83 5.51
C VAL B 183 25.16 10.86 5.15
N SER B 184 25.58 10.07 4.17
CA SER B 184 27.01 9.90 3.90
C SER B 184 27.58 10.93 2.93
N VAL B 185 26.79 11.41 1.97
CA VAL B 185 27.28 12.23 0.87
C VAL B 185 26.64 13.62 0.87
N LEU B 186 25.32 13.68 0.93
CA LEU B 186 24.61 14.90 0.56
C LEU B 186 24.46 15.90 1.70
N ALA B 187 24.08 15.43 2.90
CA ALA B 187 23.60 16.35 3.93
C ALA B 187 24.73 17.20 4.51
N GLN B 188 25.95 16.69 4.59
CA GLN B 188 27.06 17.44 5.16
C GLN B 188 28.14 17.79 4.15
N GLY B 189 27.99 17.37 2.90
CA GLY B 189 28.99 17.71 1.89
C GLY B 189 30.36 17.15 2.18
N THR B 190 30.42 15.94 2.74
CA THR B 190 31.69 15.36 3.16
C THR B 190 32.59 15.14 1.95
N ARG B 191 33.88 15.43 2.14
CA ARG B 191 34.90 15.21 1.13
C ARG B 191 35.63 13.92 1.43
N PHE B 192 35.79 13.07 0.42
CA PHE B 192 36.40 11.75 0.57
C PHE B 192 37.72 11.70 -0.17
N LYS B 193 38.72 11.08 0.45
CA LYS B 193 39.95 10.77 -0.26
C LYS B 193 39.70 9.64 -1.25
N PRO B 194 40.50 9.56 -2.32
CA PRO B 194 40.24 8.52 -3.35
C PRO B 194 40.09 7.11 -2.80
N ALA B 195 40.83 6.77 -1.75
CA ALA B 195 40.71 5.44 -1.16
C ALA B 195 39.33 5.26 -0.50
N LYS B 196 38.92 6.24 0.30
CA LYS B 196 37.61 6.15 0.95
C LYS B 196 36.47 6.31 -0.05
N ALA B 197 36.72 7.02 -1.17
CA ALA B 197 35.68 7.18 -2.18
C ALA B 197 35.34 5.86 -2.85
N LYS B 198 36.34 5.02 -3.10
CA LYS B 198 36.08 3.70 -3.66
C LYS B 198 35.37 2.80 -2.64
N GLU B 199 35.69 2.97 -1.35
CA GLU B 199 35.14 2.09 -0.34
C GLU B 199 33.63 2.25 -0.20
N ILE B 200 33.11 3.47 -0.41
CA ILE B 200 31.67 3.70 -0.29
C ILE B 200 30.93 3.56 -1.60
N GLY B 201 31.63 3.54 -2.74
CA GLY B 201 31.00 3.35 -4.02
C GLY B 201 31.01 4.55 -4.94
N LEU B 202 31.57 5.69 -4.50
CA LEU B 202 31.64 6.86 -5.38
C LEU B 202 32.64 6.66 -6.51
N VAL B 203 33.66 5.83 -6.28
CA VAL B 203 34.64 5.51 -7.31
C VAL B 203 34.74 3.99 -7.40
N ASP B 204 34.96 3.48 -8.60
CA ASP B 204 34.93 2.04 -8.84
C ASP B 204 36.30 1.37 -8.76
N GLU B 205 37.37 2.05 -9.17
CA GLU B 205 38.69 1.46 -9.09
C GLU B 205 39.74 2.58 -9.11
N LEU B 206 40.96 2.21 -8.73
CA LEU B 206 42.04 3.18 -8.56
C LEU B 206 43.26 2.78 -9.39
N VAL B 207 44.11 3.78 -9.67
CA VAL B 207 45.40 3.56 -10.30
C VAL B 207 46.43 4.42 -9.56
N ALA B 208 47.70 4.02 -9.68
CA ALA B 208 48.74 4.63 -8.86
C ALA B 208 49.08 6.04 -9.32
N THR B 209 49.19 6.25 -10.63
CA THR B 209 49.59 7.55 -11.17
C THR B 209 48.58 8.01 -12.21
N VAL B 210 48.60 9.32 -12.46
CA VAL B 210 47.67 9.91 -13.43
C VAL B 210 47.95 9.46 -14.85
N GLU B 211 49.16 8.99 -15.13
CA GLU B 211 49.51 8.58 -16.49
C GLU B 211 48.80 7.29 -16.90
N GLU B 212 48.35 6.48 -15.94
CA GLU B 212 47.66 5.24 -16.24
C GLU B 212 46.16 5.42 -16.44
N LEU B 213 45.62 6.61 -16.15
CA LEU B 213 44.18 6.81 -16.13
C LEU B 213 43.56 6.57 -17.50
N VAL B 214 43.98 7.34 -18.50
CA VAL B 214 43.41 7.21 -19.84
C VAL B 214 43.67 5.82 -20.43
N PRO B 215 44.87 5.23 -20.32
CA PRO B 215 45.02 3.85 -20.78
C PRO B 215 44.13 2.86 -20.04
N ALA B 216 43.96 3.02 -18.72
CA ALA B 216 43.07 2.15 -17.99
C ALA B 216 41.62 2.37 -18.37
N ALA B 217 41.25 3.61 -18.71
CA ALA B 217 39.87 3.89 -19.09
C ALA B 217 39.53 3.26 -20.43
N LYS B 218 40.39 3.45 -21.44
CA LYS B 218 40.16 2.82 -22.73
C LYS B 218 40.19 1.31 -22.63
N ALA B 219 41.02 0.76 -21.74
CA ALA B 219 41.06 -0.69 -21.55
C ALA B 219 39.76 -1.21 -20.95
N TRP B 220 39.21 -0.49 -19.97
CA TRP B 220 37.92 -0.89 -19.40
C TRP B 220 36.81 -0.82 -20.44
N ILE B 221 36.87 0.15 -21.35
CA ILE B 221 35.87 0.24 -22.40
C ILE B 221 35.96 -0.95 -23.34
N LYS B 222 37.19 -1.34 -23.71
CA LYS B 222 37.37 -2.50 -24.58
C LYS B 222 36.85 -3.77 -23.93
N GLU B 223 37.16 -3.97 -22.64
CA GLU B 223 36.71 -5.18 -21.95
C GLU B 223 35.21 -5.16 -21.71
N GLU B 224 34.64 -3.99 -21.43
CA GLU B 224 33.20 -3.90 -21.21
C GLU B 224 32.43 -4.22 -22.49
N LEU B 225 32.92 -3.75 -23.63
CA LEU B 225 32.24 -4.01 -24.90
C LEU B 225 32.25 -5.50 -25.25
N LYS B 226 33.23 -6.24 -24.75
CA LYS B 226 33.40 -7.66 -25.03
C LYS B 226 32.75 -8.56 -23.99
N ALA B 227 32.87 -8.22 -22.71
CA ALA B 227 32.32 -9.07 -21.67
C ALA B 227 30.84 -8.80 -21.41
N ASN B 228 30.43 -7.53 -21.41
CA ASN B 228 29.05 -7.13 -21.16
C ASN B 228 28.54 -6.38 -22.38
N PRO B 229 28.16 -7.09 -23.44
CA PRO B 229 27.78 -6.41 -24.69
C PRO B 229 26.43 -5.72 -24.63
N ASP B 230 25.48 -6.25 -23.87
CA ASP B 230 24.14 -5.67 -23.80
C ASP B 230 24.01 -4.62 -22.71
N GLY B 231 24.78 -4.73 -21.63
CA GLY B 231 24.73 -3.77 -20.55
C GLY B 231 25.71 -2.64 -20.66
N ALA B 232 26.49 -2.57 -21.73
CA ALA B 232 27.47 -1.51 -21.90
C ALA B 232 26.77 -0.16 -22.08
N GLY B 233 27.24 0.85 -21.34
CA GLY B 233 26.65 2.17 -21.44
C GLY B 233 25.26 2.27 -20.85
N VAL B 234 24.92 1.42 -19.89
CA VAL B 234 23.59 1.40 -19.28
C VAL B 234 23.77 1.44 -17.77
N GLN B 235 23.25 2.48 -17.13
CA GLN B 235 23.34 2.61 -15.69
C GLN B 235 22.36 1.65 -15.01
N PRO B 236 22.59 1.33 -13.73
CA PRO B 236 21.68 0.41 -13.04
C PRO B 236 20.23 0.84 -13.02
N TRP B 237 19.96 2.15 -12.94
CA TRP B 237 18.59 2.63 -12.88
C TRP B 237 17.91 2.69 -14.24
N ASP B 238 18.62 2.38 -15.31
CA ASP B 238 18.03 2.31 -16.65
C ASP B 238 17.84 0.88 -17.14
N LYS B 239 18.15 -0.12 -16.31
CA LYS B 239 17.85 -1.50 -16.63
C LYS B 239 16.47 -1.87 -16.08
N LYS B 240 15.80 -2.78 -16.77
CA LYS B 240 14.55 -3.33 -16.26
C LYS B 240 14.83 -4.13 -14.99
N GLY B 241 13.94 -3.99 -14.00
CA GLY B 241 14.13 -4.69 -12.75
C GLY B 241 15.06 -3.99 -11.77
N TYR B 242 15.30 -2.69 -11.96
CA TYR B 242 16.12 -1.95 -11.01
C TYR B 242 15.43 -1.86 -9.67
N LYS B 243 16.19 -2.09 -8.60
CA LYS B 243 15.70 -2.01 -7.24
C LYS B 243 16.56 -1.01 -6.47
N MET B 244 15.94 0.08 -6.03
CA MET B 244 16.69 1.10 -5.30
C MET B 244 17.14 0.56 -3.95
N PRO B 245 18.42 0.68 -3.59
CA PRO B 245 18.88 0.20 -2.29
C PRO B 245 18.11 0.85 -1.15
N GLY B 246 17.73 0.04 -0.17
CA GLY B 246 16.92 0.50 0.94
C GLY B 246 15.45 0.67 0.63
N GLY B 247 15.06 0.54 -0.63
CA GLY B 247 13.66 0.64 -1.01
C GLY B 247 13.26 2.05 -1.43
N THR B 248 12.10 2.13 -2.07
CA THR B 248 11.44 3.38 -2.41
C THR B 248 10.56 3.83 -1.25
N PRO B 249 10.15 5.10 -1.22
CA PRO B 249 9.31 5.58 -0.11
C PRO B 249 8.01 4.79 0.06
N SER B 250 7.55 4.10 -0.97
CA SER B 250 6.37 3.25 -0.87
C SER B 250 6.69 1.84 -0.38
N SER B 251 7.97 1.46 -0.32
CA SER B 251 8.33 0.16 0.21
C SER B 251 8.01 0.09 1.70
N PRO B 252 7.49 -1.04 2.19
CA PRO B 252 7.06 -1.10 3.60
C PRO B 252 8.20 -0.91 4.59
N GLY B 253 9.41 -1.39 4.27
CA GLY B 253 10.51 -1.24 5.20
C GLY B 253 10.92 0.20 5.42
N LEU B 254 10.94 1.00 4.34
CA LEU B 254 11.34 2.39 4.42
C LEU B 254 10.22 3.32 4.85
N ALA B 255 8.97 3.01 4.49
CA ALA B 255 7.84 3.87 4.83
C ALA B 255 7.60 3.93 6.34
N ALA B 256 8.23 3.07 7.13
CA ALA B 256 8.07 3.12 8.58
C ALA B 256 8.92 4.22 9.20
N ILE B 257 10.20 4.32 8.81
CA ILE B 257 11.11 5.29 9.39
C ILE B 257 11.20 6.58 8.58
N LEU B 258 10.57 6.65 7.42
CA LEU B 258 10.71 7.82 6.55
C LEU B 258 10.08 9.08 7.14
N PRO B 259 8.91 9.02 7.77
CA PRO B 259 8.37 10.24 8.40
C PRO B 259 9.18 10.73 9.60
N SER B 260 10.23 10.01 10.00
CA SER B 260 11.08 10.42 11.12
C SER B 260 12.40 11.04 10.66
N PHE B 261 12.65 11.12 9.35
CA PHE B 261 13.88 11.70 8.85
C PHE B 261 13.91 13.22 8.99
N PRO B 262 12.82 13.95 8.70
CA PRO B 262 12.84 15.40 8.98
C PRO B 262 13.01 15.74 10.44
N SER B 263 12.50 14.90 11.36
CA SER B 263 12.68 15.18 12.78
C SER B 263 14.11 14.92 13.22
N ASN B 264 14.77 13.91 12.64
CA ASN B 264 16.20 13.70 12.91
C ASN B 264 17.02 14.87 12.37
N LEU B 265 16.63 15.40 11.21
CA LEU B 265 17.34 16.54 10.62
C LEU B 265 17.14 17.80 11.44
N ARG B 266 15.94 17.99 11.99
CA ARG B 266 15.68 19.16 12.82
C ARG B 266 16.38 19.06 14.17
N LYS B 267 16.68 17.86 14.64
CA LYS B 267 17.43 17.70 15.88
C LYS B 267 18.91 17.99 15.67
N GLN B 268 19.48 17.55 14.55
CA GLN B 268 20.89 17.83 14.28
C GLN B 268 21.12 19.31 14.02
N LEU B 269 20.20 19.96 13.30
CA LEU B 269 20.26 21.40 13.11
C LEU B 269 19.77 22.19 14.32
N LYS B 270 19.19 21.50 15.30
CA LYS B 270 18.72 22.12 16.55
C LYS B 270 17.73 23.25 16.30
N GLY B 271 16.92 23.11 15.24
CA GLY B 271 15.93 24.11 14.91
C GLY B 271 16.46 25.34 14.20
N ALA B 272 17.71 25.32 13.76
CA ALA B 272 18.28 26.46 13.07
C ALA B 272 17.65 26.60 11.68
N PRO B 273 17.52 27.84 11.18
CA PRO B 273 16.89 28.08 9.88
C PRO B 273 17.86 27.94 8.70
N MET B 274 18.55 26.80 8.63
CA MET B 274 19.36 26.47 7.46
C MET B 274 18.51 25.65 6.51
N PRO B 275 18.11 26.19 5.37
CA PRO B 275 17.12 25.49 4.53
C PRO B 275 17.72 24.46 3.57
N ALA B 276 19.03 24.54 3.32
CA ALA B 276 19.64 23.65 2.33
C ALA B 276 19.47 22.17 2.65
N PRO B 277 19.75 21.68 3.87
CA PRO B 277 19.52 20.25 4.14
C PRO B 277 18.05 19.86 4.05
N ARG B 278 17.13 20.76 4.43
CA ARG B 278 15.71 20.48 4.26
C ARG B 278 15.38 20.21 2.80
N ALA B 279 15.95 21.02 1.89
CA ALA B 279 15.64 20.87 0.47
C ALA B 279 16.29 19.61 -0.11
N ILE B 280 17.52 19.30 0.32
CA ILE B 280 18.19 18.11 -0.18
C ILE B 280 17.39 16.86 0.18
N LEU B 281 16.95 16.77 1.44
CA LEU B 281 16.12 15.64 1.85
C LEU B 281 14.81 15.62 1.08
N ALA B 282 14.18 16.79 0.91
CA ALA B 282 12.94 16.85 0.13
C ALA B 282 13.17 16.39 -1.30
N ALA B 283 14.22 16.90 -1.94
CA ALA B 283 14.51 16.51 -3.32
C ALA B 283 14.83 15.02 -3.41
N ALA B 284 15.51 14.48 -2.39
CA ALA B 284 15.86 13.06 -2.41
C ALA B 284 14.60 12.19 -2.33
N VAL B 285 13.71 12.48 -1.39
CA VAL B 285 12.52 11.65 -1.20
C VAL B 285 11.56 11.82 -2.36
N GLU B 286 11.25 13.07 -2.72
CA GLU B 286 10.36 13.32 -3.85
C GLU B 286 10.90 12.72 -5.14
N GLY B 287 12.22 12.67 -5.29
CA GLY B 287 12.80 12.11 -6.49
C GLY B 287 12.71 10.60 -6.57
N ALA B 288 12.80 9.93 -5.42
CA ALA B 288 12.71 8.48 -5.39
C ALA B 288 11.29 7.97 -5.66
N GLN B 289 10.30 8.85 -5.65
CA GLN B 289 8.91 8.47 -5.91
C GLN B 289 8.55 8.48 -7.39
N VAL B 290 9.43 8.98 -8.26
CA VAL B 290 9.13 9.16 -9.67
C VAL B 290 10.28 8.57 -10.50
N ASP B 291 10.15 8.69 -11.82
CA ASP B 291 11.19 8.25 -12.73
C ASP B 291 12.40 9.19 -12.64
N PHE B 292 13.49 8.79 -13.31
CA PHE B 292 14.73 9.54 -13.22
C PHE B 292 14.60 10.94 -13.80
N ASP B 293 13.96 11.06 -14.97
CA ASP B 293 13.83 12.37 -15.61
C ASP B 293 13.00 13.32 -14.77
N THR B 294 11.85 12.84 -14.26
CA THR B 294 11.01 13.68 -13.41
C THR B 294 11.73 14.01 -12.10
N ALA B 295 12.50 13.05 -11.55
CA ALA B 295 13.25 13.32 -10.34
C ALA B 295 14.31 14.40 -10.56
N SER B 296 15.02 14.34 -11.68
CA SER B 296 16.03 15.34 -11.99
C SER B 296 15.41 16.73 -12.09
N ARG B 297 14.21 16.81 -12.68
CA ARG B 297 13.55 18.11 -12.81
C ARG B 297 13.13 18.66 -11.45
N ILE B 298 12.66 17.79 -10.56
CA ILE B 298 12.34 18.22 -9.19
C ILE B 298 13.57 18.77 -8.50
N GLU B 299 14.72 18.11 -8.70
CA GLU B 299 15.97 18.58 -8.12
C GLU B 299 16.33 19.98 -8.62
N SER B 300 15.99 20.29 -9.87
CA SER B 300 16.28 21.61 -10.41
C SER B 300 15.47 22.69 -9.71
N ARG B 301 14.20 22.40 -9.41
CA ARG B 301 13.34 23.40 -8.77
C ARG B 301 13.82 23.71 -7.36
N TYR B 302 14.27 22.69 -6.62
CA TYR B 302 14.81 22.93 -5.28
C TYR B 302 16.11 23.71 -5.34
N PHE B 303 16.95 23.42 -6.35
CA PHE B 303 18.19 24.17 -6.51
C PHE B 303 17.92 25.64 -6.76
N ALA B 304 17.01 25.94 -7.71
CA ALA B 304 16.63 27.32 -7.95
C ALA B 304 16.04 27.97 -6.71
N SER B 305 15.35 27.20 -5.87
CA SER B 305 14.81 27.73 -4.63
C SER B 305 15.93 28.18 -3.68
N LEU B 306 17.03 27.42 -3.64
CA LEU B 306 18.14 27.76 -2.75
C LEU B 306 18.96 28.92 -3.29
N VAL B 307 19.36 28.85 -4.56
CA VAL B 307 20.28 29.84 -5.12
C VAL B 307 19.68 31.24 -5.06
N THR B 308 18.40 31.36 -5.40
CA THR B 308 17.75 32.66 -5.33
C THR B 308 17.44 33.10 -3.91
N GLY B 309 17.60 32.21 -2.92
CA GLY B 309 17.35 32.57 -1.54
C GLY B 309 18.48 33.37 -0.92
N GLN B 310 18.24 33.84 0.30
CA GLN B 310 19.19 34.70 0.98
C GLN B 310 20.25 33.93 1.75
N VAL B 311 19.87 32.83 2.40
CA VAL B 311 20.84 32.06 3.17
C VAL B 311 21.97 31.56 2.28
N ALA B 312 21.64 31.10 1.07
CA ALA B 312 22.67 30.69 0.13
C ALA B 312 23.62 31.84 -0.18
N LYS B 313 23.10 33.06 -0.29
CA LYS B 313 23.95 34.21 -0.56
C LYS B 313 24.83 34.53 0.65
N ASN B 314 24.31 34.35 1.86
CA ASN B 314 25.12 34.54 3.05
C ASN B 314 26.26 33.52 3.09
N MET B 315 25.94 32.24 2.90
CA MET B 315 26.96 31.20 3.01
C MET B 315 27.93 31.24 1.84
N MET B 316 27.46 31.61 0.63
CA MET B 316 28.38 31.79 -0.48
C MET B 316 29.34 32.94 -0.21
N GLN B 317 28.85 34.02 0.39
CA GLN B 317 29.70 35.17 0.67
C GLN B 317 30.78 34.82 1.69
N ALA B 318 30.42 34.08 2.73
CA ALA B 318 31.36 33.80 3.81
C ALA B 318 32.29 32.64 3.48
N PHE B 319 31.71 31.50 3.11
CA PHE B 319 32.46 30.26 2.98
C PHE B 319 33.09 30.08 1.60
N PHE B 320 32.89 31.00 0.67
CA PHE B 320 33.61 30.97 -0.60
C PHE B 320 34.41 32.25 -0.80
N PHE B 321 33.76 33.41 -0.93
CA PHE B 321 34.49 34.63 -1.25
C PHE B 321 35.34 35.12 -0.08
N ASP B 322 34.71 35.28 1.10
CA ASP B 322 35.44 35.79 2.25
C ASP B 322 36.57 34.85 2.67
N LEU B 323 36.30 33.54 2.68
CA LEU B 323 37.31 32.58 3.10
C LEU B 323 38.48 32.54 2.12
N GLN B 324 38.19 32.64 0.81
CA GLN B 324 39.26 32.64 -0.17
C GLN B 324 40.10 33.91 -0.08
N ALA B 325 39.46 35.06 0.09
CA ALA B 325 40.20 36.31 0.23
C ALA B 325 41.14 36.27 1.43
N ILE B 326 40.71 35.60 2.50
CA ILE B 326 41.58 35.46 3.67
C ILE B 326 42.74 34.53 3.35
N ASN B 327 42.46 33.35 2.79
CA ASN B 327 43.51 32.41 2.44
C ASN B 327 44.45 32.95 1.37
N ALA B 328 44.03 33.96 0.62
CA ALA B 328 44.88 34.61 -0.37
C ALA B 328 45.63 35.80 0.20
N GLY B 329 45.83 35.85 1.51
CA GLY B 329 46.60 36.92 2.13
C GLY B 329 45.94 38.27 2.11
N GLY B 330 44.61 38.32 2.27
CA GLY B 330 43.92 39.60 2.24
C GLY B 330 44.34 40.52 3.37
N SER B 331 44.55 39.96 4.56
CA SER B 331 44.99 40.73 5.72
C SER B 331 46.49 40.61 5.97
N ARG B 332 47.23 39.92 5.10
CA ARG B 332 48.67 39.76 5.21
C ARG B 332 49.38 40.98 4.62
N PRO B 333 50.32 41.59 5.34
CA PRO B 333 50.98 42.78 4.82
C PRO B 333 51.71 42.51 3.51
N GLU B 334 51.68 43.50 2.62
CA GLU B 334 52.29 43.36 1.31
C GLU B 334 53.81 43.50 1.40
N GLY B 335 54.50 42.86 0.46
CA GLY B 335 55.93 42.98 0.30
C GLY B 335 56.74 42.01 1.12
N ILE B 336 56.22 41.54 2.25
CA ILE B 336 56.97 40.68 3.16
C ILE B 336 57.03 39.27 2.58
N GLY B 337 58.19 38.63 2.71
CA GLY B 337 58.40 37.29 2.22
C GLY B 337 58.19 36.23 3.29
N LYS B 338 58.59 35.01 2.95
CA LYS B 338 58.40 33.87 3.84
C LYS B 338 59.59 33.72 4.77
N THR B 339 59.32 33.20 5.97
CA THR B 339 60.34 32.93 6.97
C THR B 339 60.05 31.61 7.67
N PRO B 340 60.99 30.67 7.69
CA PRO B 340 60.71 29.35 8.25
C PRO B 340 60.58 29.39 9.77
N ILE B 341 60.09 28.28 10.31
CA ILE B 341 59.96 28.06 11.74
C ILE B 341 60.54 26.70 12.06
N LYS B 342 61.52 26.67 12.97
CA LYS B 342 62.25 25.43 13.27
C LYS B 342 61.95 24.86 14.66
N ARG B 343 61.71 25.71 15.66
CA ARG B 343 61.52 25.24 17.02
C ARG B 343 60.54 26.17 17.72
N ILE B 344 59.38 25.63 18.09
CA ILE B 344 58.32 26.40 18.74
C ILE B 344 58.41 26.19 20.24
N GLY B 345 58.44 27.29 21.00
CA GLY B 345 58.48 27.21 22.43
C GLY B 345 57.19 27.68 23.09
N VAL B 346 56.48 26.75 23.74
CA VAL B 346 55.20 27.04 24.36
C VAL B 346 55.43 27.22 25.86
N LEU B 347 55.03 28.38 26.37
CA LEU B 347 55.11 28.69 27.80
C LEU B 347 53.75 28.40 28.42
N GLY B 348 53.70 27.41 29.31
CA GLY B 348 52.46 27.04 29.96
C GLY B 348 51.83 25.79 29.37
N ALA B 349 51.53 24.81 30.21
CA ALA B 349 51.00 23.52 29.77
C ALA B 349 49.56 23.30 30.20
N GLY B 350 48.76 24.36 30.24
CA GLY B 350 47.34 24.21 30.48
C GLY B 350 46.65 23.57 29.30
N MET B 351 45.31 23.60 29.33
CA MET B 351 44.56 23.05 28.20
C MET B 351 44.84 23.83 26.92
N MET B 352 45.13 25.12 27.03
CA MET B 352 45.47 25.91 25.86
C MET B 352 46.86 25.54 25.34
N GLY B 353 47.88 25.66 26.21
CA GLY B 353 49.23 25.33 25.79
C GLY B 353 49.38 23.90 25.30
N ALA B 354 48.66 22.96 25.91
CA ALA B 354 48.71 21.58 25.44
C ALA B 354 48.13 21.45 24.04
N GLY B 355 47.00 22.11 23.79
CA GLY B 355 46.42 22.09 22.45
C GLY B 355 47.26 22.79 21.42
N ILE B 356 47.95 23.87 21.81
CA ILE B 356 48.86 24.55 20.89
C ILE B 356 50.01 23.63 20.53
N ALA B 357 50.58 22.94 21.52
CA ALA B 357 51.68 22.01 21.25
C ALA B 357 51.22 20.87 20.34
N TYR B 358 49.95 20.47 20.44
CA TYR B 358 49.47 19.36 19.62
C TYR B 358 49.32 19.79 18.17
N VAL B 359 48.59 20.89 17.92
CA VAL B 359 48.35 21.32 16.54
C VAL B 359 49.65 21.74 15.87
N SER B 360 50.64 22.17 16.65
CA SER B 360 51.94 22.53 16.08
C SER B 360 52.76 21.29 15.74
N ALA B 361 52.78 20.30 16.63
CA ALA B 361 53.51 19.06 16.35
C ALA B 361 52.84 18.25 15.26
N LYS B 362 51.50 18.33 15.16
CA LYS B 362 50.79 17.64 14.09
C LYS B 362 51.14 18.20 12.71
N ALA B 363 51.59 19.44 12.65
CA ALA B 363 52.00 20.06 11.40
C ALA B 363 53.46 19.81 11.06
N GLY B 364 54.22 19.16 11.95
CA GLY B 364 55.61 18.88 11.73
C GLY B 364 56.59 19.74 12.49
N TYR B 365 56.11 20.73 13.25
CA TYR B 365 56.99 21.62 13.99
C TYR B 365 57.51 20.95 15.25
N GLU B 366 58.76 21.27 15.61
CA GLU B 366 59.34 20.82 16.86
C GLU B 366 58.89 21.76 17.98
N VAL B 367 58.31 21.19 19.03
CA VAL B 367 57.71 21.96 20.10
C VAL B 367 58.43 21.66 21.41
N VAL B 368 58.79 22.72 22.13
CA VAL B 368 59.33 22.62 23.48
C VAL B 368 58.26 23.15 24.42
N LEU B 369 57.62 22.25 25.17
CA LEU B 369 56.50 22.57 26.04
C LEU B 369 57.02 22.78 27.46
N LYS B 370 56.93 24.02 27.95
CA LYS B 370 57.50 24.39 29.24
C LYS B 370 56.40 24.71 30.24
N ASP B 371 56.68 24.41 31.51
CA ASP B 371 55.81 24.80 32.62
C ASP B 371 56.68 25.02 33.85
N VAL B 372 56.04 25.34 34.97
CA VAL B 372 56.80 25.62 36.20
C VAL B 372 57.35 24.34 36.82
N SER B 373 56.78 23.19 36.49
CA SER B 373 57.26 21.92 37.02
C SER B 373 57.23 20.88 35.91
N LEU B 374 58.17 19.93 35.98
CA LEU B 374 58.21 18.87 34.98
C LEU B 374 56.95 18.00 35.05
N GLU B 375 56.38 17.82 36.24
CA GLU B 375 55.12 17.11 36.36
C GLU B 375 54.02 17.78 35.54
N ALA B 376 53.98 19.10 35.56
CA ALA B 376 52.93 19.83 34.83
C ALA B 376 53.15 19.75 33.33
N ALA B 377 54.40 19.94 32.88
CA ALA B 377 54.68 19.92 31.45
C ALA B 377 54.38 18.55 30.85
N ALA B 378 54.63 17.48 31.62
CA ALA B 378 54.36 16.14 31.11
C ALA B 378 52.87 15.88 30.97
N LYS B 379 52.07 16.41 31.89
CA LYS B 379 50.62 16.26 31.79
C LYS B 379 50.06 16.99 30.58
N GLY B 380 50.70 18.10 30.18
CA GLY B 380 50.27 18.78 28.97
C GLY B 380 50.52 17.96 27.72
N LYS B 381 51.63 17.22 27.69
CA LYS B 381 51.90 16.32 26.58
C LYS B 381 50.93 15.14 26.59
N GLY B 382 50.45 14.73 27.77
CA GLY B 382 49.45 13.68 27.83
C GLY B 382 48.17 14.04 27.13
N TYR B 383 47.87 15.33 27.03
CA TYR B 383 46.74 15.78 26.23
C TYR B 383 46.91 15.37 24.76
N SER B 384 48.14 15.42 24.26
CA SER B 384 48.43 14.98 22.89
C SER B 384 48.44 13.46 22.77
N GLU B 385 48.86 12.76 23.84
CA GLU B 385 48.86 11.31 23.79
C GLU B 385 47.44 10.75 23.80
N LYS B 386 46.55 11.36 24.60
CA LYS B 386 45.17 10.90 24.62
C LYS B 386 44.46 11.18 23.30
N LEU B 387 44.79 12.29 22.65
CA LEU B 387 44.22 12.57 21.34
C LEU B 387 44.74 11.62 20.28
N GLU B 388 46.05 11.30 20.35
CA GLU B 388 46.59 10.29 19.44
C GLU B 388 46.06 8.90 19.74
N ALA B 389 45.70 8.65 21.01
CA ALA B 389 45.12 7.36 21.37
C ALA B 389 43.75 7.17 20.73
N LYS B 390 42.86 8.16 20.91
CA LYS B 390 41.55 8.10 20.27
C LYS B 390 41.69 8.05 18.74
N ALA B 391 42.70 8.71 18.19
CA ALA B 391 42.92 8.71 16.76
C ALA B 391 43.44 7.37 16.26
N LEU B 392 44.11 6.60 17.12
CA LEU B 392 44.62 5.28 16.74
C LEU B 392 43.56 4.19 16.85
N GLU B 393 42.65 4.29 17.82
CA GLU B 393 41.62 3.28 17.97
C GLU B 393 40.56 3.42 16.88
N ARG B 394 40.40 4.61 16.33
CA ARG B 394 39.47 4.85 15.22
C ARG B 394 40.11 4.68 13.86
N GLY B 395 41.43 4.46 13.81
CA GLY B 395 42.09 4.15 12.56
C GLY B 395 42.30 5.32 11.62
N ARG B 396 42.42 6.53 12.14
CA ARG B 396 42.63 7.70 11.30
C ARG B 396 44.11 8.00 11.07
N THR B 397 44.99 7.55 11.95
CA THR B 397 46.43 7.73 11.80
C THR B 397 47.13 6.41 12.06
N THR B 398 48.36 6.30 11.57
CA THR B 398 49.16 5.11 11.75
C THR B 398 49.89 5.14 13.08
N GLN B 399 50.47 3.99 13.45
CA GLN B 399 51.28 3.94 14.66
C GLN B 399 52.61 4.65 14.47
N GLU B 400 53.09 4.73 13.23
CA GLU B 400 54.38 5.37 12.97
C GLU B 400 54.27 6.90 12.96
N ARG B 401 53.19 7.42 12.36
CA ARG B 401 52.97 8.86 12.37
C ARG B 401 52.55 9.37 13.76
N SER B 402 51.96 8.50 14.58
CA SER B 402 51.60 8.90 15.94
C SER B 402 52.82 8.96 16.84
N ASP B 403 53.78 8.05 16.65
CA ASP B 403 55.01 8.09 17.44
C ASP B 403 55.90 9.27 17.03
N ALA B 404 55.90 9.63 15.75
CA ALA B 404 56.70 10.76 15.31
C ALA B 404 56.08 12.09 15.74
N LEU B 405 54.76 12.15 15.84
CA LEU B 405 54.09 13.37 16.31
C LEU B 405 54.45 13.66 17.76
N LEU B 406 54.24 12.69 18.65
CA LEU B 406 54.55 12.88 20.06
C LEU B 406 56.03 13.11 20.29
N ALA B 407 56.89 12.57 19.42
CA ALA B 407 58.33 12.75 19.57
C ALA B 407 58.76 14.19 19.37
N ARG B 408 57.94 15.01 18.71
CA ARG B 408 58.28 16.42 18.50
C ARG B 408 57.90 17.31 19.67
N ILE B 409 57.13 16.80 20.64
CA ILE B 409 56.78 17.53 21.85
C ILE B 409 57.77 17.15 22.95
N THR B 410 58.56 18.12 23.41
CA THR B 410 59.55 17.87 24.46
C THR B 410 59.17 18.65 25.71
N PRO B 411 58.54 18.00 26.70
CA PRO B 411 58.21 18.71 27.94
C PRO B 411 59.46 19.01 28.76
N THR B 412 59.41 20.15 29.46
CA THR B 412 60.55 20.58 30.25
C THR B 412 60.08 21.59 31.29
N ALA B 413 60.97 21.90 32.23
CA ALA B 413 60.73 22.93 33.23
C ALA B 413 61.88 23.94 33.33
N ASP B 414 62.93 23.78 32.54
CA ASP B 414 64.08 24.67 32.58
C ASP B 414 63.98 25.67 31.43
N ALA B 415 64.24 26.94 31.74
CA ALA B 415 64.23 27.98 30.71
C ALA B 415 65.38 27.81 29.72
N ALA B 416 66.42 27.05 30.08
CA ALA B 416 67.52 26.82 29.17
C ALA B 416 67.14 25.97 27.97
N ASP B 417 66.10 25.13 28.10
CA ASP B 417 65.66 24.30 26.98
C ASP B 417 64.93 25.08 25.91
N PHE B 418 64.78 26.40 26.06
CA PHE B 418 64.26 27.27 25.01
C PHE B 418 65.36 27.75 24.06
N LYS B 419 66.55 27.17 24.13
CA LYS B 419 67.62 27.50 23.20
C LYS B 419 67.25 27.01 21.80
N GLY B 420 67.45 27.87 20.80
CA GLY B 420 67.12 27.54 19.44
C GLY B 420 65.68 27.74 19.06
N VAL B 421 64.87 28.34 19.93
CA VAL B 421 63.46 28.59 19.65
C VAL B 421 63.34 29.90 18.89
N ASP B 422 62.62 29.88 17.77
CA ASP B 422 62.40 31.06 16.95
C ASP B 422 60.93 31.41 16.80
N PHE B 423 60.08 30.90 17.71
CA PHE B 423 58.64 31.17 17.65
C PHE B 423 58.06 30.82 19.02
N VAL B 424 57.82 31.85 19.84
CA VAL B 424 57.36 31.68 21.21
C VAL B 424 55.86 31.94 21.26
N ILE B 425 55.12 31.06 21.94
CA ILE B 425 53.68 31.19 22.14
C ILE B 425 53.41 31.01 23.62
N GLU B 426 53.12 32.10 24.32
CA GLU B 426 52.84 32.05 25.75
C GLU B 426 51.36 31.82 25.99
N ALA B 427 51.04 30.86 26.86
CA ALA B 427 49.66 30.51 27.19
C ALA B 427 49.51 30.37 28.71
N VAL B 428 49.87 31.43 29.43
CA VAL B 428 49.80 31.42 30.89
C VAL B 428 48.52 32.11 31.34
N PHE B 429 48.37 32.27 32.65
CA PHE B 429 47.16 32.89 33.20
C PHE B 429 47.05 34.34 32.74
N GLU B 430 45.81 34.79 32.58
CA GLU B 430 45.55 36.14 32.12
C GLU B 430 45.91 37.17 33.18
N ASN B 431 47.14 37.68 33.13
CA ASN B 431 47.62 38.65 34.10
C ASN B 431 48.86 39.33 33.52
N GLN B 432 48.91 40.67 33.61
CA GLN B 432 49.94 41.41 32.89
C GLN B 432 51.32 41.19 33.49
N GLU B 433 51.47 41.38 34.80
CA GLU B 433 52.78 41.25 35.41
C GLU B 433 53.29 39.81 35.39
N LEU B 434 52.39 38.82 35.32
CA LEU B 434 52.84 37.44 35.17
C LEU B 434 53.43 37.22 33.79
N LYS B 435 52.76 37.70 32.74
CA LYS B 435 53.31 37.60 31.39
C LYS B 435 54.61 38.36 31.25
N HIS B 436 54.79 39.44 32.01
CA HIS B 436 56.04 40.18 31.95
C HIS B 436 57.20 39.38 32.52
N LYS B 437 56.96 38.65 33.62
CA LYS B 437 58.01 37.83 34.21
C LYS B 437 58.32 36.62 33.35
N VAL B 438 57.29 35.99 32.79
CA VAL B 438 57.51 34.78 32.00
C VAL B 438 58.33 35.09 30.75
N PHE B 439 58.04 36.22 30.09
CA PHE B 439 58.81 36.60 28.92
C PHE B 439 60.21 37.08 29.29
N GLY B 440 60.37 37.67 30.49
CA GLY B 440 61.66 38.22 30.86
C GLY B 440 62.74 37.18 31.04
N GLU B 441 62.36 35.95 31.42
CA GLU B 441 63.34 34.91 31.70
C GLU B 441 63.64 34.02 30.50
N ILE B 442 63.10 34.32 29.32
CA ILE B 442 63.33 33.48 28.14
C ILE B 442 63.62 34.33 26.92
N GLU B 443 63.41 35.65 27.01
CA GLU B 443 63.56 36.49 25.83
C GLU B 443 65.01 36.61 25.37
N ASP B 444 65.97 36.39 26.26
CA ASP B 444 67.39 36.40 25.88
C ASP B 444 67.94 35.01 25.63
N ILE B 445 67.12 33.97 25.83
CA ILE B 445 67.56 32.61 25.54
C ILE B 445 67.14 32.18 24.13
N VAL B 446 65.98 32.62 23.66
CA VAL B 446 65.49 32.29 22.32
C VAL B 446 66.34 33.00 21.28
N GLU B 447 66.16 32.62 20.01
CA GLU B 447 66.91 33.23 18.93
C GLU B 447 66.60 34.73 18.86
N PRO B 448 67.53 35.53 18.35
CA PRO B 448 67.28 36.99 18.29
C PRO B 448 66.20 37.39 17.30
N ASN B 449 65.80 36.50 16.38
CA ASN B 449 64.72 36.78 15.44
C ASN B 449 63.42 36.09 15.85
N ALA B 450 63.34 35.64 17.10
CA ALA B 450 62.20 34.84 17.53
C ALA B 450 60.94 35.68 17.67
N ILE B 451 59.82 35.11 17.24
CA ILE B 451 58.53 35.74 17.46
C ILE B 451 58.14 35.55 18.92
N LEU B 452 57.67 36.63 19.55
CA LEU B 452 57.25 36.61 20.95
C LEU B 452 55.74 36.75 20.97
N GLY B 453 55.04 35.62 20.99
CA GLY B 453 53.58 35.60 20.91
C GLY B 453 52.94 35.42 22.27
N SER B 454 51.76 36.02 22.43
CA SER B 454 51.00 35.97 23.68
C SER B 454 49.58 35.52 23.38
N ASN B 455 49.17 34.39 23.96
CA ASN B 455 47.80 33.90 23.84
C ASN B 455 46.94 34.56 24.92
N THR B 456 46.79 35.86 24.79
CA THR B 456 45.91 36.63 25.65
C THR B 456 44.62 36.96 24.91
N SER B 457 43.52 37.06 25.67
CA SER B 457 42.20 37.25 25.10
C SER B 457 41.62 38.64 25.33
N THR B 458 42.09 39.36 26.34
CA THR B 458 41.53 40.67 26.65
C THR B 458 42.60 41.74 26.87
N LEU B 459 43.72 41.40 27.49
CA LEU B 459 44.71 42.40 27.86
C LEU B 459 45.35 43.00 26.61
N PRO B 460 45.47 44.33 26.53
CA PRO B 460 46.01 44.96 25.32
C PRO B 460 47.44 44.52 25.05
N ILE B 461 47.74 44.31 23.76
CA ILE B 461 49.05 43.79 23.36
C ILE B 461 50.14 44.84 23.58
N THR B 462 49.82 46.12 23.40
CA THR B 462 50.83 47.17 23.58
C THR B 462 51.36 47.20 25.00
N GLY B 463 50.51 46.93 25.99
CA GLY B 463 50.97 46.89 27.36
C GLY B 463 51.85 45.69 27.66
N LEU B 464 51.49 44.53 27.10
CA LEU B 464 52.30 43.33 27.31
C LEU B 464 53.64 43.41 26.60
N ALA B 465 53.72 44.20 25.53
CA ALA B 465 54.96 44.31 24.75
C ALA B 465 56.04 45.12 25.46
N THR B 466 55.67 45.93 26.45
CA THR B 466 56.68 46.70 27.18
C THR B 466 57.60 45.81 28.00
N GLY B 467 57.16 44.60 28.35
CA GLY B 467 57.98 43.69 29.12
C GLY B 467 59.10 43.01 28.35
N VAL B 468 59.24 43.31 27.06
CA VAL B 468 60.33 42.79 26.25
C VAL B 468 61.03 43.95 25.56
N LYS B 469 62.26 43.71 25.13
CA LYS B 469 63.04 44.74 24.46
C LYS B 469 62.83 44.75 22.95
N ARG B 470 62.64 43.57 22.36
CA ARG B 470 62.32 43.47 20.93
C ARG B 470 60.81 43.53 20.76
N GLN B 471 60.27 44.73 20.97
CA GLN B 471 58.82 44.93 20.89
C GLN B 471 58.29 44.78 19.47
N GLU B 472 59.14 44.93 18.45
CA GLU B 472 58.69 44.77 17.07
C GLU B 472 58.34 43.33 16.76
N ASP B 473 58.83 42.37 17.55
CA ASP B 473 58.51 40.96 17.37
C ASP B 473 57.45 40.46 18.35
N PHE B 474 56.90 41.35 19.17
CA PHE B 474 55.84 40.98 20.10
C PHE B 474 54.49 41.13 19.42
N ILE B 475 53.62 40.13 19.61
CA ILE B 475 52.38 40.04 18.85
C ILE B 475 51.45 39.10 19.59
N GLY B 476 50.14 39.30 19.41
CA GLY B 476 49.14 38.46 20.05
C GLY B 476 48.70 37.34 19.14
N ILE B 477 48.78 36.11 19.65
CA ILE B 477 48.37 34.92 18.91
C ILE B 477 47.32 34.23 19.76
N HIS B 478 46.05 34.55 19.52
CA HIS B 478 44.95 34.11 20.36
C HIS B 478 44.31 32.85 19.77
N PHE B 479 44.34 31.76 20.53
CA PHE B 479 43.74 30.50 20.14
C PHE B 479 42.39 30.33 20.85
N PHE B 480 41.70 29.22 20.54
CA PHE B 480 40.39 28.94 21.10
C PHE B 480 40.32 27.48 21.50
N SER B 481 39.74 27.23 22.68
CA SER B 481 39.67 25.88 23.23
C SER B 481 38.42 25.16 22.69
N PRO B 482 38.54 23.87 22.33
CA PRO B 482 39.77 23.08 22.31
C PRO B 482 40.61 23.37 21.06
N VAL B 483 41.91 23.62 21.25
CA VAL B 483 42.76 24.05 20.15
C VAL B 483 42.79 23.01 19.03
N ASP B 484 42.64 21.73 19.38
CA ASP B 484 42.64 20.67 18.38
C ASP B 484 41.38 20.67 17.52
N LYS B 485 40.36 21.46 17.87
CA LYS B 485 39.11 21.47 17.13
C LYS B 485 38.57 22.87 16.82
N MET B 486 39.29 23.93 17.19
CA MET B 486 38.83 25.28 16.85
C MET B 486 39.66 25.83 15.70
N PRO B 487 39.02 26.28 14.61
CA PRO B 487 39.76 26.58 13.38
C PRO B 487 40.35 27.98 13.25
N LEU B 488 40.08 28.89 14.17
CA LEU B 488 40.53 30.26 14.02
C LEU B 488 41.73 30.57 14.92
N VAL B 489 42.58 31.48 14.45
CA VAL B 489 43.60 32.13 15.26
C VAL B 489 43.41 33.63 15.13
N GLU B 490 43.25 34.32 16.25
CA GLU B 490 43.09 35.77 16.26
C GLU B 490 44.46 36.40 16.47
N ILE B 491 44.98 37.05 15.44
CA ILE B 491 46.29 37.68 15.48
C ILE B 491 46.08 39.16 15.80
N ILE B 492 46.51 39.58 16.98
CA ILE B 492 46.32 40.95 17.44
C ILE B 492 47.61 41.73 17.22
N LYS B 493 47.49 42.91 16.62
CA LYS B 493 48.63 43.71 16.21
C LYS B 493 48.83 44.85 17.21
N GLY B 494 49.91 44.78 17.98
CA GLY B 494 50.25 45.86 18.88
C GLY B 494 50.78 47.07 18.13
N GLU B 495 51.00 48.15 18.88
CA GLU B 495 51.42 49.40 18.27
C GLU B 495 52.84 49.30 17.72
N LYS B 496 53.74 48.64 18.44
CA LYS B 496 55.11 48.46 17.99
C LYS B 496 55.31 47.21 17.14
N THR B 497 54.27 46.37 17.00
CA THR B 497 54.39 45.15 16.22
C THR B 497 54.64 45.48 14.75
N SER B 498 55.65 44.84 14.17
CA SER B 498 56.05 45.10 12.80
C SER B 498 55.23 44.23 11.84
N ASP B 499 55.27 44.62 10.56
CA ASP B 499 54.55 43.87 9.54
C ASP B 499 55.19 42.52 9.28
N GLU B 500 56.50 42.39 9.52
CA GLU B 500 57.16 41.11 9.31
C GLU B 500 56.68 40.09 10.34
N ALA B 501 56.62 40.48 11.62
CA ALA B 501 56.10 39.59 12.65
C ALA B 501 54.65 39.23 12.37
N LEU B 502 53.88 40.17 11.83
CA LEU B 502 52.49 39.90 11.49
C LEU B 502 52.39 38.82 10.41
N ALA B 503 53.24 38.92 9.37
CA ALA B 503 53.20 37.95 8.29
C ALA B 503 53.74 36.58 8.74
N ARG B 504 54.70 36.57 9.65
CA ARG B 504 55.24 35.29 10.12
C ARG B 504 54.22 34.53 10.95
N VAL B 505 53.44 35.24 11.76
CA VAL B 505 52.36 34.58 12.50
C VAL B 505 51.23 34.20 11.56
N PHE B 506 50.99 35.01 10.52
CA PHE B 506 50.00 34.67 9.51
C PHE B 506 50.36 33.35 8.83
N ASP B 507 51.61 33.23 8.37
CA ASP B 507 52.04 32.00 7.70
C ASP B 507 52.02 30.81 8.64
N TYR B 508 52.38 31.03 9.92
CA TYR B 508 52.28 29.95 10.90
C TYR B 508 50.85 29.44 11.02
N THR B 509 49.88 30.35 11.01
CA THR B 509 48.49 29.95 11.19
C THR B 509 48.02 29.05 10.05
N LEU B 510 48.39 29.39 8.81
CA LEU B 510 48.03 28.54 7.69
C LEU B 510 48.79 27.21 7.73
N ALA B 511 50.03 27.22 8.23
CA ALA B 511 50.83 26.00 8.26
C ALA B 511 50.23 24.94 9.19
N ILE B 512 49.60 25.38 10.29
CA ILE B 512 48.99 24.43 11.23
C ILE B 512 47.56 24.07 10.84
N GLY B 513 47.06 24.59 9.71
CA GLY B 513 45.73 24.24 9.27
C GLY B 513 44.61 25.05 9.88
N LYS B 514 44.86 26.33 10.17
CA LYS B 514 43.85 27.20 10.75
C LYS B 514 43.72 28.45 9.88
N THR B 515 42.70 29.26 10.20
CA THR B 515 42.40 30.46 9.45
C THR B 515 42.70 31.69 10.30
N PRO B 516 43.48 32.64 9.78
CA PRO B 516 43.83 33.83 10.58
C PRO B 516 42.98 35.04 10.26
N ILE B 517 42.81 35.92 11.25
CA ILE B 517 42.29 37.26 11.05
C ILE B 517 43.23 38.23 11.77
N VAL B 518 43.43 39.40 11.18
CA VAL B 518 44.31 40.41 11.74
C VAL B 518 43.46 41.45 12.46
N VAL B 519 43.83 41.74 13.71
CA VAL B 519 43.08 42.63 14.58
C VAL B 519 44.03 43.66 15.16
N ASN B 520 43.64 44.93 15.12
CA ASN B 520 44.42 45.97 15.76
C ASN B 520 44.17 45.98 17.26
N ASP B 521 45.16 46.48 18.01
CA ASP B 521 45.13 46.38 19.47
C ASP B 521 44.00 47.22 20.05
N SER B 522 43.16 46.57 20.87
CA SER B 522 42.04 47.20 21.55
C SER B 522 41.53 46.24 22.61
N ARG B 523 40.98 46.78 23.68
CA ARG B 523 40.47 45.95 24.77
C ARG B 523 39.37 45.03 24.27
N GLY B 524 39.44 43.76 24.69
CA GLY B 524 38.52 42.76 24.21
C GLY B 524 38.81 42.24 22.81
N PHE B 525 39.77 42.85 22.10
CA PHE B 525 40.13 42.48 20.73
C PHE B 525 38.84 42.48 19.90
N PHE B 526 38.52 41.40 19.20
CA PHE B 526 37.26 41.26 18.49
C PHE B 526 36.42 40.09 18.98
N THR B 527 37.04 38.94 19.23
CA THR B 527 36.27 37.76 19.61
C THR B 527 35.78 37.85 21.05
N SER B 528 36.67 38.21 21.99
CA SER B 528 36.27 38.32 23.39
C SER B 528 35.21 39.41 23.57
N ARG B 529 35.35 40.52 22.83
CA ARG B 529 34.41 41.62 22.95
C ARG B 529 33.04 41.26 22.41
N VAL B 530 32.98 40.59 21.25
CA VAL B 530 31.70 40.31 20.63
C VAL B 530 30.98 39.18 21.33
N ILE B 531 31.69 38.10 21.68
CA ILE B 531 31.05 37.00 22.39
C ILE B 531 30.60 37.43 23.78
N GLY B 532 31.21 38.47 24.34
CA GLY B 532 30.74 38.98 25.62
C GLY B 532 29.34 39.53 25.56
N THR B 533 29.02 40.26 24.50
CA THR B 533 27.67 40.79 24.33
C THR B 533 26.65 39.67 24.14
N PHE B 534 27.07 38.55 23.53
CA PHE B 534 26.19 37.41 23.39
C PHE B 534 25.86 36.80 24.74
N VAL B 535 26.89 36.54 25.55
CA VAL B 535 26.67 36.00 26.89
C VAL B 535 25.90 37.00 27.75
N ASN B 536 26.23 38.29 27.63
CA ASN B 536 25.58 39.31 28.46
C ASN B 536 24.09 39.39 28.18
N GLU B 537 23.67 39.17 26.93
CA GLU B 537 22.25 39.23 26.62
C GLU B 537 21.49 38.08 27.28
N ALA B 538 22.11 36.91 27.36
CA ALA B 538 21.45 35.78 28.01
C ALA B 538 21.32 36.00 29.51
N LEU B 539 22.42 36.41 30.16
CA LEU B 539 22.38 36.65 31.60
C LEU B 539 21.39 37.75 31.93
N ALA B 540 21.31 38.78 31.09
CA ALA B 540 20.31 39.83 31.29
C ALA B 540 18.90 39.26 31.26
N MET B 541 18.60 38.47 30.23
CA MET B 541 17.28 37.85 30.14
C MET B 541 16.99 36.95 31.33
N LEU B 542 18.02 36.32 31.90
CA LEU B 542 17.81 35.54 33.11
C LEU B 542 17.44 36.42 34.29
N GLY B 543 18.11 37.57 34.42
CA GLY B 543 17.76 38.51 35.47
C GLY B 543 16.38 39.12 35.25
N GLU B 544 16.02 39.36 33.99
CA GLU B 544 14.69 39.87 33.67
C GLU B 544 13.58 38.89 33.98
N GLY B 545 13.92 37.63 34.28
CA GLY B 545 12.93 36.65 34.67
C GLY B 545 12.52 35.66 33.60
N VAL B 546 13.32 35.49 32.55
CA VAL B 546 12.98 34.56 31.48
C VAL B 546 13.41 33.16 31.89
N GLU B 547 12.61 32.16 31.51
CA GLU B 547 12.92 30.77 31.84
C GLU B 547 14.30 30.39 31.33
N PRO B 548 15.14 29.76 32.14
CA PRO B 548 16.46 29.33 31.65
C PRO B 548 16.37 28.36 30.49
N ALA B 549 15.33 27.51 30.46
CA ALA B 549 15.16 26.60 29.33
C ALA B 549 14.89 27.36 28.04
N SER B 550 14.09 28.43 28.13
CA SER B 550 13.80 29.23 26.94
C SER B 550 15.05 29.94 26.44
N ILE B 551 15.92 30.38 27.34
CA ILE B 551 17.14 31.07 26.93
C ILE B 551 18.06 30.12 26.17
N GLU B 552 18.25 28.91 26.71
CA GLU B 552 19.11 27.94 26.04
C GLU B 552 18.51 27.49 24.72
N GLN B 553 17.18 27.34 24.67
CA GLN B 553 16.53 26.99 23.41
C GLN B 553 16.70 28.09 22.38
N ALA B 554 16.61 29.35 22.81
CA ALA B 554 16.81 30.46 21.89
C ALA B 554 18.22 30.45 21.31
N GLY B 555 19.21 30.07 22.12
CA GLY B 555 20.57 30.00 21.61
C GLY B 555 20.76 28.93 20.57
N SER B 556 20.24 27.73 20.83
CA SER B 556 20.38 26.63 19.88
C SER B 556 19.59 26.90 18.61
N GLN B 557 18.35 27.36 18.75
CA GLN B 557 17.52 27.64 17.58
C GLN B 557 18.02 28.82 16.78
N ALA B 558 18.80 29.72 17.39
CA ALA B 558 19.46 30.77 16.62
C ALA B 558 20.54 30.20 15.72
N GLY B 559 21.15 29.08 16.10
CA GLY B 559 22.15 28.45 15.28
C GLY B 559 23.52 28.35 15.92
N TYR B 560 23.61 28.72 17.20
CA TYR B 560 24.89 28.69 17.89
C TYR B 560 25.29 27.25 18.21
N PRO B 561 26.60 26.98 18.28
CA PRO B 561 27.02 25.60 18.60
C PRO B 561 26.73 25.22 20.04
N ALA B 562 26.86 26.16 20.98
CA ALA B 562 26.55 25.90 22.38
C ALA B 562 25.65 27.00 22.91
N PRO B 563 24.61 26.63 23.67
CA PRO B 563 23.71 27.65 24.23
C PRO B 563 24.46 28.56 25.19
N PRO B 564 23.94 29.76 25.45
CA PRO B 564 24.74 30.77 26.15
C PRO B 564 25.02 30.44 27.62
N LEU B 565 24.02 29.97 28.37
CA LEU B 565 24.27 29.65 29.78
C LEU B 565 25.25 28.51 29.93
N GLN B 566 25.16 27.50 29.06
CA GLN B 566 26.15 26.43 29.05
C GLN B 566 27.54 26.99 28.77
N LEU B 567 27.65 27.96 27.87
CA LEU B 567 28.94 28.54 27.54
C LEU B 567 29.49 29.35 28.70
N SER B 568 28.63 30.07 29.41
CA SER B 568 29.07 30.90 30.54
C SER B 568 29.74 30.05 31.61
N ASP B 569 29.17 28.87 31.90
CA ASP B 569 29.77 27.96 32.87
C ASP B 569 31.16 27.51 32.42
N GLU B 570 31.40 27.45 31.11
CA GLU B 570 32.71 27.07 30.58
C GLU B 570 33.68 28.23 30.51
N LEU B 571 33.18 29.47 30.42
CA LEU B 571 34.05 30.64 30.40
C LEU B 571 34.45 31.09 31.80
N ASN B 572 33.79 30.57 32.83
CA ASN B 572 34.01 30.87 34.24
C ASN B 572 33.46 32.26 34.60
N LEU B 573 32.46 32.29 35.51
CA LEU B 573 31.87 33.56 35.89
C LEU B 573 32.84 34.43 36.68
N GLU B 574 33.83 33.80 37.32
CA GLU B 574 34.87 34.57 38.02
C GLU B 574 35.65 35.42 37.02
N LEU B 575 36.17 34.80 35.96
CA LEU B 575 36.86 35.55 34.91
C LEU B 575 35.93 36.53 34.23
N MET B 576 34.64 36.20 34.13
CA MET B 576 33.68 37.10 33.50
C MET B 576 33.49 38.38 34.33
N HIS B 577 33.63 38.29 35.65
CA HIS B 577 33.54 39.48 36.48
C HIS B 577 34.78 40.35 36.36
N LYS B 578 35.95 39.72 36.15
CA LYS B 578 37.19 40.48 36.00
C LYS B 578 37.19 41.33 34.74
N ILE B 579 36.54 40.85 33.67
CA ILE B 579 36.40 41.66 32.46
C ILE B 579 35.50 42.86 32.74
N ALA B 580 34.54 42.70 33.65
CA ALA B 580 33.69 43.84 34.02
C ALA B 580 34.47 44.85 34.86
N VAL B 581 35.38 44.38 35.71
CA VAL B 581 36.20 45.28 36.50
C VAL B 581 37.21 46.00 35.62
N ALA B 582 37.72 45.31 34.59
CA ALA B 582 38.76 45.89 33.74
C ALA B 582 38.19 46.97 32.83
N THR B 583 37.13 46.64 32.09
CA THR B 583 36.51 47.62 31.19
C THR B 583 35.90 48.79 31.96
N ARG B 584 35.69 48.65 33.26
CA ARG B 584 35.18 49.75 34.07
C ARG B 584 36.19 50.90 34.13
N LYS B 585 37.47 50.57 34.36
CA LYS B 585 38.48 51.60 34.56
C LYS B 585 38.80 52.34 33.26
N GLY B 586 38.74 51.65 32.11
CA GLY B 586 39.13 52.28 30.86
C GLY B 586 38.21 53.41 30.45
N VAL B 587 36.89 53.21 30.57
CA VAL B 587 35.95 54.24 30.17
C VAL B 587 35.80 55.33 31.23
N GLU B 588 36.13 55.04 32.49
CA GLU B 588 36.06 56.08 33.52
C GLU B 588 37.06 57.20 33.26
N ASP B 589 38.14 56.91 32.54
CA ASP B 589 39.14 57.93 32.24
C ASP B 589 38.63 58.94 31.22
N ALA B 590 37.76 58.50 30.31
CA ALA B 590 37.22 59.42 29.30
C ALA B 590 36.12 60.30 29.88
N GLY B 591 35.00 59.69 30.26
CA GLY B 591 33.92 60.45 30.85
C GLY B 591 32.64 59.65 30.87
N GLY B 592 31.68 60.15 31.66
CA GLY B 592 30.36 59.58 31.76
C GLY B 592 30.35 58.19 32.35
N THR B 593 31.47 57.78 32.96
CA THR B 593 31.69 56.41 33.43
C THR B 593 31.22 55.42 32.37
N TYR B 594 30.68 54.29 32.81
CA TYR B 594 30.09 53.33 31.89
C TYR B 594 28.83 52.75 32.52
N GLN B 595 27.84 52.51 31.67
CA GLN B 595 26.57 51.96 32.13
C GLN B 595 26.74 50.46 32.37
N PRO B 596 26.72 50.01 33.62
CA PRO B 596 26.92 48.58 33.89
C PRO B 596 25.84 47.75 33.23
N HIS B 597 26.27 46.77 32.44
CA HIS B 597 25.32 45.89 31.77
C HIS B 597 24.45 45.18 32.81
N PRO B 598 23.16 45.00 32.54
CA PRO B 598 22.29 44.30 33.51
C PRO B 598 22.78 42.91 33.87
N ALA B 599 23.59 42.29 33.02
CA ALA B 599 24.12 40.96 33.29
C ALA B 599 25.07 40.93 34.48
N GLU B 600 25.64 42.08 34.86
CA GLU B 600 26.64 42.09 35.91
C GLU B 600 26.03 41.74 37.27
N ALA B 601 24.80 42.18 37.52
CA ALA B 601 24.13 41.78 38.76
C ALA B 601 23.84 40.29 38.78
N VAL B 602 23.68 39.67 37.60
CA VAL B 602 23.42 38.23 37.54
C VAL B 602 24.70 37.45 37.81
N VAL B 603 25.84 37.93 37.31
CA VAL B 603 27.10 37.25 37.56
C VAL B 603 27.44 37.28 39.04
N GLU B 604 27.23 38.43 39.69
CA GLU B 604 27.55 38.55 41.11
C GLU B 604 26.64 37.68 41.96
N LYS B 605 25.34 37.66 41.64
CA LYS B 605 24.40 36.83 42.40
C LYS B 605 24.76 35.35 42.31
N MET B 606 25.37 34.93 41.21
CA MET B 606 25.80 33.54 41.08
C MET B 606 27.09 33.28 41.85
N ILE B 607 28.01 34.24 41.86
CA ILE B 607 29.26 34.07 42.60
C ILE B 607 28.99 34.12 44.10
N GLU B 608 28.09 34.98 44.53
CA GLU B 608 27.73 35.06 45.95
C GLU B 608 27.16 33.73 46.44
N LEU B 609 26.43 33.03 45.58
CA LEU B 609 25.88 31.72 45.91
C LEU B 609 26.89 30.59 45.71
N GLY B 610 28.09 30.89 45.22
CA GLY B 610 29.11 29.88 45.08
C GLY B 610 29.00 29.02 43.84
N ARG B 611 28.42 29.54 42.76
CA ARG B 611 28.33 28.82 41.49
C ARG B 611 29.01 29.67 40.42
N SER B 612 30.27 29.34 40.12
CA SER B 612 31.07 30.13 39.20
C SER B 612 31.20 29.52 37.81
N GLY B 613 30.93 28.23 37.65
CA GLY B 613 30.97 27.61 36.35
C GLY B 613 31.34 26.14 36.47
N ARG B 614 31.59 25.53 35.31
CA ARG B 614 31.96 24.11 35.27
C ARG B 614 33.27 23.86 36.01
N LEU B 615 34.19 24.84 36.00
CA LEU B 615 35.47 24.65 36.69
C LEU B 615 35.28 24.43 38.18
N LYS B 616 34.40 25.20 38.81
CA LYS B 616 34.19 25.12 40.24
C LYS B 616 33.15 24.07 40.63
N GLY B 617 32.76 23.20 39.70
CA GLY B 617 31.83 22.13 40.00
C GLY B 617 30.36 22.50 39.92
N ALA B 618 30.02 23.79 39.88
CA ALA B 618 28.63 24.21 39.85
C ALA B 618 28.51 25.57 39.18
N GLY B 619 27.48 25.73 38.35
CA GLY B 619 27.19 26.99 37.70
C GLY B 619 25.71 27.10 37.44
N PHE B 620 25.35 27.55 36.22
CA PHE B 620 23.94 27.54 35.84
C PHE B 620 23.44 26.10 35.68
N TYR B 621 24.32 25.18 35.33
CA TYR B 621 24.02 23.76 35.29
C TYR B 621 24.65 23.06 36.48
N GLU B 622 24.04 21.96 36.90
CA GLU B 622 24.64 21.09 37.90
C GLU B 622 25.53 20.07 37.20
N TYR B 623 26.76 19.94 37.70
CA TYR B 623 27.77 19.07 37.11
C TYR B 623 28.07 17.94 38.07
N ALA B 624 27.80 16.71 37.62
CA ALA B 624 28.04 15.51 38.41
C ALA B 624 28.96 14.59 37.61
N ASP B 625 30.15 14.33 38.17
CA ASP B 625 31.15 13.45 37.54
C ASP B 625 31.63 14.03 36.22
N GLY B 626 31.76 15.35 36.16
CA GLY B 626 32.26 16.00 34.96
C GLY B 626 31.18 16.28 33.93
N LYS B 627 30.32 15.29 33.68
CA LYS B 627 29.26 15.47 32.71
C LYS B 627 28.18 16.40 33.24
N ARG B 628 27.72 17.30 32.37
CA ARG B 628 26.67 18.24 32.72
C ARG B 628 25.32 17.54 32.77
N SER B 629 24.57 17.80 33.85
CA SER B 629 23.30 17.09 34.10
C SER B 629 22.25 18.09 34.58
N GLY B 630 21.54 18.70 33.63
CA GLY B 630 20.38 19.51 33.93
C GLY B 630 20.67 20.86 34.56
N LEU B 631 19.74 21.80 34.37
CA LEU B 631 19.88 23.11 34.96
C LEU B 631 19.70 23.06 36.47
N TRP B 632 20.27 24.04 37.15
CA TRP B 632 20.16 24.14 38.60
C TRP B 632 18.70 24.34 38.98
N PRO B 633 18.12 23.45 39.80
CA PRO B 633 16.70 23.62 40.15
C PRO B 633 16.39 24.91 40.90
N GLY B 634 17.33 25.41 41.69
CA GLY B 634 17.12 26.69 42.36
C GLY B 634 17.24 27.90 41.48
N LEU B 635 17.53 27.72 40.20
CA LEU B 635 17.72 28.85 39.29
C LEU B 635 16.41 29.60 39.07
N ARG B 636 15.29 28.88 39.02
CA ARG B 636 14.01 29.54 38.76
C ARG B 636 13.57 30.39 39.96
N GLU B 637 13.83 29.92 41.18
CA GLU B 637 13.43 30.69 42.35
C GLU B 637 14.35 31.88 42.59
N THR B 638 15.61 31.77 42.18
CA THR B 638 16.57 32.85 42.42
C THR B 638 16.23 34.08 41.60
N PHE B 639 15.95 33.89 40.31
CA PHE B 639 15.71 35.00 39.39
C PHE B 639 14.24 35.14 39.01
N LYS B 640 13.35 34.44 39.69
CA LYS B 640 11.90 34.51 39.44
C LYS B 640 11.59 34.19 37.99
N SER B 641 12.06 33.02 37.56
CA SER B 641 11.88 32.59 36.18
C SER B 641 10.42 32.34 35.87
N GLY B 642 9.99 32.76 34.69
CA GLY B 642 8.62 32.63 34.25
C GLY B 642 7.83 33.92 34.27
N SER B 643 8.28 34.91 35.04
CA SER B 643 7.57 36.18 35.13
C SER B 643 7.68 37.01 33.85
N SER B 644 8.64 36.72 32.99
CA SER B 644 8.81 37.42 31.72
C SER B 644 8.85 36.38 30.61
N GLN B 645 7.89 36.44 29.70
CA GLN B 645 7.75 35.47 28.61
C GLN B 645 7.73 36.21 27.27
N PRO B 646 8.85 36.76 26.85
CA PRO B 646 8.91 37.41 25.54
C PRO B 646 8.87 36.38 24.42
N PRO B 647 8.61 36.79 23.19
CA PRO B 647 8.62 35.82 22.09
C PRO B 647 10.00 35.19 21.93
N LEU B 648 10.02 33.90 21.57
CA LEU B 648 11.28 33.22 21.35
C LEU B 648 12.11 33.92 20.27
N GLN B 649 11.44 34.48 19.26
CA GLN B 649 12.16 35.17 18.21
C GLN B 649 12.80 36.46 18.72
N ASP B 650 12.24 37.05 19.78
CA ASP B 650 12.87 38.22 20.38
C ASP B 650 14.11 37.84 21.17
N MET B 651 14.07 36.71 21.88
CA MET B 651 15.28 36.23 22.54
C MET B 651 16.38 35.92 21.52
N ILE B 652 16.01 35.32 20.39
CA ILE B 652 16.98 35.00 19.35
C ILE B 652 17.55 36.27 18.75
N ASP B 653 16.68 37.22 18.40
CA ASP B 653 17.16 38.45 17.76
C ASP B 653 18.00 39.28 18.71
N ARG B 654 17.70 39.26 20.01
CA ARG B 654 18.51 40.01 20.97
C ARG B 654 19.94 39.48 21.02
N MET B 655 20.12 38.18 20.87
CA MET B 655 21.47 37.61 20.90
C MET B 655 22.19 37.79 19.56
N LEU B 656 21.47 37.68 18.45
CA LEU B 656 22.10 37.88 17.15
C LEU B 656 22.42 39.35 16.89
N PHE B 657 21.50 40.25 17.24
CA PHE B 657 21.71 41.67 16.95
C PHE B 657 22.80 42.27 17.84
N ALA B 658 22.86 41.86 19.10
CA ALA B 658 23.90 42.38 19.98
C ALA B 658 25.29 42.11 19.43
N GLU B 659 25.52 40.90 18.91
CA GLU B 659 26.81 40.57 18.32
C GLU B 659 27.01 41.28 16.98
N ALA B 660 25.95 41.37 16.17
CA ALA B 660 26.07 42.04 14.89
C ALA B 660 26.36 43.52 15.07
N LEU B 661 25.64 44.18 15.99
CA LEU B 661 25.86 45.60 16.23
C LEU B 661 27.23 45.84 16.85
N GLU B 662 27.71 44.93 17.70
CA GLU B 662 29.04 45.07 18.26
C GLU B 662 30.11 44.87 17.20
N THR B 663 29.87 43.98 16.24
CA THR B 663 30.80 43.82 15.12
C THR B 663 30.92 45.09 14.31
N GLN B 664 29.79 45.77 14.08
CA GLN B 664 29.82 47.01 13.32
C GLN B 664 30.60 48.09 14.05
N LYS B 665 30.55 48.09 15.38
CA LYS B 665 31.36 49.04 16.14
C LYS B 665 32.85 48.75 15.95
N CYS B 666 33.23 47.47 15.94
CA CYS B 666 34.62 47.10 15.72
C CYS B 666 35.11 47.54 14.35
N LEU B 667 34.24 47.41 13.33
CA LEU B 667 34.62 47.86 12.00
C LEU B 667 34.75 49.38 11.93
N ASP B 668 33.96 50.11 12.73
CA ASP B 668 34.04 51.57 12.72
C ASP B 668 35.30 52.05 13.45
N GLU B 669 35.61 51.45 14.60
CA GLU B 669 36.77 51.86 15.38
C GLU B 669 38.10 51.47 14.72
N GLY B 670 38.08 50.63 13.70
CA GLY B 670 39.29 50.15 13.08
C GLY B 670 39.87 48.90 13.70
N VAL B 671 39.12 48.22 14.57
CA VAL B 671 39.62 46.97 15.17
C VAL B 671 39.80 45.92 14.09
N LEU B 672 38.87 45.85 13.13
CA LEU B 672 38.97 44.97 11.98
C LEU B 672 39.18 45.81 10.72
N THR B 673 39.87 45.23 9.74
CA THR B 673 40.17 45.93 8.51
C THR B 673 39.33 45.46 7.33
N SER B 674 38.49 44.45 7.50
CA SER B 674 37.67 43.94 6.42
C SER B 674 36.49 43.20 6.99
N THR B 675 35.39 43.16 6.22
CA THR B 675 34.22 42.39 6.63
C THR B 675 34.47 40.89 6.50
N ALA B 676 35.42 40.48 5.67
CA ALA B 676 35.79 39.07 5.60
C ALA B 676 36.35 38.57 6.93
N ASP B 677 37.25 39.35 7.53
CA ASP B 677 37.74 39.01 8.87
C ASP B 677 36.60 39.00 9.88
N ALA B 678 35.64 39.91 9.74
CA ALA B 678 34.52 39.97 10.67
C ALA B 678 33.64 38.73 10.55
N ASN B 679 33.30 38.33 9.33
CA ASN B 679 32.41 37.20 9.14
C ASN B 679 33.07 35.89 9.53
N ILE B 680 34.23 35.59 8.93
CA ILE B 680 34.94 34.36 9.25
C ILE B 680 35.38 34.36 10.71
N GLY B 681 35.74 35.52 11.25
CA GLY B 681 36.13 35.58 12.64
C GLY B 681 34.98 35.25 13.58
N SER B 682 33.79 35.77 13.28
CA SER B 682 32.63 35.49 14.14
C SER B 682 32.17 34.05 13.97
N ILE B 683 32.26 33.51 12.75
CA ILE B 683 31.82 32.14 12.51
C ILE B 683 32.82 31.15 13.11
N MET B 684 34.10 31.27 12.73
CA MET B 684 35.10 30.28 13.13
C MET B 684 35.67 30.54 14.51
N GLY B 685 35.50 31.73 15.06
CA GLY B 685 36.09 32.06 16.34
C GLY B 685 35.19 31.83 17.53
N ILE B 686 34.00 32.42 17.51
CA ILE B 686 33.08 32.37 18.64
C ILE B 686 31.82 31.58 18.34
N GLY B 687 31.63 31.14 17.10
CA GLY B 687 30.51 30.29 16.77
C GLY B 687 29.26 31.00 16.27
N PHE B 688 29.41 32.10 15.54
CA PHE B 688 28.25 32.73 14.96
C PHE B 688 27.63 31.79 13.91
N PRO B 689 26.31 31.71 13.85
CA PRO B 689 25.65 30.69 13.01
C PRO B 689 26.04 30.81 11.55
N PRO B 690 26.33 29.69 10.89
CA PRO B 690 26.80 29.77 9.49
C PRO B 690 25.73 30.25 8.51
N TRP B 691 24.45 30.04 8.80
CA TRP B 691 23.41 30.48 7.89
C TRP B 691 23.38 32.01 7.75
N THR B 692 23.94 32.73 8.70
CA THR B 692 23.98 34.18 8.63
C THR B 692 25.10 34.69 7.72
N GLY B 693 26.12 33.89 7.48
CA GLY B 693 27.28 34.35 6.73
C GLY B 693 28.25 35.19 7.52
N GLY B 694 28.09 35.27 8.83
CA GLY B 694 28.95 36.08 9.67
C GLY B 694 28.21 37.27 10.25
N SER B 695 28.73 37.76 11.38
CA SER B 695 28.07 38.85 12.10
C SER B 695 28.06 40.16 11.33
N ALA B 696 28.87 40.29 10.28
CA ALA B 696 28.79 41.45 9.41
C ALA B 696 27.86 41.22 8.23
N GLN B 697 27.88 40.01 7.65
CA GLN B 697 26.94 39.66 6.59
C GLN B 697 25.51 39.65 7.11
N PHE B 698 25.33 39.32 8.40
CA PHE B 698 23.99 39.26 8.99
C PHE B 698 23.23 40.57 8.81
N ILE B 699 23.95 41.70 8.82
CA ILE B 699 23.28 42.99 8.67
C ILE B 699 22.72 43.14 7.26
N VAL B 700 23.55 42.90 6.25
CA VAL B 700 23.12 43.06 4.87
C VAL B 700 22.26 41.91 4.37
N GLY B 701 22.14 40.84 5.15
CA GLY B 701 21.33 39.70 4.74
C GLY B 701 20.22 39.37 5.73
N TYR B 702 19.87 40.33 6.59
CA TYR B 702 18.80 40.11 7.54
C TYR B 702 17.48 39.88 6.82
N SER B 703 16.66 39.00 7.38
CA SER B 703 15.36 38.67 6.81
C SER B 703 14.36 38.42 7.93
N GLY B 704 13.17 39.00 7.79
CA GLY B 704 12.12 38.84 8.77
C GLY B 704 10.84 39.53 8.37
N PRO B 705 10.03 39.92 9.37
CA PRO B 705 8.78 40.62 9.04
C PRO B 705 9.00 42.00 8.43
N ALA B 706 10.06 42.70 8.83
CA ALA B 706 10.29 44.04 8.31
C ALA B 706 10.77 44.04 6.87
N GLY B 707 11.25 42.92 6.37
CA GLY B 707 11.75 42.84 5.00
C GLY B 707 13.09 42.14 4.91
N THR B 708 13.95 42.61 4.01
CA THR B 708 15.26 42.00 3.81
C THR B 708 16.26 43.08 3.45
N GLY B 709 17.43 43.05 4.09
CA GLY B 709 18.52 43.94 3.77
C GLY B 709 18.93 44.80 4.96
N LYS B 710 19.87 45.70 4.69
CA LYS B 710 20.37 46.59 5.73
C LYS B 710 19.26 47.46 6.30
N ALA B 711 18.29 47.85 5.46
CA ALA B 711 17.19 48.67 5.96
C ALA B 711 16.31 47.90 6.92
N ALA B 712 16.01 46.64 6.60
CA ALA B 712 15.20 45.82 7.50
C ALA B 712 15.93 45.54 8.82
N PHE B 713 17.27 45.43 8.76
CA PHE B 713 18.05 45.26 9.98
C PHE B 713 17.90 46.46 10.91
N VAL B 714 18.05 47.67 10.34
CA VAL B 714 17.91 48.88 11.13
C VAL B 714 16.52 48.97 11.74
N ALA B 715 15.50 48.61 10.97
CA ALA B 715 14.13 48.63 11.47
C ALA B 715 13.98 47.70 12.67
N ARG B 716 14.44 46.46 12.53
CA ARG B 716 14.33 45.50 13.62
C ARG B 716 15.16 45.92 14.83
N ALA B 717 16.35 46.48 14.58
CA ALA B 717 17.18 46.96 15.67
C ALA B 717 16.47 48.06 16.46
N ARG B 718 15.81 48.98 15.76
CA ARG B 718 15.05 50.03 16.44
C ARG B 718 13.85 49.46 17.17
N GLU B 719 13.22 48.42 16.60
CA GLU B 719 12.12 47.75 17.29
C GLU B 719 12.60 47.13 18.60
N LEU B 720 13.77 46.50 18.58
CA LEU B 720 14.36 45.95 19.80
C LEU B 720 14.73 47.05 20.78
N ALA B 721 15.23 48.18 20.26
CA ALA B 721 15.67 49.27 21.13
C ALA B 721 14.50 49.88 21.89
N ALA B 722 13.32 49.93 21.27
CA ALA B 722 12.14 50.46 21.96
C ALA B 722 11.72 49.53 23.10
N ALA B 723 11.95 48.23 22.95
CA ALA B 723 11.48 47.27 23.95
C ALA B 723 12.52 46.98 25.02
N TYR B 724 13.74 46.63 24.63
CA TYR B 724 14.71 46.06 25.55
C TYR B 724 15.86 46.99 25.90
N GLY B 725 15.92 48.19 25.32
CA GLY B 725 16.97 49.12 25.67
C GLY B 725 17.71 49.68 24.47
N ASP B 726 18.27 50.87 24.62
CA ASP B 726 18.89 51.58 23.49
C ASP B 726 20.26 51.04 23.11
N ARG B 727 20.74 49.97 23.75
CA ARG B 727 21.96 49.33 23.28
C ARG B 727 21.77 48.68 21.92
N PHE B 728 20.52 48.46 21.50
CA PHE B 728 20.22 47.91 20.19
C PHE B 728 20.03 48.97 19.12
N LEU B 729 20.24 50.24 19.44
CA LEU B 729 20.13 51.28 18.43
C LEU B 729 21.25 51.13 17.40
N PRO B 730 20.96 51.33 16.12
CA PRO B 730 21.97 51.08 15.08
C PRO B 730 22.93 52.25 14.96
N PRO B 731 24.20 51.97 14.66
CA PRO B 731 25.17 53.06 14.52
C PRO B 731 24.91 53.91 13.30
N GLU B 732 25.57 55.07 13.27
CA GLU B 732 25.41 55.99 12.15
C GLU B 732 25.87 55.36 10.84
N SER B 733 26.84 54.46 10.90
CA SER B 733 27.41 53.89 9.67
C SER B 733 26.41 53.00 8.94
N LEU B 734 25.47 52.38 9.67
CA LEU B 734 24.43 51.57 9.04
C LEU B 734 23.25 52.39 8.57
N LEU B 735 23.14 53.65 8.98
CA LEU B 735 22.02 54.49 8.57
C LEU B 735 22.32 55.14 7.23
N SER B 736 21.28 55.28 6.41
CA SER B 736 21.43 55.85 5.07
C SER B 736 20.12 56.47 4.60
N SER C 2 -33.68 22.58 11.55
CA SER C 2 -35.13 22.35 11.47
C SER C 2 -35.50 20.99 12.07
N GLU C 3 -35.32 19.94 11.28
CA GLU C 3 -35.54 18.59 11.77
C GLU C 3 -34.54 18.25 12.87
N GLU C 4 -34.99 17.50 13.87
CA GLU C 4 -34.13 17.03 14.93
C GLU C 4 -33.68 15.60 14.65
N ALA C 5 -32.43 15.31 14.98
CA ALA C 5 -31.83 14.00 14.72
C ALA C 5 -31.85 13.17 15.99
N PHE C 6 -32.31 11.93 15.87
CA PHE C 6 -32.44 11.02 16.99
C PHE C 6 -31.62 9.76 16.77
N ILE C 7 -31.23 9.13 17.86
CA ILE C 7 -30.52 7.85 17.84
C ILE C 7 -31.53 6.75 18.15
N TYR C 8 -31.68 5.81 17.23
CA TYR C 8 -32.64 4.72 17.42
C TYR C 8 -31.99 3.41 17.86
N GLU C 9 -30.70 3.22 17.58
CA GLU C 9 -30.00 2.00 17.99
C GLU C 9 -28.51 2.26 17.90
N ALA C 10 -27.76 1.63 18.81
CA ALA C 10 -26.31 1.78 18.84
C ALA C 10 -25.71 0.49 19.38
N ILE C 11 -25.04 -0.27 18.50
CA ILE C 11 -24.43 -1.54 18.87
C ILE C 11 -22.97 -1.53 18.43
N ARG C 12 -22.20 -2.46 19.02
CA ARG C 12 -20.79 -2.59 18.70
C ARG C 12 -20.36 -4.03 18.89
N THR C 13 -19.30 -4.41 18.19
CA THR C 13 -18.68 -5.71 18.40
C THR C 13 -17.82 -5.68 19.64
N PRO C 14 -17.47 -6.84 20.21
CA PRO C 14 -16.40 -6.88 21.18
C PRO C 14 -15.08 -6.49 20.53
N ARG C 15 -14.13 -6.09 21.35
CA ARG C 15 -12.84 -5.60 20.87
C ARG C 15 -11.78 -6.68 21.11
N GLY C 16 -11.30 -7.29 20.02
CA GLY C 16 -10.28 -8.32 20.10
C GLY C 16 -8.89 -7.72 20.08
N LYS C 17 -7.99 -8.31 20.88
CA LYS C 17 -6.68 -7.73 21.09
C LYS C 17 -5.81 -7.92 19.84
N GLN C 18 -4.61 -7.34 19.90
CA GLN C 18 -3.74 -7.30 18.73
C GLN C 18 -2.92 -8.57 18.59
N LYS C 19 -2.27 -9.00 19.67
CA LYS C 19 -1.46 -10.21 19.66
C LYS C 19 -2.33 -11.42 19.94
N ASN C 20 -2.34 -12.37 19.01
CA ASN C 20 -3.18 -13.57 19.11
C ASN C 20 -4.64 -13.20 19.35
N GLY C 21 -5.12 -12.20 18.62
CA GLY C 21 -6.48 -11.74 18.81
C GLY C 21 -7.49 -12.66 18.17
N SER C 22 -8.67 -12.72 18.79
CA SER C 22 -9.73 -13.56 18.27
C SER C 22 -10.26 -13.05 16.94
N LEU C 23 -10.26 -11.74 16.73
CA LEU C 23 -10.79 -11.14 15.51
C LEU C 23 -9.76 -11.02 14.40
N HIS C 24 -8.55 -11.54 14.59
CA HIS C 24 -7.50 -11.39 13.59
C HIS C 24 -7.85 -12.10 12.29
N GLU C 25 -8.61 -13.20 12.36
CA GLU C 25 -9.00 -13.96 11.19
C GLU C 25 -10.27 -13.43 10.54
N VAL C 26 -10.87 -12.38 11.09
CA VAL C 26 -12.14 -11.84 10.62
C VAL C 26 -11.87 -10.56 9.86
N LYS C 27 -12.26 -10.53 8.58
CA LYS C 27 -12.09 -9.34 7.77
C LYS C 27 -12.96 -8.20 8.32
N PRO C 28 -12.48 -6.96 8.25
CA PRO C 28 -13.27 -5.84 8.78
C PRO C 28 -14.64 -5.71 8.15
N LEU C 29 -14.78 -6.06 6.87
CA LEU C 29 -16.08 -6.06 6.23
C LEU C 29 -17.05 -6.99 6.94
N SER C 30 -16.56 -8.15 7.39
CA SER C 30 -17.42 -9.10 8.09
C SER C 30 -17.90 -8.53 9.41
N LEU C 31 -17.05 -7.77 10.11
CA LEU C 31 -17.45 -7.16 11.37
C LEU C 31 -18.63 -6.21 11.18
N VAL C 32 -18.58 -5.40 10.12
CA VAL C 32 -19.68 -4.47 9.84
C VAL C 32 -20.93 -5.24 9.45
N VAL C 33 -20.79 -6.21 8.54
CA VAL C 33 -21.95 -6.97 8.06
C VAL C 33 -22.63 -7.68 9.22
N GLY C 34 -21.84 -8.20 10.17
CA GLY C 34 -22.42 -8.87 11.32
C GLY C 34 -23.29 -7.95 12.16
N LEU C 35 -22.92 -6.67 12.24
CA LEU C 35 -23.74 -5.72 13.00
C LEU C 35 -24.99 -5.32 12.22
N ILE C 36 -24.88 -5.22 10.89
CA ILE C 36 -26.06 -4.97 10.07
C ILE C 36 -27.08 -6.09 10.24
N ASP C 37 -26.61 -7.34 10.28
CA ASP C 37 -27.51 -8.46 10.47
C ASP C 37 -28.16 -8.44 11.84
N GLU C 38 -27.45 -7.95 12.86
CA GLU C 38 -28.06 -7.84 14.18
C GLU C 38 -29.20 -6.83 14.18
N LEU C 39 -28.99 -5.68 13.53
CA LEU C 39 -30.07 -4.71 13.39
C LEU C 39 -31.29 -5.33 12.72
N ARG C 40 -31.06 -6.22 11.75
CA ARG C 40 -32.16 -6.89 11.07
C ARG C 40 -32.89 -7.84 12.03
N LYS C 41 -32.14 -8.50 12.93
CA LYS C 41 -32.78 -9.40 13.87
C LYS C 41 -33.60 -8.63 14.90
N ARG C 42 -33.19 -7.41 15.24
CA ARG C 42 -33.89 -6.63 16.24
C ARG C 42 -35.15 -5.98 15.67
N HIS C 43 -35.09 -5.54 14.42
CA HIS C 43 -36.22 -4.85 13.78
C HIS C 43 -36.35 -5.36 12.35
N PRO C 44 -36.93 -6.56 12.18
CA PRO C 44 -36.97 -7.17 10.84
C PRO C 44 -37.95 -6.49 9.89
N ASP C 45 -38.99 -5.83 10.40
CA ASP C 45 -40.00 -5.21 9.55
C ASP C 45 -39.63 -3.79 9.13
N LEU C 46 -38.38 -3.38 9.35
CA LEU C 46 -37.96 -2.05 8.93
C LEU C 46 -37.78 -1.99 7.43
N ASP C 47 -38.34 -0.95 6.81
CA ASP C 47 -38.18 -0.74 5.37
C ASP C 47 -36.77 -0.24 5.12
N GLU C 48 -35.90 -1.14 4.64
CA GLU C 48 -34.51 -0.77 4.40
C GLU C 48 -34.36 0.25 3.27
N ASN C 49 -35.37 0.35 2.39
CA ASN C 49 -35.33 1.35 1.33
C ASN C 49 -35.37 2.77 1.89
N LEU C 50 -35.89 2.96 3.10
CA LEU C 50 -35.88 4.27 3.74
C LEU C 50 -34.52 4.65 4.29
N ILE C 51 -33.55 3.74 4.26
CA ILE C 51 -32.18 4.05 4.64
C ILE C 51 -31.50 4.70 3.44
N SER C 52 -31.18 5.99 3.57
CA SER C 52 -30.69 6.77 2.43
C SER C 52 -29.17 6.86 2.35
N ASP C 53 -28.45 6.50 3.40
CA ASP C 53 -26.99 6.53 3.33
C ASP C 53 -26.40 5.68 4.45
N VAL C 54 -25.14 5.30 4.26
CA VAL C 54 -24.35 4.57 5.25
C VAL C 54 -22.99 5.24 5.33
N ILE C 55 -22.64 5.75 6.51
CA ILE C 55 -21.43 6.53 6.70
C ILE C 55 -20.56 5.82 7.73
N LEU C 56 -19.37 5.39 7.31
CA LEU C 56 -18.45 4.64 8.17
C LEU C 56 -17.13 5.38 8.28
N GLY C 57 -16.61 5.47 9.50
CA GLY C 57 -15.30 6.01 9.74
C GLY C 57 -14.24 4.93 9.66
N CYS C 58 -13.12 5.25 9.01
CA CYS C 58 -12.02 4.31 8.86
C CYS C 58 -10.73 5.11 8.69
N VAL C 59 -9.78 4.91 9.61
CA VAL C 59 -8.57 5.73 9.62
C VAL C 59 -7.54 5.21 8.63
N SER C 60 -7.49 3.89 8.39
CA SER C 60 -6.53 3.28 7.47
C SER C 60 -7.31 2.59 6.34
N PRO C 61 -7.88 3.35 5.41
CA PRO C 61 -8.70 2.75 4.34
C PRO C 61 -7.85 2.16 3.22
N VAL C 62 -7.08 1.13 3.55
CA VAL C 62 -6.26 0.40 2.59
C VAL C 62 -6.48 -1.10 2.79
N GLY C 63 -6.16 -1.86 1.76
CA GLY C 63 -6.28 -3.30 1.84
C GLY C 63 -7.70 -3.74 2.11
N ASP C 64 -7.89 -4.53 3.17
CA ASP C 64 -9.21 -5.00 3.55
C ASP C 64 -10.17 -3.88 3.92
N GLN C 65 -9.66 -2.65 4.10
CA GLN C 65 -10.50 -1.51 4.47
C GLN C 65 -10.53 -0.44 3.39
N GLY C 66 -9.99 -0.72 2.20
CA GLY C 66 -10.01 0.23 1.10
C GLY C 66 -11.24 0.07 0.22
N GLY C 67 -11.33 0.95 -0.76
CA GLY C 67 -12.41 0.87 -1.74
C GLY C 67 -13.78 1.14 -1.18
N ASP C 68 -13.91 2.14 -0.31
CA ASP C 68 -15.19 2.56 0.27
C ASP C 68 -15.88 1.37 0.93
N ILE C 69 -15.34 1.01 2.11
CA ILE C 69 -15.81 -0.15 2.85
C ILE C 69 -17.28 -0.01 3.23
N ALA C 70 -17.79 1.22 3.27
CA ALA C 70 -19.20 1.42 3.60
C ALA C 70 -20.10 0.91 2.49
N ARG C 71 -19.76 1.20 1.22
CA ARG C 71 -20.56 0.69 0.11
C ARG C 71 -20.46 -0.83 0.02
N ALA C 72 -19.29 -1.39 0.34
CA ALA C 72 -19.15 -2.83 0.37
C ALA C 72 -20.10 -3.46 1.37
N ALA C 73 -20.20 -2.87 2.57
CA ALA C 73 -21.13 -3.37 3.56
C ALA C 73 -22.57 -3.33 3.06
N VAL C 74 -22.91 -2.33 2.25
CA VAL C 74 -24.27 -2.23 1.72
C VAL C 74 -24.54 -3.37 0.75
N LEU C 75 -23.60 -3.62 -0.18
CA LEU C 75 -23.81 -4.68 -1.17
C LEU C 75 -23.66 -6.06 -0.55
N ALA C 76 -22.65 -6.25 0.29
CA ALA C 76 -22.39 -7.58 0.85
C ALA C 76 -23.48 -8.02 1.82
N SER C 77 -24.15 -7.08 2.48
CA SER C 77 -25.23 -7.41 3.39
C SER C 77 -26.58 -7.46 2.70
N GLY C 78 -26.63 -7.30 1.37
CA GLY C 78 -27.89 -7.35 0.67
C GLY C 78 -28.80 -6.17 0.93
N MET C 79 -28.26 -5.06 1.43
CA MET C 79 -29.06 -3.86 1.60
C MET C 79 -29.44 -3.28 0.24
N PRO C 80 -30.49 -2.46 0.20
CA PRO C 80 -30.89 -1.86 -1.09
C PRO C 80 -29.75 -1.07 -1.70
N VAL C 81 -29.68 -1.10 -3.03
CA VAL C 81 -28.63 -0.38 -3.75
C VAL C 81 -28.79 1.13 -3.63
N THR C 82 -29.96 1.60 -3.21
CA THR C 82 -30.20 3.02 -3.00
C THR C 82 -29.73 3.51 -1.64
N SER C 83 -29.11 2.66 -0.83
CA SER C 83 -28.74 2.99 0.53
C SER C 83 -27.35 3.61 0.63
N GLY C 84 -26.72 3.95 -0.48
CA GLY C 84 -25.50 4.73 -0.42
C GLY C 84 -24.31 3.94 0.11
N GLY C 85 -23.41 4.65 0.78
CA GLY C 85 -22.17 4.09 1.29
C GLY C 85 -20.99 5.02 1.07
N VAL C 86 -20.46 5.57 2.16
CA VAL C 86 -19.36 6.54 2.09
C VAL C 86 -18.44 6.32 3.28
N GLN C 87 -17.14 6.32 3.03
CA GLN C 87 -16.12 6.24 4.06
C GLN C 87 -15.54 7.61 4.32
N LEU C 88 -15.33 7.95 5.59
CA LEU C 88 -14.65 9.19 5.95
C LEU C 88 -13.54 8.90 6.93
N ASN C 89 -12.59 9.84 7.02
CA ASN C 89 -11.42 9.71 7.88
C ASN C 89 -11.12 11.06 8.51
N ARG C 90 -11.45 11.20 9.80
CA ARG C 90 -10.93 12.30 10.60
C ARG C 90 -10.13 11.73 11.76
N PHE C 91 -9.26 10.78 11.45
CA PHE C 91 -8.44 10.11 12.46
C PHE C 91 -9.29 9.54 13.59
N ALA C 93 -11.45 10.51 15.62
CA ALA C 93 -12.85 10.88 15.77
C ALA C 93 -13.72 10.39 14.62
N SER C 94 -13.14 9.58 13.73
CA SER C 94 -13.85 9.15 12.53
C SER C 94 -15.17 8.47 12.87
N GLY C 95 -15.21 7.72 13.97
CA GLY C 95 -16.46 7.10 14.38
C GLY C 95 -17.51 8.11 14.77
N LEU C 96 -17.12 9.10 15.60
CA LEU C 96 -18.08 10.11 16.02
C LEU C 96 -18.37 11.10 14.90
N GLU C 97 -17.39 11.36 14.02
CA GLU C 97 -17.64 12.24 12.89
C GLU C 97 -18.67 11.64 11.94
N ALA C 98 -18.66 10.32 11.79
CA ALA C 98 -19.69 9.66 10.99
C ALA C 98 -21.08 9.86 11.61
N VAL C 99 -21.15 9.78 12.95
CA VAL C 99 -22.42 10.00 13.62
C VAL C 99 -22.85 11.46 13.50
N ASN C 100 -21.91 12.39 13.69
CA ASN C 100 -22.24 13.81 13.58
C ASN C 100 -22.71 14.17 12.18
N THR C 101 -21.99 13.70 11.16
CA THR C 101 -22.38 13.98 9.79
C THR C 101 -23.77 13.41 9.48
N ALA C 102 -24.04 12.19 9.94
CA ALA C 102 -25.35 11.60 9.77
C ALA C 102 -26.42 12.49 10.41
N ALA C 103 -26.16 12.97 11.63
CA ALA C 103 -27.11 13.84 12.31
C ALA C 103 -27.31 15.15 11.55
N GLN C 104 -26.21 15.70 11.01
CA GLN C 104 -26.33 16.96 10.27
C GLN C 104 -27.03 16.76 8.93
N LYS C 105 -26.81 15.62 8.28
CA LYS C 105 -27.53 15.34 7.05
C LYS C 105 -29.03 15.21 7.30
N VAL C 106 -29.41 14.61 8.44
CA VAL C 106 -30.82 14.47 8.77
C VAL C 106 -31.44 15.83 9.09
N ARG C 107 -30.70 16.69 9.78
CA ARG C 107 -31.22 18.02 10.12
C ARG C 107 -31.45 18.87 8.89
N SER C 108 -30.61 18.72 7.86
CA SER C 108 -30.79 19.50 6.64
C SER C 108 -32.07 19.13 5.89
N GLY C 109 -32.67 17.99 6.21
CA GLY C 109 -33.92 17.59 5.59
C GLY C 109 -33.78 16.88 4.27
N TRP C 110 -32.57 16.50 3.87
CA TRP C 110 -32.33 15.82 2.60
C TRP C 110 -31.92 14.37 2.79
N ASP C 111 -31.94 13.86 4.02
CA ASP C 111 -31.74 12.46 4.31
C ASP C 111 -32.79 12.04 5.34
N ASP C 112 -33.28 10.81 5.21
CA ASP C 112 -34.32 10.32 6.09
C ASP C 112 -33.74 9.49 7.22
N LEU C 113 -33.15 8.34 6.89
CA LEU C 113 -32.60 7.41 7.86
C LEU C 113 -31.17 7.09 7.43
N VAL C 114 -30.20 7.44 8.27
CA VAL C 114 -28.79 7.30 7.94
C VAL C 114 -28.14 6.39 8.97
N LEU C 115 -27.48 5.33 8.48
CA LEU C 115 -26.73 4.42 9.33
C LEU C 115 -25.28 4.88 9.40
N ALA C 116 -24.78 5.08 10.62
CA ALA C 116 -23.43 5.57 10.83
C ALA C 116 -22.65 4.62 11.71
N GLY C 117 -21.34 4.84 11.79
CA GLY C 117 -20.49 4.00 12.60
C GLY C 117 -19.06 4.04 12.10
N GLY C 118 -18.31 3.00 12.44
CA GLY C 118 -16.92 2.89 12.05
C GLY C 118 -16.42 1.47 12.20
N VAL C 119 -15.27 1.21 11.58
CA VAL C 119 -14.65 -0.12 11.61
C VAL C 119 -13.15 0.06 11.51
N GLU C 120 -12.41 -0.73 12.30
CA GLU C 120 -10.95 -0.69 12.26
C GLU C 120 -10.43 -2.04 12.72
N SER C 121 -9.80 -2.77 11.80
CA SER C 121 -9.12 -4.03 12.12
C SER C 121 -7.63 -3.71 12.15
N MET C 122 -7.14 -3.26 13.31
CA MET C 122 -5.77 -2.81 13.42
C MET C 122 -4.78 -3.96 13.38
N SER C 123 -5.19 -5.17 13.75
CA SER C 123 -4.30 -6.33 13.65
C SER C 123 -4.11 -6.77 12.21
N ARG C 124 -5.03 -6.41 11.32
CA ARG C 124 -4.91 -6.72 9.90
C ARG C 124 -4.45 -5.53 9.08
N VAL C 125 -4.86 -4.31 9.44
CA VAL C 125 -4.41 -3.09 8.78
C VAL C 125 -3.88 -2.15 9.85
N PRO C 126 -2.60 -2.22 10.18
CA PRO C 126 -2.06 -1.36 11.23
C PRO C 126 -2.11 0.11 10.84
N MET C 127 -2.09 0.97 11.85
CA MET C 127 -2.10 2.40 11.56
C MET C 127 -0.79 2.81 10.91
N GLY C 128 -0.88 3.73 9.95
CA GLY C 128 0.24 4.06 9.11
C GLY C 128 0.30 3.30 7.80
N SER C 129 -0.58 2.30 7.61
CA SER C 129 -0.56 1.49 6.40
C SER C 129 -0.96 2.30 5.16
N ASP C 130 -1.69 3.40 5.33
CA ASP C 130 -2.12 4.23 4.21
C ASP C 130 -1.08 5.27 3.82
N GLY C 131 0.11 5.24 4.44
CA GLY C 131 1.13 6.22 4.14
C GLY C 131 0.90 7.54 4.85
N GLY C 132 0.61 8.59 4.08
CA GLY C 132 0.37 9.90 4.66
C GLY C 132 1.01 11.02 3.86
N ALA C 133 0.19 12.00 3.45
CA ALA C 133 0.70 13.11 2.66
C ALA C 133 1.72 13.94 3.42
N MET C 134 1.72 13.88 4.75
CA MET C 134 2.69 14.62 5.54
C MET C 134 3.97 13.83 5.80
N GLY C 135 3.87 12.50 5.94
CA GLY C 135 5.05 11.70 6.15
C GLY C 135 5.92 11.57 4.92
N LEU C 136 5.32 11.65 3.74
CA LEU C 136 6.03 11.53 2.47
C LEU C 136 6.40 12.88 1.86
N ASP C 137 6.29 13.97 2.62
CA ASP C 137 6.60 15.31 2.14
C ASP C 137 7.52 15.98 3.15
N PRO C 138 8.81 15.69 3.10
CA PRO C 138 9.74 16.28 4.08
C PRO C 138 9.85 17.80 4.01
N ALA C 139 9.42 18.41 2.90
CA ALA C 139 9.50 19.86 2.78
C ALA C 139 8.56 20.54 3.78
N THR C 140 7.39 19.95 4.02
CA THR C 140 6.43 20.50 4.97
C THR C 140 6.44 19.78 6.31
N ASN C 141 6.78 18.49 6.34
CA ASN C 141 6.88 17.77 7.60
C ASN C 141 7.97 18.37 8.48
N TYR C 142 8.97 19.01 7.87
CA TYR C 142 10.01 19.69 8.64
C TYR C 142 9.45 20.91 9.37
N ASP C 143 8.37 21.49 8.87
CA ASP C 143 7.83 22.73 9.42
C ASP C 143 6.63 22.53 10.34
N VAL C 144 5.80 21.51 10.09
CA VAL C 144 4.68 21.23 10.99
C VAL C 144 5.15 20.61 12.30
N MET C 145 6.40 20.16 12.37
CA MET C 145 7.01 19.59 13.58
C MET C 145 6.17 18.40 14.09
N PHE C 146 6.23 17.32 13.32
CA PHE C 146 5.49 16.11 13.66
C PHE C 146 6.15 15.39 14.82
N VAL C 147 5.35 15.01 15.81
CA VAL C 147 5.81 14.26 16.96
C VAL C 147 4.77 13.20 17.29
N PRO C 148 5.17 11.94 17.53
CA PRO C 148 4.18 10.90 17.84
C PRO C 148 3.36 11.26 19.06
N GLN C 149 2.09 10.88 19.05
CA GLN C 149 1.17 11.26 20.11
C GLN C 149 1.60 10.72 21.47
N SER C 150 2.45 9.68 21.50
CA SER C 150 2.98 9.20 22.77
C SER C 150 3.74 10.29 23.50
N ILE C 151 4.58 11.04 22.79
CA ILE C 151 5.39 12.07 23.42
C ILE C 151 4.54 13.27 23.81
N GLY C 152 3.56 13.62 22.97
CA GLY C 152 2.66 14.70 23.33
C GLY C 152 1.92 14.43 24.62
N ALA C 153 1.58 13.16 24.87
CA ALA C 153 0.93 12.79 26.12
C ALA C 153 1.87 12.96 27.31
N ASP C 154 3.12 12.52 27.17
CA ASP C 154 4.10 12.71 28.23
C ASP C 154 4.36 14.20 28.48
N LEU C 155 4.32 15.00 27.42
CA LEU C 155 4.50 16.44 27.58
C LEU C 155 3.35 17.06 28.37
N ILE C 156 2.13 16.61 28.12
CA ILE C 156 0.98 17.09 28.88
C ILE C 156 1.15 16.74 30.36
N ALA C 157 1.60 15.52 30.65
CA ALA C 157 1.85 15.13 32.04
C ALA C 157 2.95 15.99 32.65
N THR C 158 3.96 16.35 31.86
CA THR C 158 5.05 17.16 32.37
C THR C 158 4.56 18.57 32.72
N ILE C 159 3.83 19.21 31.81
CA ILE C 159 3.39 20.59 32.02
C ILE C 159 2.40 20.66 33.16
N GLU C 160 1.40 19.77 33.16
CA GLU C 160 0.34 19.80 34.17
C GLU C 160 0.77 19.21 35.50
N GLY C 161 1.90 18.53 35.56
CA GLY C 161 2.36 17.96 36.82
C GLY C 161 1.73 16.65 37.18
N PHE C 162 1.39 15.81 36.20
CA PHE C 162 0.84 14.48 36.46
C PHE C 162 2.00 13.50 36.62
N SER C 163 2.12 12.91 37.81
CA SER C 163 3.20 11.98 38.07
C SER C 163 2.92 10.64 37.41
N ARG C 164 3.95 9.80 37.38
CA ARG C 164 3.78 8.43 36.91
C ARG C 164 2.73 7.69 37.72
N GLU C 165 2.65 7.98 39.03
CA GLU C 165 1.64 7.33 39.85
C GLU C 165 0.24 7.86 39.54
N ASP C 166 0.13 9.10 39.07
CA ASP C 166 -1.18 9.68 38.79
C ASP C 166 -1.80 9.03 37.54
N VAL C 167 -1.00 8.89 36.47
CA VAL C 167 -1.52 8.27 35.26
C VAL C 167 -1.75 6.78 35.47
N ASP C 168 -0.93 6.12 36.29
CA ASP C 168 -1.17 4.71 36.59
C ASP C 168 -2.41 4.53 37.44
N ALA C 169 -2.71 5.50 38.32
CA ALA C 169 -3.92 5.41 39.13
C ALA C 169 -5.18 5.51 38.26
N TYR C 170 -5.14 6.35 37.23
CA TYR C 170 -6.28 6.44 36.31
C TYR C 170 -6.41 5.15 35.51
N ALA C 171 -5.30 4.57 35.08
CA ALA C 171 -5.35 3.31 34.33
C ALA C 171 -5.99 2.22 35.17
N LEU C 172 -5.70 2.21 36.47
CA LEU C 172 -6.32 1.22 37.36
C LEU C 172 -7.82 1.44 37.47
N ARG C 173 -8.25 2.70 37.55
CA ARG C 173 -9.68 3.01 37.64
C ARG C 173 -10.42 2.56 36.38
N SER C 174 -9.81 2.77 35.21
CA SER C 174 -10.46 2.38 33.96
C SER C 174 -10.65 0.87 33.88
N GLN C 175 -9.66 0.11 34.35
CA GLN C 175 -9.80 -1.34 34.39
C GLN C 175 -10.93 -1.74 35.34
N GLN C 176 -10.97 -1.11 36.52
CA GLN C 176 -11.97 -1.45 37.52
C GLN C 176 -13.38 -1.14 37.03
N LYS C 177 -13.56 0.00 36.36
CA LYS C 177 -14.89 0.37 35.91
C LYS C 177 -15.32 -0.45 34.70
N ALA C 178 -14.39 -0.83 33.84
CA ALA C 178 -14.73 -1.69 32.71
C ALA C 178 -15.12 -3.09 33.18
N ALA C 179 -14.42 -3.61 34.20
CA ALA C 179 -14.76 -4.91 34.74
C ALA C 179 -16.12 -4.89 35.43
N GLU C 180 -16.39 -3.83 36.21
CA GLU C 180 -17.68 -3.71 36.89
C GLU C 180 -18.82 -3.57 35.91
N ALA C 181 -18.58 -2.94 34.75
CA ALA C 181 -19.64 -2.77 33.77
C ALA C 181 -19.99 -4.09 33.11
N TRP C 182 -18.99 -4.90 32.77
CA TRP C 182 -19.26 -6.20 32.16
C TRP C 182 -19.99 -7.12 33.12
N SER C 183 -19.47 -7.25 34.34
CA SER C 183 -20.09 -8.15 35.31
C SER C 183 -21.49 -7.70 35.70
N GLY C 184 -21.74 -6.39 35.67
CA GLY C 184 -23.06 -5.86 35.99
C GLY C 184 -24.08 -5.96 34.89
N GLY C 185 -23.69 -6.50 33.73
CA GLY C 185 -24.61 -6.62 32.62
C GLY C 185 -24.86 -5.34 31.85
N TYR C 186 -24.00 -4.33 32.01
CA TYR C 186 -24.22 -3.04 31.35
C TYR C 186 -24.14 -3.20 29.84
N PHE C 187 -23.16 -3.97 29.36
CA PHE C 187 -22.91 -4.11 27.94
C PHE C 187 -23.66 -5.29 27.33
N ALA C 188 -24.66 -5.83 28.03
CA ALA C 188 -25.27 -7.08 27.61
C ALA C 188 -25.98 -6.94 26.27
N LYS C 189 -26.74 -5.87 26.08
CA LYS C 189 -27.54 -5.70 24.88
C LYS C 189 -26.82 -4.96 23.77
N SER C 190 -25.67 -4.34 24.05
CA SER C 190 -24.99 -3.52 23.06
C SER C 190 -23.82 -4.22 22.39
N VAL C 191 -23.14 -5.13 23.08
CA VAL C 191 -22.01 -5.84 22.52
C VAL C 191 -22.52 -7.10 21.82
N VAL C 192 -22.34 -7.15 20.50
CA VAL C 192 -22.90 -8.22 19.68
C VAL C 192 -21.78 -9.23 19.39
N PRO C 193 -21.84 -10.44 19.94
CA PRO C 193 -20.76 -11.40 19.74
C PRO C 193 -20.55 -11.73 18.27
N VAL C 194 -19.29 -11.93 17.89
CA VAL C 194 -18.89 -12.22 16.52
C VAL C 194 -18.86 -13.73 16.32
N ARG C 195 -19.43 -14.19 15.21
CA ARG C 195 -19.48 -15.60 14.87
C ARG C 195 -18.99 -15.82 13.45
N ASP C 196 -18.61 -17.06 13.14
CA ASP C 196 -18.13 -17.40 11.81
C ASP C 196 -19.30 -17.84 10.94
N GLN C 197 -19.00 -18.30 9.72
CA GLN C 197 -20.04 -18.68 8.77
C GLN C 197 -20.82 -19.92 9.19
N ASN C 198 -20.36 -20.65 10.21
CA ASN C 198 -21.06 -21.83 10.69
C ASN C 198 -21.86 -21.55 11.96
N GLY C 199 -21.79 -20.34 12.50
CA GLY C 199 -22.42 -20.02 13.76
C GLY C 199 -21.52 -20.19 14.97
N LEU C 200 -20.33 -20.75 14.80
CA LEU C 200 -19.41 -20.95 15.91
C LEU C 200 -18.95 -19.63 16.48
N LEU C 201 -18.77 -19.58 17.80
CA LEU C 201 -18.36 -18.34 18.46
C LEU C 201 -16.90 -18.04 18.19
N ILE C 202 -16.60 -16.78 17.92
CA ILE C 202 -15.24 -16.29 17.76
C ILE C 202 -14.82 -15.40 18.93
N LEU C 203 -15.71 -14.53 19.38
CA LEU C 203 -15.41 -13.61 20.47
C LEU C 203 -16.70 -13.01 21.00
N ASP C 204 -16.82 -12.92 22.32
CA ASP C 204 -18.00 -12.32 22.94
C ASP C 204 -17.64 -11.37 24.08
N HIS C 205 -16.39 -10.95 24.20
CA HIS C 205 -15.98 -10.04 25.26
C HIS C 205 -14.78 -9.23 24.78
N ASP C 206 -14.46 -8.19 25.53
CA ASP C 206 -13.35 -7.30 25.18
C ASP C 206 -12.05 -7.92 25.67
N GLU C 207 -11.30 -8.54 24.75
CA GLU C 207 -10.13 -9.32 25.13
C GLU C 207 -9.05 -8.47 25.79
N HIS C 208 -8.95 -7.18 25.43
CA HIS C 208 -7.85 -6.36 25.88
C HIS C 208 -7.90 -6.06 27.38
N MET C 209 -9.02 -6.36 28.05
CA MET C 209 -9.14 -6.04 29.46
C MET C 209 -8.22 -6.92 30.30
N ARG C 210 -7.54 -6.29 31.27
CA ARG C 210 -6.76 -6.98 32.30
C ARG C 210 -7.39 -6.61 33.64
N PRO C 211 -8.50 -7.26 34.00
CA PRO C 211 -9.24 -6.84 35.21
C PRO C 211 -8.49 -7.11 36.51
N ASP C 212 -7.53 -8.03 36.52
CA ASP C 212 -6.70 -8.30 37.69
C ASP C 212 -5.52 -7.34 37.80
N THR C 213 -5.65 -6.13 37.27
CA THR C 213 -4.58 -5.16 37.35
C THR C 213 -4.42 -4.60 38.75
N THR C 214 -3.17 -4.48 39.20
CA THR C 214 -2.83 -3.85 40.47
C THR C 214 -1.95 -2.63 40.21
N LYS C 215 -1.94 -1.71 41.18
CA LYS C 215 -1.10 -0.52 41.03
C LYS C 215 0.38 -0.89 41.11
N GLU C 216 0.71 -1.99 41.78
CA GLU C 216 2.11 -2.42 41.87
C GLU C 216 2.60 -2.99 40.55
N GLY C 217 1.71 -3.61 39.78
CA GLY C 217 2.10 -4.11 38.47
C GLY C 217 2.22 -3.03 37.43
N LEU C 218 1.39 -1.99 37.51
CA LEU C 218 1.49 -0.87 36.59
C LEU C 218 2.80 -0.13 36.75
N ALA C 219 3.35 -0.10 37.98
CA ALA C 219 4.62 0.57 38.21
C ALA C 219 5.80 -0.23 37.69
N LYS C 220 5.65 -1.54 37.50
CA LYS C 220 6.72 -2.36 36.93
C LYS C 220 6.89 -2.15 35.43
N LEU C 221 5.92 -1.54 34.76
CA LEU C 221 6.00 -1.39 33.31
C LEU C 221 7.03 -0.35 32.91
N LYS C 222 7.58 -0.52 31.71
CA LYS C 222 8.55 0.39 31.13
C LYS C 222 7.87 1.35 30.17
N PRO C 223 8.21 2.63 30.24
CA PRO C 223 7.56 3.62 29.36
C PRO C 223 7.89 3.35 27.90
N ALA C 224 6.99 3.78 27.02
CA ALA C 224 7.14 3.59 25.59
C ALA C 224 8.32 4.40 25.07
N GLY C 232 13.89 8.43 16.30
CA GLY C 232 14.88 9.28 16.94
C GLY C 232 14.70 10.76 16.61
N GLY C 233 14.96 11.60 17.60
CA GLY C 233 14.89 13.05 17.44
C GLY C 233 13.59 13.69 17.85
N PHE C 234 12.60 12.91 18.28
CA PHE C 234 11.27 13.47 18.52
C PHE C 234 11.22 14.28 19.81
N ASP C 235 11.95 13.84 20.84
CA ASP C 235 11.90 14.55 22.13
C ASP C 235 12.49 15.95 22.01
N ASP C 236 13.55 16.10 21.22
CA ASP C 236 14.16 17.41 21.03
C ASP C 236 13.33 18.31 20.12
N VAL C 237 12.55 17.72 19.22
CA VAL C 237 11.69 18.51 18.34
C VAL C 237 10.53 19.11 19.12
N ALA C 238 9.94 18.34 20.03
CA ALA C 238 8.83 18.85 20.83
C ALA C 238 9.26 20.01 21.71
N LEU C 239 10.43 19.89 22.34
CA LEU C 239 10.92 20.95 23.22
C LEU C 239 11.31 22.21 22.46
N GLN C 240 11.49 22.12 21.14
CA GLN C 240 11.79 23.32 20.36
C GLN C 240 10.60 24.27 20.31
N LYS C 241 9.38 23.74 20.33
CA LYS C 241 8.21 24.59 20.37
C LYS C 241 7.84 24.96 21.80
N TYR C 242 7.80 23.97 22.69
CA TYR C 242 7.58 24.22 24.12
C TYR C 242 8.93 24.44 24.79
N HIS C 243 9.50 25.62 24.50
CA HIS C 243 10.88 25.89 24.86
C HIS C 243 11.07 26.12 26.35
N TRP C 244 10.02 26.50 27.08
CA TRP C 244 10.17 26.72 28.52
C TRP C 244 10.25 25.42 29.31
N VAL C 245 10.20 24.27 28.64
CA VAL C 245 10.25 22.96 29.30
C VAL C 245 11.64 22.38 29.08
N GLU C 246 12.32 22.03 30.18
CA GLU C 246 13.69 21.52 30.07
C GLU C 246 13.70 20.06 29.64
N LYS C 247 12.96 19.21 30.35
CA LYS C 247 12.94 17.78 30.09
C LYS C 247 11.52 17.25 30.15
N ILE C 248 11.25 16.22 29.35
CA ILE C 248 9.95 15.57 29.30
C ILE C 248 9.97 14.36 30.23
N ASN C 249 9.02 14.32 31.17
CA ASN C 249 8.87 13.19 32.07
C ASN C 249 8.04 12.12 31.37
N HIS C 250 8.68 10.99 31.03
CA HIS C 250 8.02 9.94 30.25
C HIS C 250 7.31 8.99 31.20
N VAL C 251 5.99 9.15 31.30
CA VAL C 251 5.19 8.40 32.26
C VAL C 251 4.29 7.37 31.60
N HIS C 252 4.00 7.48 30.31
CA HIS C 252 3.00 6.64 29.68
C HIS C 252 3.60 5.32 29.20
N THR C 253 2.99 4.23 29.62
CA THR C 253 3.39 2.87 29.26
C THR C 253 2.25 2.22 28.46
N GLY C 254 2.38 0.92 28.23
CA GLY C 254 1.28 0.18 27.64
C GLY C 254 0.14 -0.09 28.57
N GLY C 255 0.28 0.26 29.84
CA GLY C 255 -0.76 0.02 30.83
C GLY C 255 -1.64 1.22 31.09
N ASN C 256 -1.17 2.41 30.71
CA ASN C 256 -1.93 3.64 30.87
C ASN C 256 -2.21 4.32 29.53
N SER C 257 -2.05 3.61 28.44
CA SER C 257 -2.36 4.12 27.11
C SER C 257 -3.39 3.22 26.45
N SER C 258 -4.04 3.75 25.42
CA SER C 258 -5.09 3.02 24.73
C SER C 258 -4.53 1.74 24.11
N GLY C 259 -5.36 0.70 24.10
CA GLY C 259 -4.97 -0.56 23.51
C GLY C 259 -5.26 -0.62 22.02
N ILE C 260 -4.45 -1.39 21.32
CA ILE C 260 -4.64 -1.63 19.89
C ILE C 260 -5.50 -2.88 19.74
N VAL C 261 -6.70 -2.71 19.19
CA VAL C 261 -7.69 -3.77 19.10
C VAL C 261 -8.40 -3.69 17.75
N ASP C 262 -9.26 -4.67 17.50
CA ASP C 262 -10.14 -4.70 16.33
C ASP C 262 -11.58 -4.60 16.79
N GLY C 263 -12.41 -3.90 16.02
CA GLY C 263 -13.82 -3.78 16.37
C GLY C 263 -14.55 -2.93 15.36
N ALA C 264 -15.88 -2.91 15.53
CA ALA C 264 -16.76 -2.11 14.69
C ALA C 264 -17.97 -1.70 15.52
N ALA C 265 -18.65 -0.64 15.07
CA ALA C 265 -19.81 -0.13 15.78
C ALA C 265 -20.77 0.49 14.79
N LEU C 266 -22.05 0.50 15.14
CA LEU C 266 -23.09 1.05 14.30
C LEU C 266 -24.06 1.90 15.12
N VAL C 267 -24.52 2.99 14.51
CA VAL C 267 -25.52 3.87 15.13
C VAL C 267 -26.55 4.23 14.06
N MET C 268 -27.83 4.07 14.38
CA MET C 268 -28.92 4.39 13.48
C MET C 268 -29.47 5.77 13.84
N ILE C 269 -29.45 6.69 12.87
CA ILE C 269 -29.84 8.07 13.10
C ILE C 269 -30.90 8.46 12.08
N GLY C 270 -31.95 9.12 12.54
CA GLY C 270 -33.01 9.56 11.65
C GLY C 270 -33.90 10.57 12.33
N SER C 271 -34.74 11.20 11.50
CA SER C 271 -35.67 12.20 12.00
C SER C 271 -36.79 11.54 12.80
N ALA C 272 -37.57 12.37 13.49
CA ALA C 272 -38.71 11.86 14.24
C ALA C 272 -39.74 11.25 13.31
N ALA C 273 -39.99 11.90 12.16
CA ALA C 273 -40.93 11.35 11.19
C ALA C 273 -40.43 10.04 10.60
N ALA C 274 -39.11 9.89 10.44
CA ALA C 274 -38.56 8.67 9.90
C ALA C 274 -38.78 7.49 10.85
N GLY C 275 -38.60 7.73 12.15
CA GLY C 275 -38.82 6.66 13.12
C GLY C 275 -40.28 6.31 13.26
N LYS C 276 -41.16 7.31 13.27
CA LYS C 276 -42.60 7.05 13.38
C LYS C 276 -43.09 6.21 12.21
N LEU C 277 -42.52 6.42 11.03
CA LEU C 277 -42.93 5.65 9.85
C LEU C 277 -42.49 4.19 9.92
N GLN C 278 -41.45 3.87 10.69
CA GLN C 278 -40.95 2.51 10.80
C GLN C 278 -41.24 1.88 12.15
N GLY C 279 -42.06 2.52 12.98
CA GLY C 279 -42.38 1.97 14.29
C GLY C 279 -41.19 1.91 15.22
N LEU C 280 -40.29 2.88 15.15
CA LEU C 280 -39.12 2.93 15.98
C LEU C 280 -39.30 3.93 17.12
N THR C 281 -38.67 3.63 18.25
CA THR C 281 -38.73 4.50 19.42
C THR C 281 -37.39 5.20 19.60
N PRO C 282 -37.35 6.53 19.61
CA PRO C 282 -36.07 7.23 19.78
C PRO C 282 -35.47 6.95 21.16
N ARG C 283 -34.17 6.71 21.18
CA ARG C 283 -33.48 6.45 22.43
C ARG C 283 -32.83 7.72 22.98
N ALA C 284 -32.25 8.53 22.10
CA ALA C 284 -31.63 9.79 22.50
C ALA C 284 -31.67 10.75 21.33
N ARG C 285 -31.42 12.02 21.63
CA ARG C 285 -31.44 13.10 20.64
C ARG C 285 -30.07 13.75 20.57
N ILE C 286 -29.60 14.00 19.34
CA ILE C 286 -28.33 14.70 19.13
C ILE C 286 -28.58 16.17 19.37
N VAL C 287 -28.04 16.71 20.47
CA VAL C 287 -28.31 18.09 20.85
C VAL C 287 -27.44 19.05 20.04
N ALA C 288 -26.15 18.77 19.94
CA ALA C 288 -25.23 19.66 19.24
C ALA C 288 -23.93 18.92 18.96
N THR C 289 -23.23 19.38 17.93
CA THR C 289 -21.90 18.90 17.59
C THR C 289 -20.97 20.09 17.44
N ALA C 290 -19.66 19.81 17.52
CA ALA C 290 -18.67 20.86 17.38
C ALA C 290 -17.32 20.24 17.04
N THR C 291 -16.59 20.91 16.15
CA THR C 291 -15.23 20.53 15.79
C THR C 291 -14.33 21.73 15.99
N SER C 292 -13.21 21.52 16.68
CA SER C 292 -12.24 22.58 16.91
C SER C 292 -10.83 21.98 16.89
N GLY C 293 -9.89 22.60 17.58
CA GLY C 293 -8.53 22.07 17.58
C GLY C 293 -7.62 22.94 18.41
N ALA C 294 -6.42 22.40 18.66
CA ALA C 294 -5.38 23.10 19.40
C ALA C 294 -4.05 22.79 18.71
N ASP C 295 -2.95 23.03 19.42
CA ASP C 295 -1.62 22.92 18.81
C ASP C 295 -1.35 21.49 18.35
N PRO C 296 -0.95 21.28 17.09
CA PRO C 296 -0.74 19.92 16.57
C PRO C 296 0.57 19.28 16.99
N VAL C 297 1.52 20.04 17.54
CA VAL C 297 2.74 19.43 18.02
C VAL C 297 2.48 18.64 19.30
N ILE C 298 1.63 19.17 20.18
CA ILE C 298 1.23 18.40 21.36
C ILE C 298 0.10 17.45 21.00
N MET C 299 -0.69 17.79 19.98
CA MET C 299 -1.54 16.91 19.20
C MET C 299 -2.73 16.31 19.97
N LEU C 300 -2.82 16.53 21.28
CA LEU C 300 -3.87 15.85 22.04
C LEU C 300 -4.61 16.79 22.99
N THR C 301 -4.68 18.08 22.67
CA THR C 301 -5.37 19.06 23.49
C THR C 301 -6.62 19.61 22.81
N GLY C 302 -7.05 19.02 21.69
CA GLY C 302 -8.26 19.38 21.00
C GLY C 302 -9.57 19.18 21.76
N PRO C 303 -9.65 18.20 22.68
CA PRO C 303 -10.92 18.03 23.41
C PRO C 303 -11.42 19.26 24.15
N THR C 304 -10.54 20.04 24.77
CA THR C 304 -11.01 21.15 25.60
C THR C 304 -11.71 22.24 24.81
N PRO C 305 -11.14 22.79 23.72
CA PRO C 305 -11.90 23.80 22.97
C PRO C 305 -13.12 23.24 22.25
N ALA C 306 -13.09 21.97 21.85
CA ALA C 306 -14.25 21.38 21.19
C ALA C 306 -15.39 21.18 22.18
N THR C 307 -15.08 20.79 23.42
CA THR C 307 -16.12 20.66 24.44
C THR C 307 -16.67 22.02 24.82
N ARG C 308 -15.80 23.02 24.96
CA ARG C 308 -16.25 24.36 25.28
C ARG C 308 -17.16 24.91 24.19
N LYS C 309 -16.87 24.58 22.92
CA LYS C 309 -17.66 25.08 21.81
C LYS C 309 -19.02 24.40 21.75
N VAL C 310 -19.06 23.08 21.94
CA VAL C 310 -20.33 22.36 21.87
C VAL C 310 -21.24 22.73 23.03
N LEU C 311 -20.68 23.21 24.14
CA LEU C 311 -21.51 23.64 25.26
C LEU C 311 -22.15 25.00 25.01
N ASP C 312 -21.36 25.95 24.50
CA ASP C 312 -21.90 27.26 24.16
C ASP C 312 -22.94 27.15 23.05
N ARG C 313 -22.71 26.25 22.09
CA ARG C 313 -23.63 26.13 20.96
C ARG C 313 -24.98 25.58 21.38
N ALA C 314 -24.99 24.68 22.36
CA ALA C 314 -26.23 24.12 22.89
C ALA C 314 -26.80 24.93 24.05
N GLY C 315 -26.13 26.00 24.45
CA GLY C 315 -26.59 26.79 25.58
C GLY C 315 -26.51 26.09 26.91
N LEU C 316 -25.49 25.26 27.12
CA LEU C 316 -25.35 24.48 28.33
C LEU C 316 -23.99 24.73 28.95
N THR C 317 -23.84 24.26 30.20
CA THR C 317 -22.58 24.33 30.93
C THR C 317 -22.27 22.96 31.50
N VAL C 318 -21.14 22.87 32.22
CA VAL C 318 -20.71 21.60 32.79
C VAL C 318 -21.75 21.09 33.79
N ASP C 319 -22.36 21.98 34.57
CA ASP C 319 -23.34 21.57 35.56
C ASP C 319 -24.60 20.99 34.93
N ASP C 320 -24.81 21.22 33.63
CA ASP C 320 -25.98 20.68 32.92
C ASP C 320 -25.73 19.28 32.36
N ILE C 321 -24.49 18.81 32.36
CA ILE C 321 -24.14 17.52 31.78
C ILE C 321 -24.06 16.48 32.89
N ASP C 322 -24.68 15.33 32.66
CA ASP C 322 -24.70 14.26 33.65
C ASP C 322 -23.52 13.31 33.51
N LEU C 323 -23.09 13.02 32.27
CA LEU C 323 -22.01 12.08 32.02
C LEU C 323 -21.03 12.64 31.01
N PHE C 324 -19.74 12.48 31.29
CA PHE C 324 -18.67 12.88 30.40
C PHE C 324 -17.94 11.62 29.93
N GLU C 325 -17.75 11.50 28.62
CA GLU C 325 -17.06 10.36 28.02
C GLU C 325 -16.01 10.89 27.06
N LEU C 326 -14.74 10.83 27.48
CA LEU C 326 -13.60 11.19 26.65
C LEU C 326 -12.79 9.93 26.37
N ASN C 327 -12.38 9.76 25.10
CA ASN C 327 -11.61 8.59 24.73
C ASN C 327 -10.30 8.54 25.48
N GLU C 328 -9.93 7.35 25.95
CA GLU C 328 -8.74 7.17 26.78
C GLU C 328 -7.53 6.80 25.92
N ALA C 329 -7.18 7.71 25.01
CA ALA C 329 -5.96 7.54 24.23
C ALA C 329 -4.75 7.46 25.14
N PHE C 330 -4.64 8.40 26.08
CA PHE C 330 -3.60 8.39 27.09
C PHE C 330 -4.19 8.94 28.38
N ALA C 331 -3.64 8.49 29.50
CA ALA C 331 -4.20 8.89 30.80
C ALA C 331 -4.10 10.39 31.01
N SER C 332 -2.97 11.00 30.62
CA SER C 332 -2.78 12.43 30.85
C SER C 332 -3.77 13.27 30.06
N VAL C 333 -4.19 12.78 28.89
CA VAL C 333 -5.19 13.51 28.10
C VAL C 333 -6.49 13.64 28.89
N VAL C 334 -6.89 12.56 29.58
CA VAL C 334 -8.14 12.60 30.33
C VAL C 334 -7.97 13.42 31.61
N LEU C 335 -6.82 13.27 32.28
CA LEU C 335 -6.57 14.05 33.49
C LEU C 335 -6.47 15.54 33.18
N LYS C 336 -5.84 15.89 32.06
CA LYS C 336 -5.81 17.28 31.61
C LYS C 336 -7.23 17.79 31.34
N PHE C 337 -8.03 16.97 30.65
CA PHE C 337 -9.42 17.35 30.37
C PHE C 337 -10.21 17.54 31.66
N GLN C 338 -10.06 16.61 32.62
CA GLN C 338 -10.76 16.72 33.89
C GLN C 338 -10.34 17.97 34.65
N LYS C 339 -9.07 18.37 34.54
CA LYS C 339 -8.59 19.53 35.27
C LYS C 339 -9.04 20.84 34.64
N ASP C 340 -9.07 20.91 33.30
CA ASP C 340 -9.44 22.14 32.62
C ASP C 340 -10.88 22.53 32.92
N LEU C 341 -11.82 21.62 32.66
CA LEU C 341 -13.24 21.89 32.83
C LEU C 341 -13.76 21.53 34.22
N ASN C 342 -12.89 21.08 35.12
CA ASN C 342 -13.26 20.72 36.49
C ASN C 342 -14.38 19.67 36.49
N ILE C 343 -14.15 18.58 35.76
CA ILE C 343 -15.12 17.49 35.72
C ILE C 343 -15.09 16.74 37.04
N PRO C 344 -16.23 16.48 37.68
CA PRO C 344 -16.23 15.60 38.84
C PRO C 344 -15.82 14.19 38.45
N ASP C 345 -15.16 13.51 39.38
CA ASP C 345 -14.64 12.17 39.09
C ASP C 345 -15.75 11.18 38.77
N GLU C 346 -16.90 11.31 39.45
CA GLU C 346 -17.98 10.34 39.30
C GLU C 346 -18.73 10.46 37.98
N LYS C 347 -18.40 11.44 37.13
CA LYS C 347 -19.08 11.61 35.85
C LYS C 347 -18.24 11.24 34.65
N LEU C 348 -16.96 10.93 34.84
CA LEU C 348 -15.99 10.82 33.75
C LEU C 348 -15.70 9.36 33.44
N ASN C 349 -16.04 8.92 32.22
CA ASN C 349 -15.76 7.57 31.75
C ASN C 349 -16.22 6.51 32.76
N VAL C 350 -17.50 6.59 33.12
CA VAL C 350 -18.03 5.83 34.25
C VAL C 350 -17.99 4.32 34.01
N ASN C 351 -17.89 3.88 32.76
CA ASN C 351 -17.86 2.46 32.44
C ASN C 351 -16.50 2.02 31.89
N GLY C 352 -15.43 2.69 32.31
CA GLY C 352 -14.11 2.39 31.79
C GLY C 352 -13.96 2.90 30.36
N GLY C 353 -12.75 2.74 29.83
CA GLY C 353 -12.48 3.26 28.51
C GLY C 353 -11.45 2.48 27.72
N ALA C 354 -10.81 3.14 26.76
CA ALA C 354 -9.93 2.46 25.81
C ALA C 354 -8.68 1.88 26.46
N ILE C 355 -8.28 2.38 27.63
CA ILE C 355 -7.14 1.79 28.32
C ILE C 355 -7.43 0.34 28.66
N ALA C 356 -8.65 0.04 29.08
CA ALA C 356 -9.06 -1.31 29.41
C ALA C 356 -9.55 -2.08 28.19
N MET C 357 -10.41 -1.46 27.37
CA MET C 357 -11.12 -2.18 26.33
C MET C 357 -10.56 -1.98 24.93
N GLY C 358 -9.73 -0.98 24.71
CA GLY C 358 -9.08 -0.81 23.43
C GLY C 358 -9.64 0.36 22.64
N HIS C 359 -8.88 0.77 21.63
CA HIS C 359 -9.16 1.95 20.81
C HIS C 359 -9.05 1.57 19.35
N PRO C 360 -10.11 0.99 18.78
CA PRO C 360 -10.10 0.61 17.34
C PRO C 360 -10.36 1.82 16.45
N LEU C 361 -9.37 2.73 16.45
CA LEU C 361 -9.35 4.01 15.71
C LEU C 361 -10.68 4.45 15.13
N GLY C 362 -11.00 3.97 13.93
CA GLY C 362 -12.17 4.45 13.20
C GLY C 362 -13.49 4.12 13.84
N ALA C 363 -13.53 3.14 14.74
CA ALA C 363 -14.77 2.70 15.35
C ALA C 363 -14.98 3.25 16.76
N THR C 364 -13.94 3.80 17.39
CA THR C 364 -14.03 4.18 18.80
C THR C 364 -15.09 5.24 19.03
N GLY C 365 -15.18 6.23 18.14
CA GLY C 365 -16.13 7.31 18.33
C GLY C 365 -17.56 6.82 18.42
N ALA C 366 -17.93 5.85 17.58
CA ALA C 366 -19.28 5.30 17.61
C ALA C 366 -19.48 4.36 18.80
N MET C 367 -18.41 3.69 19.26
CA MET C 367 -18.53 2.80 20.41
C MET C 367 -18.83 3.57 21.68
N ILE C 368 -18.02 4.59 21.99
CA ILE C 368 -18.24 5.36 23.20
C ILE C 368 -19.50 6.20 23.12
N LEU C 369 -19.96 6.52 21.91
CA LEU C 369 -21.26 7.17 21.76
C LEU C 369 -22.38 6.23 22.20
N GLY C 370 -22.40 5.01 21.65
CA GLY C 370 -23.41 4.06 22.05
C GLY C 370 -23.29 3.63 23.51
N THR C 371 -22.08 3.74 24.06
CA THR C 371 -21.89 3.44 25.47
C THR C 371 -22.65 4.44 26.35
N MET C 372 -22.61 5.72 25.98
CA MET C 372 -23.31 6.73 26.77
C MET C 372 -24.82 6.67 26.55
N VAL C 373 -25.26 6.26 25.37
CA VAL C 373 -26.70 6.05 25.14
C VAL C 373 -27.24 5.03 26.13
N ASP C 374 -26.51 3.93 26.32
CA ASP C 374 -26.98 2.88 27.23
C ASP C 374 -26.91 3.33 28.69
N GLU C 375 -25.83 4.02 29.06
CA GLU C 375 -25.69 4.40 30.46
C GLU C 375 -26.68 5.48 30.87
N LEU C 376 -27.07 6.34 29.93
CA LEU C 376 -28.11 7.34 30.24
C LEU C 376 -29.43 6.66 30.56
N GLU C 377 -29.81 5.63 29.79
CA GLU C 377 -31.04 4.91 30.08
C GLU C 377 -30.90 4.07 31.33
N ARG C 378 -29.72 3.49 31.55
CA ARG C 378 -29.52 2.65 32.74
C ARG C 378 -29.58 3.47 34.01
N ARG C 379 -28.98 4.67 34.00
CA ARG C 379 -29.02 5.55 35.15
C ARG C 379 -30.28 6.41 35.20
N ASN C 380 -31.07 6.41 34.13
CA ASN C 380 -32.20 7.34 33.99
C ASN C 380 -31.72 8.79 34.07
N ALA C 381 -30.57 9.06 33.47
CA ALA C 381 -30.00 10.39 33.42
C ALA C 381 -30.42 11.09 32.12
N ARG C 382 -30.02 12.34 31.96
CA ARG C 382 -30.54 13.19 30.89
C ARG C 382 -29.52 13.49 29.80
N ARG C 383 -28.35 14.03 30.15
CA ARG C 383 -27.42 14.53 29.14
C ARG C 383 -26.05 13.87 29.29
N ALA C 384 -25.37 13.74 28.15
CA ALA C 384 -24.02 13.19 28.08
C ALA C 384 -23.22 13.93 27.01
N LEU C 385 -21.94 14.15 27.28
CA LEU C 385 -21.05 14.82 26.34
C LEU C 385 -19.93 13.86 25.97
N ILE C 386 -19.76 13.62 24.67
CA ILE C 386 -18.79 12.68 24.14
C ILE C 386 -17.76 13.47 23.33
N THR C 387 -16.48 13.20 23.58
CA THR C 387 -15.42 13.93 22.90
C THR C 387 -14.20 13.02 22.72
N LEU C 388 -13.37 13.37 21.74
CA LEU C 388 -12.16 12.60 21.45
C LEU C 388 -11.05 13.54 21.00
N CYS C 389 -9.85 13.34 21.56
CA CYS C 389 -8.67 13.94 20.97
C CYS C 389 -8.39 13.29 19.61
N ILE C 390 -7.77 14.05 18.72
CA ILE C 390 -7.58 13.63 17.34
C ILE C 390 -6.14 13.89 16.92
N GLY C 391 -5.64 13.03 16.04
CA GLY C 391 -4.36 13.31 15.40
C GLY C 391 -4.42 14.57 14.58
N GLY C 392 -3.26 15.23 14.47
CA GLY C 392 -3.22 16.53 13.83
C GLY C 392 -3.70 17.68 14.68
N GLY C 393 -4.07 17.43 15.92
CA GLY C 393 -4.47 18.49 16.82
C GLY C 393 -5.91 18.93 16.70
N MET C 394 -6.82 18.02 16.37
CA MET C 394 -8.23 18.33 16.21
C MET C 394 -9.01 17.87 17.44
N GLY C 395 -10.29 18.24 17.45
CA GLY C 395 -11.19 17.86 18.52
C GLY C 395 -12.63 17.82 18.08
N VAL C 396 -13.37 16.78 18.47
CA VAL C 396 -14.78 16.64 18.16
C VAL C 396 -15.54 16.40 19.45
N ALA C 397 -16.68 17.07 19.60
CA ALA C 397 -17.53 16.93 20.78
C ALA C 397 -18.99 16.83 20.35
N THR C 398 -19.76 16.06 21.10
CA THR C 398 -21.17 15.82 20.80
C THR C 398 -21.95 15.72 22.10
N ILE C 399 -23.14 16.32 22.11
CA ILE C 399 -24.03 16.30 23.27
C ILE C 399 -25.29 15.52 22.88
N ILE C 400 -25.61 14.48 23.63
CA ILE C 400 -26.82 13.71 23.41
C ILE C 400 -27.73 13.87 24.61
N GLU C 401 -29.03 13.73 24.38
CA GLU C 401 -30.05 13.90 25.40
C GLU C 401 -31.01 12.73 25.33
N ARG C 402 -31.22 12.05 26.45
CA ARG C 402 -32.07 10.87 26.47
C ARG C 402 -33.53 11.22 26.23
N VAL C 403 -34.21 10.38 25.46
CA VAL C 403 -35.63 10.55 25.19
C VAL C 403 -36.38 9.29 25.62
N SER D 2 -34.15 24.84 6.39
CA SER D 2 -33.27 25.33 7.46
C SER D 2 -32.55 26.59 7.03
N GLU D 3 -31.27 26.68 7.40
CA GLU D 3 -30.42 27.80 7.01
C GLU D 3 -29.81 27.51 5.64
N GLU D 4 -30.05 28.41 4.69
CA GLU D 4 -29.65 28.15 3.30
C GLU D 4 -28.13 28.12 3.17
N ALA D 5 -27.64 27.24 2.30
CA ALA D 5 -26.22 27.08 2.03
C ALA D 5 -25.90 27.70 0.68
N PHE D 6 -24.82 28.49 0.63
CA PHE D 6 -24.45 29.23 -0.57
C PHE D 6 -23.03 28.89 -0.99
N ILE D 7 -22.80 28.96 -2.29
CA ILE D 7 -21.46 28.82 -2.87
C ILE D 7 -20.86 30.22 -3.02
N TYR D 8 -19.68 30.42 -2.44
CA TYR D 8 -19.02 31.72 -2.53
C TYR D 8 -17.85 31.76 -3.49
N GLU D 9 -17.15 30.65 -3.70
CA GLU D 9 -16.13 30.55 -4.73
C GLU D 9 -15.98 29.09 -5.14
N ALA D 10 -15.54 28.89 -6.38
CA ALA D 10 -15.32 27.54 -6.90
C ALA D 10 -14.22 27.63 -7.95
N ILE D 11 -13.06 27.06 -7.64
CA ILE D 11 -11.90 27.10 -8.51
C ILE D 11 -11.33 25.70 -8.62
N ARG D 12 -10.47 25.51 -9.62
CA ARG D 12 -9.86 24.21 -9.87
C ARG D 12 -8.54 24.41 -10.59
N THR D 13 -7.68 23.41 -10.49
CA THR D 13 -6.46 23.38 -11.27
C THR D 13 -6.77 22.89 -12.68
N PRO D 14 -5.87 23.12 -13.63
CA PRO D 14 -5.97 22.41 -14.91
C PRO D 14 -5.73 20.93 -14.68
N ARG D 15 -6.18 20.13 -15.64
CA ARG D 15 -6.09 18.67 -15.54
C ARG D 15 -4.94 18.18 -16.41
N GLY D 16 -3.89 17.68 -15.77
CA GLY D 16 -2.72 17.17 -16.48
C GLY D 16 -2.87 15.70 -16.82
N LYS D 17 -2.39 15.34 -18.00
CA LYS D 17 -2.59 13.99 -18.52
C LYS D 17 -1.75 12.97 -17.75
N GLN D 18 -2.04 11.69 -18.00
CA GLN D 18 -1.43 10.61 -17.23
C GLN D 18 -0.03 10.29 -17.73
N LYS D 19 0.14 10.14 -19.05
CA LYS D 19 1.42 9.79 -19.64
C LYS D 19 2.20 11.05 -19.97
N ASN D 20 3.38 11.19 -19.36
CA ASN D 20 4.21 12.38 -19.52
C ASN D 20 3.41 13.65 -19.26
N GLY D 21 2.77 13.68 -18.09
CA GLY D 21 1.92 14.80 -17.72
C GLY D 21 2.67 15.88 -16.97
N SER D 22 2.17 17.10 -17.09
CA SER D 22 2.84 18.24 -16.46
C SER D 22 2.69 18.20 -14.94
N LEU D 23 1.60 17.64 -14.43
CA LEU D 23 1.35 17.61 -12.99
C LEU D 23 1.87 16.35 -12.32
N HIS D 24 2.60 15.50 -13.05
CA HIS D 24 3.10 14.27 -12.45
C HIS D 24 4.14 14.54 -11.37
N GLU D 25 4.92 15.61 -11.52
CA GLU D 25 5.92 15.97 -10.53
C GLU D 25 5.35 16.75 -9.36
N VAL D 26 4.03 16.97 -9.32
CA VAL D 26 3.39 17.78 -8.29
C VAL D 26 2.65 16.85 -7.33
N LYS D 27 2.98 16.94 -6.05
CA LYS D 27 2.28 16.16 -5.05
C LYS D 27 0.82 16.59 -4.96
N PRO D 28 -0.11 15.67 -4.71
CA PRO D 28 -1.52 16.06 -4.58
C PRO D 28 -1.77 17.04 -3.45
N LEU D 29 -0.97 17.00 -2.39
CA LEU D 29 -1.10 17.99 -1.33
C LEU D 29 -0.80 19.40 -1.84
N SER D 30 0.14 19.51 -2.79
CA SER D 30 0.49 20.82 -3.33
C SER D 30 -0.61 21.38 -4.21
N LEU D 31 -1.30 20.51 -4.96
CA LEU D 31 -2.40 20.97 -5.80
C LEU D 31 -3.49 21.61 -4.96
N VAL D 32 -3.73 21.11 -3.75
CA VAL D 32 -4.74 21.67 -2.88
C VAL D 32 -4.24 22.97 -2.24
N VAL D 33 -3.02 22.95 -1.73
CA VAL D 33 -2.45 24.15 -1.10
C VAL D 33 -2.39 25.29 -2.11
N GLY D 34 -2.07 24.99 -3.36
CA GLY D 34 -2.03 26.02 -4.38
C GLY D 34 -3.39 26.68 -4.58
N LEU D 35 -4.46 25.91 -4.47
CA LEU D 35 -5.79 26.48 -4.60
C LEU D 35 -6.17 27.29 -3.37
N ILE D 36 -5.73 26.84 -2.18
CA ILE D 36 -5.98 27.61 -0.97
C ILE D 36 -5.29 28.97 -1.05
N ASP D 37 -4.05 29.00 -1.54
CA ASP D 37 -3.32 30.25 -1.64
C ASP D 37 -3.96 31.20 -2.63
N GLU D 38 -4.61 30.67 -3.68
CA GLU D 38 -5.31 31.53 -4.62
C GLU D 38 -6.52 32.18 -3.97
N LEU D 39 -7.23 31.44 -3.11
CA LEU D 39 -8.36 32.02 -2.40
C LEU D 39 -7.92 33.17 -1.49
N ARG D 40 -6.76 33.03 -0.85
CA ARG D 40 -6.22 34.13 -0.05
C ARG D 40 -5.89 35.33 -0.93
N LYS D 41 -5.42 35.09 -2.15
CA LYS D 41 -5.11 36.18 -3.06
C LYS D 41 -6.37 36.95 -3.45
N ARG D 42 -7.48 36.23 -3.66
CA ARG D 42 -8.72 36.85 -4.09
C ARG D 42 -9.48 37.53 -2.95
N HIS D 43 -9.25 37.10 -1.71
CA HIS D 43 -9.94 37.67 -0.55
C HIS D 43 -8.99 37.67 0.64
N PRO D 44 -8.07 38.65 0.69
CA PRO D 44 -7.03 38.61 1.74
C PRO D 44 -7.55 38.91 3.13
N ASP D 45 -8.62 39.69 3.26
CA ASP D 45 -9.11 40.13 4.56
C ASP D 45 -10.14 39.19 5.16
N LEU D 46 -10.28 37.97 4.64
CA LEU D 46 -11.21 37.00 5.20
C LEU D 46 -10.64 36.41 6.48
N ASP D 47 -11.43 36.42 7.54
CA ASP D 47 -11.03 35.82 8.81
C ASP D 47 -11.09 34.30 8.65
N GLU D 48 -9.92 33.68 8.49
CA GLU D 48 -9.86 32.24 8.30
C GLU D 48 -10.30 31.45 9.52
N ASN D 49 -10.40 32.10 10.69
CA ASN D 49 -10.86 31.40 11.89
C ASN D 49 -12.34 31.03 11.81
N LEU D 50 -13.09 31.66 10.92
CA LEU D 50 -14.49 31.30 10.73
C LEU D 50 -14.67 30.09 9.82
N ILE D 51 -13.61 29.60 9.20
CA ILE D 51 -13.67 28.36 8.44
C ILE D 51 -13.63 27.21 9.43
N SER D 52 -14.76 26.51 9.58
CA SER D 52 -14.91 25.52 10.64
C SER D 52 -14.56 24.10 10.20
N ASP D 53 -14.45 23.84 8.90
CA ASP D 53 -14.13 22.50 8.45
C ASP D 53 -13.66 22.54 7.00
N VAL D 54 -12.80 21.58 6.65
CA VAL D 54 -12.28 21.41 5.30
C VAL D 54 -12.55 19.97 4.89
N ILE D 55 -13.41 19.78 3.89
CA ILE D 55 -13.84 18.46 3.45
C ILE D 55 -13.32 18.23 2.04
N LEU D 56 -12.55 17.17 1.86
CA LEU D 56 -11.95 16.84 0.57
C LEU D 56 -12.32 15.41 0.18
N GLY D 57 -12.76 15.25 -1.07
CA GLY D 57 -13.02 13.94 -1.62
C GLY D 57 -11.75 13.34 -2.21
N CYS D 58 -11.58 12.03 -2.01
CA CYS D 58 -10.40 11.33 -2.50
C CYS D 58 -10.73 9.86 -2.59
N VAL D 59 -10.55 9.26 -3.77
CA VAL D 59 -10.97 7.88 -3.98
C VAL D 59 -9.86 6.89 -3.62
N SER D 60 -8.60 7.24 -3.84
CA SER D 60 -7.47 6.38 -3.52
C SER D 60 -6.61 7.05 -2.45
N PRO D 61 -7.08 7.09 -1.20
CA PRO D 61 -6.33 7.82 -0.15
C PRO D 61 -5.17 6.99 0.41
N VAL D 62 -4.17 6.78 -0.44
CA VAL D 62 -2.97 6.01 -0.09
C VAL D 62 -1.74 6.80 -0.52
N GLY D 63 -0.62 6.54 0.15
CA GLY D 63 0.64 7.18 -0.15
C GLY D 63 0.60 8.69 -0.05
N ASP D 64 0.83 9.38 -1.16
CA ASP D 64 0.74 10.83 -1.18
C ASP D 64 -0.66 11.34 -0.88
N GLN D 65 -1.67 10.48 -0.89
CA GLN D 65 -3.05 10.89 -0.62
C GLN D 65 -3.61 10.28 0.66
N GLY D 66 -2.80 9.62 1.46
CA GLY D 66 -3.25 9.04 2.71
C GLY D 66 -3.05 9.98 3.89
N GLY D 67 -3.53 9.53 5.04
CA GLY D 67 -3.35 10.29 6.27
C GLY D 67 -4.18 11.56 6.36
N ASP D 68 -5.42 11.53 5.86
CA ASP D 68 -6.33 12.68 5.92
C ASP D 68 -5.70 13.90 5.26
N ILE D 69 -5.65 13.83 3.93
CA ILE D 69 -5.03 14.90 3.15
C ILE D 69 -5.74 16.23 3.36
N ALA D 70 -7.01 16.21 3.78
CA ALA D 70 -7.71 17.45 4.08
C ALA D 70 -7.07 18.15 5.28
N ARG D 71 -6.75 17.40 6.34
CA ARG D 71 -6.08 17.98 7.48
C ARG D 71 -4.67 18.44 7.13
N ALA D 72 -3.98 17.67 6.28
CA ALA D 72 -2.64 18.05 5.84
C ALA D 72 -2.66 19.40 5.13
N ALA D 73 -3.68 19.63 4.28
CA ALA D 73 -3.78 20.91 3.59
C ALA D 73 -3.98 22.05 4.57
N VAL D 74 -4.72 21.80 5.65
CA VAL D 74 -4.94 22.85 6.66
C VAL D 74 -3.63 23.24 7.32
N LEU D 75 -2.85 22.24 7.74
CA LEU D 75 -1.60 22.55 8.45
C LEU D 75 -0.52 23.06 7.50
N ALA D 76 -0.45 22.49 6.30
CA ALA D 76 0.61 22.87 5.37
C ALA D 76 0.41 24.30 4.86
N SER D 77 -0.83 24.68 4.60
CA SER D 77 -1.12 26.03 4.11
C SER D 77 -1.23 27.06 5.23
N GLY D 78 -0.94 26.67 6.46
CA GLY D 78 -0.99 27.62 7.55
C GLY D 78 -2.38 28.08 7.93
N MET D 79 -3.42 27.35 7.54
CA MET D 79 -4.77 27.68 7.96
C MET D 79 -4.90 27.52 9.47
N PRO D 80 -5.89 28.18 10.08
CA PRO D 80 -6.06 28.06 11.54
C PRO D 80 -6.23 26.60 11.95
N VAL D 81 -5.68 26.27 13.11
CA VAL D 81 -5.68 24.88 13.57
C VAL D 81 -7.07 24.41 13.98
N THR D 82 -8.04 25.31 14.07
CA THR D 82 -9.42 24.96 14.38
C THR D 82 -10.24 24.65 13.14
N SER D 83 -9.62 24.64 11.96
CA SER D 83 -10.35 24.47 10.71
C SER D 83 -10.56 23.01 10.33
N GLY D 84 -10.22 22.07 11.20
CA GLY D 84 -10.56 20.68 10.98
C GLY D 84 -9.85 20.09 9.78
N GLY D 85 -10.57 19.25 9.04
CA GLY D 85 -10.01 18.55 7.90
C GLY D 85 -10.38 17.08 7.89
N VAL D 86 -11.22 16.67 6.94
CA VAL D 86 -11.70 15.29 6.86
C VAL D 86 -11.73 14.87 5.39
N GLN D 87 -11.28 13.65 5.13
CA GLN D 87 -11.34 13.05 3.81
C GLN D 87 -12.50 12.06 3.74
N LEU D 88 -13.21 12.06 2.61
CA LEU D 88 -14.27 11.10 2.38
C LEU D 88 -14.13 10.48 1.00
N ASN D 89 -14.66 9.27 0.85
CA ASN D 89 -14.58 8.52 -0.40
C ASN D 89 -15.96 7.96 -0.73
N ARG D 90 -16.59 8.52 -1.77
CA ARG D 90 -17.77 7.90 -2.37
C ARG D 90 -17.51 7.68 -3.86
N PHE D 91 -16.34 7.14 -4.18
CA PHE D 91 -15.92 6.89 -5.55
C PHE D 91 -16.02 8.16 -6.41
N ALA D 93 -18.16 10.25 -7.16
CA ALA D 93 -18.93 11.41 -6.68
C ALA D 93 -18.31 12.05 -5.45
N SER D 94 -17.07 11.64 -5.13
CA SER D 94 -16.44 12.12 -3.90
C SER D 94 -16.34 13.64 -3.88
N GLY D 95 -16.04 14.26 -5.03
CA GLY D 95 -15.95 15.71 -5.06
C GLY D 95 -17.29 16.39 -4.80
N LEU D 96 -18.37 15.86 -5.39
CA LEU D 96 -19.68 16.45 -5.16
C LEU D 96 -20.23 16.08 -3.79
N GLU D 97 -19.86 14.92 -3.26
CA GLU D 97 -20.30 14.55 -1.93
C GLU D 97 -19.69 15.47 -0.88
N ALA D 98 -18.45 15.90 -1.07
CA ALA D 98 -17.84 16.86 -0.16
C ALA D 98 -18.59 18.18 -0.18
N VAL D 99 -18.95 18.66 -1.37
CA VAL D 99 -19.75 19.88 -1.48
C VAL D 99 -21.12 19.67 -0.83
N ASN D 100 -21.76 18.55 -1.13
CA ASN D 100 -23.07 18.26 -0.55
C ASN D 100 -22.99 18.17 0.98
N THR D 101 -21.97 17.49 1.50
CA THR D 101 -21.82 17.38 2.94
C THR D 101 -21.53 18.73 3.58
N ALA D 102 -20.67 19.53 2.94
CA ALA D 102 -20.43 20.89 3.42
C ALA D 102 -21.73 21.68 3.46
N ALA D 103 -22.54 21.58 2.40
CA ALA D 103 -23.81 22.30 2.36
C ALA D 103 -24.74 21.83 3.48
N GLN D 104 -24.80 20.51 3.71
CA GLN D 104 -25.69 19.99 4.74
C GLN D 104 -25.20 20.33 6.14
N LYS D 105 -23.88 20.42 6.33
CA LYS D 105 -23.37 20.87 7.63
C LYS D 105 -23.74 22.32 7.89
N VAL D 106 -23.69 23.16 6.86
CA VAL D 106 -24.13 24.54 7.00
C VAL D 106 -25.61 24.60 7.32
N ARG D 107 -26.41 23.78 6.63
CA ARG D 107 -27.86 23.81 6.84
C ARG D 107 -28.24 23.33 8.23
N SER D 108 -27.39 22.50 8.86
CA SER D 108 -27.69 22.05 10.22
C SER D 108 -27.49 23.17 11.24
N GLY D 109 -26.69 24.19 10.92
CA GLY D 109 -26.44 25.30 11.80
C GLY D 109 -25.19 25.17 12.65
N TRP D 110 -24.66 23.97 12.79
CA TRP D 110 -23.50 23.72 13.65
C TRP D 110 -22.17 23.92 12.92
N ASP D 111 -22.20 24.45 11.70
CA ASP D 111 -21.01 24.84 10.97
C ASP D 111 -21.30 26.17 10.28
N ASP D 112 -20.31 27.05 10.24
CA ASP D 112 -20.48 28.38 9.67
C ASP D 112 -20.00 28.45 8.23
N LEU D 113 -18.72 28.15 8.00
CA LEU D 113 -18.08 28.33 6.70
C LEU D 113 -17.22 27.10 6.45
N VAL D 114 -17.58 26.31 5.44
CA VAL D 114 -16.93 25.03 5.17
C VAL D 114 -16.24 25.10 3.81
N LEU D 115 -15.00 24.62 3.76
CA LEU D 115 -14.23 24.56 2.53
C LEU D 115 -14.31 23.13 1.99
N ALA D 116 -14.92 22.97 0.82
CA ALA D 116 -15.13 21.67 0.22
C ALA D 116 -14.37 21.55 -1.08
N GLY D 117 -14.18 20.31 -1.53
CA GLY D 117 -13.49 20.06 -2.78
C GLY D 117 -12.99 18.63 -2.84
N GLY D 118 -12.01 18.41 -3.71
CA GLY D 118 -11.43 17.09 -3.88
C GLY D 118 -10.09 17.18 -4.57
N VAL D 119 -9.35 16.07 -4.51
CA VAL D 119 -8.02 15.99 -5.09
C VAL D 119 -7.78 14.56 -5.55
N GLU D 120 -7.11 14.42 -6.70
CA GLU D 120 -6.74 13.10 -7.20
C GLU D 120 -5.58 13.25 -8.16
N SER D 121 -4.45 12.61 -7.84
CA SER D 121 -3.28 12.58 -8.70
C SER D 121 -3.14 11.14 -9.22
N MET D 122 -3.89 10.83 -10.27
CA MET D 122 -3.95 9.46 -10.78
C MET D 122 -2.66 9.02 -11.46
N SER D 123 -1.76 9.94 -11.78
CA SER D 123 -0.45 9.55 -12.31
C SER D 123 0.51 9.16 -11.20
N ARG D 124 0.23 9.53 -9.96
CA ARG D 124 1.04 9.16 -8.81
C ARG D 124 0.39 8.13 -7.92
N VAL D 125 -0.91 8.24 -7.69
CA VAL D 125 -1.67 7.25 -6.93
C VAL D 125 -2.74 6.68 -7.85
N PRO D 126 -2.43 5.65 -8.64
CA PRO D 126 -3.39 5.16 -9.64
C PRO D 126 -4.63 4.56 -9.00
N MET D 127 -5.69 4.48 -9.82
CA MET D 127 -6.93 3.89 -9.38
C MET D 127 -6.72 2.44 -8.96
N GLY D 128 -7.17 2.10 -7.76
CA GLY D 128 -7.01 0.77 -7.22
C GLY D 128 -5.88 0.61 -6.22
N SER D 129 -5.10 1.67 -5.98
CA SER D 129 -3.96 1.57 -5.08
C SER D 129 -4.38 1.25 -3.65
N ASP D 130 -5.61 1.55 -3.27
CA ASP D 130 -6.08 1.29 -1.91
C ASP D 130 -6.53 -0.16 -1.69
N GLY D 131 -6.44 -1.00 -2.71
CA GLY D 131 -6.88 -2.38 -2.60
C GLY D 131 -8.37 -2.54 -2.82
N GLY D 132 -9.13 -2.64 -1.73
CA GLY D 132 -10.57 -2.77 -1.84
C GLY D 132 -11.13 -3.92 -1.01
N ALA D 133 -12.05 -3.60 -0.10
CA ALA D 133 -12.64 -4.62 0.76
C ALA D 133 -13.39 -5.67 -0.05
N MET D 134 -13.88 -5.30 -1.24
CA MET D 134 -14.61 -6.25 -2.07
C MET D 134 -13.67 -7.12 -2.90
N GLY D 135 -12.64 -6.52 -3.48
CA GLY D 135 -11.73 -7.26 -4.35
C GLY D 135 -10.83 -8.24 -3.63
N LEU D 136 -10.77 -8.17 -2.30
CA LEU D 136 -9.90 -9.04 -1.50
C LEU D 136 -10.68 -10.09 -0.73
N ASP D 137 -12.00 -10.17 -0.91
CA ASP D 137 -12.84 -11.16 -0.25
C ASP D 137 -13.57 -11.95 -1.33
N PRO D 138 -12.97 -13.02 -1.86
CA PRO D 138 -13.60 -13.74 -2.97
C PRO D 138 -14.90 -14.41 -2.61
N ALA D 139 -15.11 -14.75 -1.33
CA ALA D 139 -16.32 -15.45 -0.94
C ALA D 139 -17.57 -14.63 -1.23
N THR D 140 -17.49 -13.32 -1.04
CA THR D 140 -18.61 -12.43 -1.34
C THR D 140 -18.43 -11.67 -2.65
N ASN D 141 -17.20 -11.51 -3.13
CA ASN D 141 -16.97 -10.99 -4.48
C ASN D 141 -17.53 -11.91 -5.55
N TYR D 142 -17.88 -13.15 -5.19
CA TYR D 142 -18.46 -14.09 -6.13
C TYR D 142 -19.95 -13.85 -6.34
N ASP D 143 -20.66 -13.36 -5.31
CA ASP D 143 -22.08 -13.10 -5.42
C ASP D 143 -22.39 -11.71 -5.96
N VAL D 144 -21.56 -10.71 -5.64
CA VAL D 144 -21.77 -9.38 -6.18
C VAL D 144 -21.52 -9.33 -7.68
N MET D 145 -20.74 -10.29 -8.19
CA MET D 145 -20.47 -10.42 -9.62
C MET D 145 -19.88 -9.13 -10.18
N PHE D 146 -18.78 -8.69 -9.56
CA PHE D 146 -18.16 -7.42 -9.93
C PHE D 146 -17.76 -7.42 -11.39
N VAL D 147 -18.13 -6.36 -12.10
CA VAL D 147 -17.82 -6.18 -13.50
C VAL D 147 -17.28 -4.77 -13.68
N PRO D 148 -16.10 -4.61 -14.29
CA PRO D 148 -15.51 -3.26 -14.41
C PRO D 148 -16.41 -2.29 -15.15
N GLN D 149 -16.13 -1.00 -14.95
CA GLN D 149 -17.03 0.05 -15.43
C GLN D 149 -17.17 0.03 -16.95
N SER D 150 -16.12 -0.37 -17.67
CA SER D 150 -16.17 -0.30 -19.13
C SER D 150 -17.14 -1.31 -19.72
N ILE D 151 -17.31 -2.47 -19.09
CA ILE D 151 -18.22 -3.47 -19.62
C ILE D 151 -19.67 -3.09 -19.31
N GLY D 152 -19.90 -2.48 -18.15
CA GLY D 152 -21.23 -1.95 -17.86
C GLY D 152 -21.66 -0.90 -18.86
N ALA D 153 -20.73 -0.01 -19.24
CA ALA D 153 -21.04 0.99 -20.25
C ALA D 153 -21.30 0.35 -21.61
N ASP D 154 -20.51 -0.65 -21.97
CA ASP D 154 -20.79 -1.40 -23.20
C ASP D 154 -22.15 -2.08 -23.12
N LEU D 155 -22.50 -2.58 -21.93
CA LEU D 155 -23.80 -3.22 -21.76
C LEU D 155 -24.93 -2.20 -21.91
N ILE D 156 -24.73 -0.98 -21.40
CA ILE D 156 -25.72 0.08 -21.58
C ILE D 156 -25.92 0.36 -23.07
N ALA D 157 -24.82 0.48 -23.82
CA ALA D 157 -24.93 0.75 -25.24
C ALA D 157 -25.62 -0.39 -25.98
N THR D 158 -25.46 -1.62 -25.49
CA THR D 158 -26.10 -2.76 -26.14
C THR D 158 -27.61 -2.74 -25.89
N ILE D 159 -28.02 -2.52 -24.65
CA ILE D 159 -29.44 -2.55 -24.31
C ILE D 159 -30.16 -1.36 -24.95
N GLU D 160 -29.64 -0.15 -24.75
CA GLU D 160 -30.29 1.04 -25.30
C GLU D 160 -30.11 1.16 -26.81
N GLY D 161 -29.14 0.44 -27.38
CA GLY D 161 -28.95 0.47 -28.82
C GLY D 161 -28.11 1.61 -29.34
N PHE D 162 -27.04 1.97 -28.62
CA PHE D 162 -26.16 3.04 -29.05
C PHE D 162 -25.04 2.44 -29.90
N SER D 163 -24.93 2.89 -31.14
CA SER D 163 -23.95 2.35 -32.05
C SER D 163 -22.55 2.89 -31.73
N ARG D 164 -21.54 2.28 -32.36
CA ARG D 164 -20.18 2.76 -32.21
C ARG D 164 -20.05 4.20 -32.71
N GLU D 165 -20.75 4.53 -33.80
CA GLU D 165 -20.76 5.91 -34.27
C GLU D 165 -21.53 6.83 -33.34
N ASP D 166 -22.54 6.29 -32.64
CA ASP D 166 -23.32 7.12 -31.72
C ASP D 166 -22.46 7.63 -30.56
N VAL D 167 -21.70 6.73 -29.94
CA VAL D 167 -20.90 7.14 -28.79
C VAL D 167 -19.69 7.95 -29.22
N ASP D 168 -19.18 7.72 -30.43
CA ASP D 168 -18.07 8.52 -30.93
C ASP D 168 -18.53 9.90 -31.40
N ALA D 169 -19.81 10.03 -31.78
CA ALA D 169 -20.33 11.34 -32.12
C ALA D 169 -20.42 12.23 -30.89
N TYR D 170 -20.86 11.66 -29.76
CA TYR D 170 -20.87 12.43 -28.51
C TYR D 170 -19.45 12.77 -28.07
N ALA D 171 -18.51 11.86 -28.28
CA ALA D 171 -17.12 12.15 -27.92
C ALA D 171 -16.58 13.33 -28.73
N LEU D 172 -17.02 13.47 -29.98
CA LEU D 172 -16.55 14.56 -30.82
C LEU D 172 -17.07 15.91 -30.31
N ARG D 173 -18.35 15.99 -29.96
CA ARG D 173 -18.91 17.26 -29.50
C ARG D 173 -18.38 17.63 -28.11
N SER D 174 -17.97 16.66 -27.31
CA SER D 174 -17.33 16.99 -26.04
C SER D 174 -15.98 17.65 -26.26
N GLN D 175 -15.18 17.11 -27.19
CA GLN D 175 -13.93 17.74 -27.55
C GLN D 175 -14.15 19.11 -28.19
N GLN D 176 -15.23 19.24 -28.97
CA GLN D 176 -15.52 20.52 -29.63
C GLN D 176 -15.97 21.58 -28.64
N LYS D 177 -16.95 21.25 -27.80
CA LYS D 177 -17.46 22.22 -26.84
C LYS D 177 -16.41 22.60 -25.81
N ALA D 178 -15.54 21.66 -25.42
CA ALA D 178 -14.46 22.00 -24.50
C ALA D 178 -13.48 22.96 -25.14
N ALA D 179 -13.16 22.74 -26.43
CA ALA D 179 -12.26 23.65 -27.13
C ALA D 179 -12.88 25.03 -27.28
N GLU D 180 -14.18 25.10 -27.54
CA GLU D 180 -14.85 26.39 -27.67
C GLU D 180 -14.90 27.13 -26.33
N ALA D 181 -15.02 26.39 -25.22
CA ALA D 181 -15.06 27.04 -23.92
C ALA D 181 -13.69 27.63 -23.55
N TRP D 182 -12.61 26.91 -23.84
CA TRP D 182 -11.28 27.44 -23.58
C TRP D 182 -10.97 28.64 -24.47
N SER D 183 -11.36 28.56 -25.75
CA SER D 183 -11.11 29.67 -26.65
C SER D 183 -11.97 30.88 -26.33
N GLY D 184 -13.19 30.65 -25.84
CA GLY D 184 -14.07 31.76 -25.49
C GLY D 184 -13.73 32.47 -24.20
N GLY D 185 -12.78 31.94 -23.43
CA GLY D 185 -12.41 32.52 -22.16
C GLY D 185 -13.30 32.14 -21.01
N TYR D 186 -14.15 31.13 -21.17
CA TYR D 186 -15.10 30.75 -20.11
C TYR D 186 -14.37 30.35 -18.84
N PHE D 187 -13.23 29.66 -18.99
CA PHE D 187 -12.51 29.08 -17.86
C PHE D 187 -11.42 30.00 -17.32
N ALA D 188 -11.42 31.28 -17.71
CA ALA D 188 -10.31 32.16 -17.32
C ALA D 188 -10.30 32.41 -15.82
N LYS D 189 -11.47 32.58 -15.21
CA LYS D 189 -11.53 32.92 -13.79
C LYS D 189 -11.33 31.71 -12.89
N SER D 190 -11.68 30.52 -13.36
CA SER D 190 -11.81 29.36 -12.47
C SER D 190 -10.64 28.39 -12.53
N VAL D 191 -9.91 28.32 -13.64
CA VAL D 191 -8.77 27.41 -13.77
C VAL D 191 -7.53 28.17 -13.29
N VAL D 192 -7.02 27.78 -12.12
CA VAL D 192 -5.86 28.43 -11.52
C VAL D 192 -4.61 27.67 -11.95
N PRO D 193 -3.70 28.29 -12.71
CA PRO D 193 -2.50 27.57 -13.14
C PRO D 193 -1.67 27.11 -11.95
N VAL D 194 -0.96 26.00 -12.15
CA VAL D 194 -0.12 25.39 -11.13
C VAL D 194 1.30 25.90 -11.31
N ARG D 195 1.92 26.33 -10.22
CA ARG D 195 3.28 26.86 -10.23
C ARG D 195 4.10 26.18 -9.14
N ASP D 196 5.42 26.22 -9.32
CA ASP D 196 6.33 25.57 -8.41
C ASP D 196 6.68 26.51 -7.26
N GLN D 197 7.62 26.10 -6.41
CA GLN D 197 8.04 26.92 -5.27
C GLN D 197 8.79 28.18 -5.68
N ASN D 198 9.08 28.35 -6.98
CA ASN D 198 9.73 29.55 -7.48
C ASN D 198 8.79 30.43 -8.29
N GLY D 199 7.52 30.04 -8.43
CA GLY D 199 6.60 30.77 -9.27
C GLY D 199 6.64 30.42 -10.74
N LEU D 200 7.50 29.47 -11.14
CA LEU D 200 7.57 29.08 -12.54
C LEU D 200 6.33 28.29 -12.92
N LEU D 201 5.86 28.51 -14.15
CA LEU D 201 4.65 27.85 -14.61
C LEU D 201 4.91 26.36 -14.83
N ILE D 202 3.95 25.54 -14.41
CA ILE D 202 3.97 24.09 -14.65
C ILE D 202 2.87 23.68 -15.61
N LEU D 203 1.66 24.19 -15.41
CA LEU D 203 0.54 23.85 -16.27
C LEU D 203 -0.53 24.91 -16.13
N ASP D 204 -1.12 25.31 -17.27
CA ASP D 204 -2.17 26.33 -17.26
C ASP D 204 -3.35 25.94 -18.14
N HIS D 205 -3.46 24.67 -18.54
CA HIS D 205 -4.54 24.25 -19.43
C HIS D 205 -4.75 22.76 -19.27
N ASP D 206 -5.94 22.30 -19.66
CA ASP D 206 -6.29 20.89 -19.59
C ASP D 206 -5.62 20.18 -20.76
N GLU D 207 -4.44 19.61 -20.49
CA GLU D 207 -3.60 19.07 -21.56
C GLU D 207 -4.06 17.72 -22.07
N HIS D 208 -5.13 17.14 -21.52
CA HIS D 208 -5.69 15.92 -22.07
C HIS D 208 -6.57 16.18 -23.29
N MET D 209 -6.89 17.44 -23.57
CA MET D 209 -7.78 17.77 -24.68
C MET D 209 -7.10 17.47 -26.01
N ARG D 210 -7.85 16.86 -26.92
CA ARG D 210 -7.44 16.64 -28.30
C ARG D 210 -8.42 17.41 -29.17
N PRO D 211 -8.21 18.71 -29.38
CA PRO D 211 -9.22 19.52 -30.06
C PRO D 211 -9.27 19.28 -31.57
N ASP D 212 -8.26 18.65 -32.15
CA ASP D 212 -8.28 18.28 -33.56
C ASP D 212 -8.87 16.90 -33.79
N THR D 213 -9.79 16.46 -32.92
CA THR D 213 -10.42 15.16 -33.06
C THR D 213 -11.34 15.15 -34.28
N THR D 214 -11.33 14.03 -34.99
CA THR D 214 -12.16 13.85 -36.18
C THR D 214 -13.00 12.59 -36.03
N LYS D 215 -14.13 12.56 -36.76
CA LYS D 215 -14.98 11.37 -36.76
C LYS D 215 -14.22 10.16 -37.28
N GLU D 216 -13.41 10.35 -38.32
CA GLU D 216 -12.63 9.24 -38.87
C GLU D 216 -11.58 8.75 -37.88
N GLY D 217 -10.93 9.67 -37.16
CA GLY D 217 -9.91 9.27 -36.21
C GLY D 217 -10.47 8.47 -35.05
N LEU D 218 -11.65 8.85 -34.56
CA LEU D 218 -12.27 8.11 -33.47
C LEU D 218 -12.67 6.70 -33.91
N ALA D 219 -13.00 6.52 -35.19
CA ALA D 219 -13.38 5.20 -35.67
C ALA D 219 -12.21 4.23 -35.75
N LYS D 220 -10.97 4.74 -35.71
CA LYS D 220 -9.81 3.87 -35.80
C LYS D 220 -9.40 3.29 -34.45
N LEU D 221 -9.90 3.83 -33.35
CA LEU D 221 -9.50 3.36 -32.03
C LEU D 221 -10.06 1.96 -31.76
N LYS D 222 -9.33 1.20 -30.97
CA LYS D 222 -9.77 -0.15 -30.64
C LYS D 222 -10.44 -0.18 -29.27
N PRO D 223 -11.50 -0.97 -29.12
CA PRO D 223 -12.19 -1.05 -27.83
C PRO D 223 -11.31 -1.64 -26.75
N ALA D 224 -11.75 -1.46 -25.50
CA ALA D 224 -11.02 -1.99 -24.35
C ALA D 224 -11.12 -3.52 -24.30
N GLY D 233 -13.20 -13.20 -16.70
CA GLY D 233 -14.30 -13.35 -17.64
C GLY D 233 -15.53 -12.59 -17.20
N PHE D 234 -15.48 -11.26 -17.29
CA PHE D 234 -16.57 -10.43 -16.80
C PHE D 234 -17.74 -10.39 -17.76
N ASP D 235 -17.48 -10.47 -19.07
CA ASP D 235 -18.56 -10.47 -20.05
C ASP D 235 -19.52 -11.62 -19.80
N ASP D 236 -18.99 -12.82 -19.56
CA ASP D 236 -19.81 -13.96 -19.20
C ASP D 236 -20.58 -13.71 -17.92
N VAL D 237 -19.93 -13.07 -16.94
CA VAL D 237 -20.57 -12.82 -15.66
C VAL D 237 -21.68 -11.79 -15.80
N ALA D 238 -21.45 -10.74 -16.58
CA ALA D 238 -22.49 -9.73 -16.78
C ALA D 238 -23.72 -10.32 -17.44
N LEU D 239 -23.52 -11.17 -18.45
CA LEU D 239 -24.64 -11.83 -19.13
C LEU D 239 -25.30 -12.89 -18.28
N GLN D 240 -24.68 -13.33 -17.18
CA GLN D 240 -25.35 -14.24 -16.27
C GLN D 240 -26.48 -13.53 -15.50
N LYS D 241 -26.30 -12.25 -15.20
CA LYS D 241 -27.40 -11.49 -14.60
C LYS D 241 -28.32 -10.93 -15.67
N TYR D 242 -27.77 -10.39 -16.75
CA TYR D 242 -28.56 -9.91 -17.88
C TYR D 242 -28.67 -11.02 -18.92
N HIS D 243 -29.47 -12.03 -18.55
CA HIS D 243 -29.50 -13.27 -19.33
C HIS D 243 -30.27 -13.14 -20.62
N TRP D 244 -31.14 -12.13 -20.76
CA TRP D 244 -31.84 -11.93 -22.02
C TRP D 244 -30.95 -11.29 -23.09
N VAL D 245 -29.73 -10.89 -22.74
CA VAL D 245 -28.80 -10.29 -23.68
C VAL D 245 -27.84 -11.37 -24.17
N GLU D 246 -27.71 -11.50 -25.49
CA GLU D 246 -26.88 -12.56 -26.04
C GLU D 246 -25.42 -12.15 -26.14
N LYS D 247 -25.16 -11.01 -26.79
CA LYS D 247 -23.80 -10.53 -27.02
C LYS D 247 -23.70 -9.07 -26.57
N ILE D 248 -22.57 -8.72 -25.97
CA ILE D 248 -22.29 -7.35 -25.56
C ILE D 248 -21.51 -6.66 -26.67
N ASN D 249 -22.02 -5.53 -27.14
CA ASN D 249 -21.38 -4.76 -28.20
C ASN D 249 -20.37 -3.81 -27.56
N HIS D 250 -19.09 -4.14 -27.64
CA HIS D 250 -18.03 -3.34 -27.03
C HIS D 250 -17.75 -2.15 -27.93
N VAL D 251 -18.25 -0.98 -27.53
CA VAL D 251 -18.16 0.22 -28.36
C VAL D 251 -17.29 1.31 -27.75
N HIS D 252 -16.85 1.15 -26.51
CA HIS D 252 -16.12 2.21 -25.82
C HIS D 252 -14.62 2.04 -25.99
N THR D 253 -13.96 3.11 -26.41
CA THR D 253 -12.51 3.17 -26.57
C THR D 253 -11.95 4.26 -25.65
N GLY D 254 -10.68 4.57 -25.84
CA GLY D 254 -10.07 5.66 -25.07
C GLY D 254 -10.46 7.04 -25.56
N GLY D 255 -11.18 7.13 -26.66
CA GLY D 255 -11.57 8.41 -27.23
C GLY D 255 -12.98 8.82 -26.89
N ASN D 256 -13.78 7.89 -26.37
CA ASN D 256 -15.14 8.18 -25.90
C ASN D 256 -15.33 7.81 -24.44
N SER D 257 -14.24 7.66 -23.70
CA SER D 257 -14.28 7.40 -22.27
C SER D 257 -13.52 8.51 -21.55
N SER D 258 -13.79 8.63 -20.25
CA SER D 258 -13.13 9.64 -19.44
C SER D 258 -11.62 9.42 -19.43
N GLY D 259 -10.88 10.52 -19.32
CA GLY D 259 -9.44 10.45 -19.31
C GLY D 259 -8.85 10.39 -17.91
N ILE D 260 -7.75 9.66 -17.79
CA ILE D 260 -7.01 9.58 -16.53
C ILE D 260 -6.13 10.81 -16.42
N VAL D 261 -6.36 11.64 -15.40
CA VAL D 261 -5.67 12.92 -15.24
C VAL D 261 -5.40 13.18 -13.76
N ASP D 262 -4.63 14.24 -13.51
CA ASP D 262 -4.39 14.77 -12.18
C ASP D 262 -5.08 16.13 -12.05
N GLY D 263 -5.60 16.42 -10.87
CA GLY D 263 -6.27 17.70 -10.66
C GLY D 263 -6.81 17.81 -9.25
N ALA D 264 -7.27 19.01 -8.93
CA ALA D 264 -7.87 19.32 -7.64
C ALA D 264 -8.81 20.51 -7.82
N ALA D 265 -9.74 20.64 -6.88
CA ALA D 265 -10.75 21.69 -6.94
C ALA D 265 -11.21 22.03 -5.53
N LEU D 266 -11.64 23.28 -5.35
CA LEU D 266 -12.16 23.77 -4.08
C LEU D 266 -13.47 24.53 -4.30
N VAL D 267 -14.39 24.38 -3.35
CA VAL D 267 -15.65 25.12 -3.34
C VAL D 267 -15.88 25.61 -1.92
N MET D 268 -15.98 26.93 -1.76
CA MET D 268 -16.26 27.52 -0.45
C MET D 268 -17.78 27.62 -0.26
N ILE D 269 -18.26 27.06 0.85
CA ILE D 269 -19.69 26.99 1.12
C ILE D 269 -19.95 27.55 2.51
N GLY D 270 -20.95 28.42 2.63
CA GLY D 270 -21.29 29.00 3.92
C GLY D 270 -22.71 29.52 3.92
N SER D 271 -23.15 29.88 5.12
CA SER D 271 -24.49 30.43 5.29
C SER D 271 -24.53 31.88 4.79
N ALA D 272 -25.75 32.43 4.76
CA ALA D 272 -25.91 33.84 4.41
C ALA D 272 -25.27 34.74 5.47
N ALA D 273 -25.41 34.37 6.73
CA ALA D 273 -24.80 35.15 7.81
C ALA D 273 -23.28 35.12 7.73
N ALA D 274 -22.71 33.96 7.40
CA ALA D 274 -21.25 33.85 7.33
C ALA D 274 -20.68 34.70 6.21
N GLY D 275 -21.42 34.84 5.10
CA GLY D 275 -20.93 35.67 4.01
C GLY D 275 -21.02 37.15 4.32
N LYS D 276 -22.14 37.58 4.90
CA LYS D 276 -22.31 38.99 5.23
C LYS D 276 -21.30 39.44 6.28
N LEU D 277 -20.92 38.54 7.20
CA LEU D 277 -19.95 38.89 8.22
C LEU D 277 -18.55 39.10 7.64
N GLN D 278 -18.23 38.41 6.56
CA GLN D 278 -16.93 38.53 5.90
C GLN D 278 -16.97 39.42 4.67
N GLY D 279 -18.10 40.06 4.38
CA GLY D 279 -18.21 40.89 3.20
C GLY D 279 -18.13 40.13 1.90
N LEU D 280 -18.69 38.93 1.85
CA LEU D 280 -18.68 38.10 0.65
C LEU D 280 -20.03 38.13 -0.03
N THR D 281 -20.01 37.86 -1.34
CA THR D 281 -21.22 37.86 -2.15
C THR D 281 -21.48 36.46 -2.68
N PRO D 282 -22.64 35.86 -2.38
CA PRO D 282 -22.91 34.51 -2.87
C PRO D 282 -23.03 34.48 -4.38
N ARG D 283 -22.45 33.44 -4.98
CA ARG D 283 -22.54 33.25 -6.43
C ARG D 283 -23.69 32.32 -6.81
N ALA D 284 -24.03 31.36 -5.96
CA ALA D 284 -25.14 30.45 -6.22
C ALA D 284 -25.60 29.86 -4.90
N ARG D 285 -26.75 29.18 -4.94
CA ARG D 285 -27.38 28.62 -3.76
C ARG D 285 -27.62 27.13 -3.98
N ILE D 286 -27.28 26.32 -2.98
CA ILE D 286 -27.53 24.88 -3.03
C ILE D 286 -29.02 24.65 -2.78
N VAL D 287 -29.74 24.24 -3.82
CA VAL D 287 -31.19 24.10 -3.70
C VAL D 287 -31.56 22.77 -3.08
N ALA D 288 -30.92 21.68 -3.51
CA ALA D 288 -31.24 20.35 -3.00
C ALA D 288 -30.14 19.38 -3.40
N THR D 289 -30.02 18.30 -2.63
CA THR D 289 -29.10 17.20 -2.92
C THR D 289 -29.87 15.89 -2.83
N ALA D 290 -29.29 14.84 -3.40
CA ALA D 290 -29.94 13.53 -3.38
C ALA D 290 -28.90 12.45 -3.61
N THR D 291 -29.21 11.25 -3.13
CA THR D 291 -28.35 10.08 -3.28
C THR D 291 -29.22 8.86 -3.46
N SER D 292 -29.09 8.21 -4.61
CA SER D 292 -29.84 6.99 -4.91
C SER D 292 -28.88 6.00 -5.55
N GLY D 293 -29.41 5.00 -6.24
CA GLY D 293 -28.56 4.00 -6.86
C GLY D 293 -29.35 3.06 -7.74
N ALA D 294 -28.62 2.16 -8.39
CA ALA D 294 -29.21 1.18 -9.29
C ALA D 294 -28.38 -0.10 -9.22
N ASP D 295 -28.47 -0.92 -10.27
CA ASP D 295 -27.85 -2.25 -10.25
C ASP D 295 -26.34 -2.13 -10.16
N PRO D 296 -25.68 -2.89 -9.28
CA PRO D 296 -24.22 -2.81 -9.13
C PRO D 296 -23.43 -3.60 -10.16
N VAL D 297 -24.08 -4.33 -11.06
CA VAL D 297 -23.37 -4.98 -12.15
C VAL D 297 -23.21 -4.03 -13.33
N ILE D 298 -24.25 -3.24 -13.61
CA ILE D 298 -24.16 -2.24 -14.68
C ILE D 298 -23.53 -0.96 -14.16
N MET D 299 -23.70 -0.67 -12.85
CA MET D 299 -22.99 0.37 -12.11
C MET D 299 -23.36 1.79 -12.52
N LEU D 300 -23.41 2.07 -13.81
CA LEU D 300 -23.46 3.44 -14.32
C LEU D 300 -24.87 3.91 -14.64
N THR D 301 -25.90 3.17 -14.23
CA THR D 301 -27.28 3.60 -14.41
C THR D 301 -27.85 4.28 -13.17
N GLY D 302 -26.99 4.67 -12.23
CA GLY D 302 -27.40 5.31 -11.00
C GLY D 302 -27.76 6.79 -11.06
N PRO D 303 -27.23 7.57 -12.03
CA PRO D 303 -27.59 9.00 -12.08
C PRO D 303 -29.05 9.26 -12.42
N THR D 304 -29.77 8.32 -13.06
CA THR D 304 -31.15 8.60 -13.44
C THR D 304 -32.08 8.70 -12.23
N PRO D 305 -32.10 7.75 -11.28
CA PRO D 305 -32.97 7.93 -10.11
C PRO D 305 -32.51 9.02 -9.16
N ALA D 306 -31.20 9.34 -9.15
CA ALA D 306 -30.72 10.42 -8.29
C ALA D 306 -31.21 11.77 -8.79
N THR D 307 -31.23 11.96 -10.12
CA THR D 307 -31.74 13.21 -10.68
C THR D 307 -33.25 13.34 -10.45
N ARG D 308 -33.99 12.26 -10.64
CA ARG D 308 -35.43 12.31 -10.40
C ARG D 308 -35.73 12.60 -8.94
N LYS D 309 -34.90 12.12 -8.02
CA LYS D 309 -35.15 12.35 -6.60
C LYS D 309 -34.79 13.77 -6.19
N VAL D 310 -33.71 14.33 -6.74
CA VAL D 310 -33.33 15.70 -6.40
C VAL D 310 -34.31 16.69 -7.01
N LEU D 311 -34.97 16.32 -8.11
CA LEU D 311 -36.02 17.16 -8.66
C LEU D 311 -37.29 17.09 -7.83
N ASP D 312 -37.66 15.88 -7.39
CA ASP D 312 -38.83 15.72 -6.53
C ASP D 312 -38.62 16.43 -5.20
N ARG D 313 -37.38 16.45 -4.70
CA ARG D 313 -37.10 17.07 -3.41
C ARG D 313 -37.10 18.59 -3.50
N ALA D 314 -36.69 19.15 -4.64
CA ALA D 314 -36.66 20.58 -4.83
C ALA D 314 -37.95 21.14 -5.43
N GLY D 315 -38.93 20.28 -5.73
CA GLY D 315 -40.17 20.73 -6.31
C GLY D 315 -40.04 21.26 -7.72
N LEU D 316 -39.23 20.60 -8.55
CA LEU D 316 -38.95 21.06 -9.90
C LEU D 316 -39.11 19.91 -10.88
N THR D 317 -39.14 20.25 -12.16
CA THR D 317 -39.18 19.30 -13.26
C THR D 317 -37.99 19.54 -14.18
N VAL D 318 -37.85 18.69 -15.20
CA VAL D 318 -36.74 18.83 -16.15
C VAL D 318 -36.80 20.18 -16.86
N ASP D 319 -38.01 20.69 -17.12
CA ASP D 319 -38.14 21.94 -17.84
C ASP D 319 -37.67 23.14 -17.03
N ASP D 320 -37.57 23.01 -15.70
CA ASP D 320 -37.12 24.11 -14.85
C ASP D 320 -35.60 24.24 -14.81
N ILE D 321 -34.86 23.26 -15.32
CA ILE D 321 -33.41 23.28 -15.29
C ILE D 321 -32.89 23.87 -16.59
N ASP D 322 -31.97 24.83 -16.48
CA ASP D 322 -31.38 25.47 -17.65
C ASP D 322 -30.14 24.75 -18.15
N LEU D 323 -29.36 24.14 -17.25
CA LEU D 323 -28.13 23.46 -17.64
C LEU D 323 -28.02 22.14 -16.91
N PHE D 324 -27.74 21.08 -17.66
CA PHE D 324 -27.48 19.76 -17.11
C PHE D 324 -26.00 19.44 -17.27
N GLU D 325 -25.35 19.03 -16.18
CA GLU D 325 -23.94 18.65 -16.18
C GLU D 325 -23.83 17.23 -15.64
N LEU D 326 -23.48 16.29 -16.50
CA LEU D 326 -23.28 14.89 -16.12
C LEU D 326 -21.86 14.49 -16.48
N ASN D 327 -21.18 13.84 -15.53
CA ASN D 327 -19.80 13.45 -15.75
C ASN D 327 -19.70 12.43 -16.88
N GLU D 328 -18.84 12.74 -17.85
CA GLU D 328 -18.67 11.90 -19.04
C GLU D 328 -17.71 10.74 -18.77
N ALA D 329 -18.12 9.88 -17.84
CA ALA D 329 -17.34 8.67 -17.57
C ALA D 329 -17.29 7.79 -18.82
N PHE D 330 -18.45 7.54 -19.42
CA PHE D 330 -18.54 6.86 -20.70
C PHE D 330 -19.67 7.50 -21.50
N ALA D 331 -19.50 7.53 -22.82
CA ALA D 331 -20.47 8.22 -23.67
C ALA D 331 -21.86 7.59 -23.55
N SER D 332 -21.92 6.27 -23.40
CA SER D 332 -23.21 5.59 -23.31
C SER D 332 -23.97 5.99 -22.05
N VAL D 333 -23.25 6.35 -20.98
CA VAL D 333 -23.91 6.78 -19.75
C VAL D 333 -24.62 8.11 -19.96
N VAL D 334 -23.98 9.03 -20.68
CA VAL D 334 -24.60 10.32 -20.95
C VAL D 334 -25.76 10.15 -21.92
N LEU D 335 -25.60 9.30 -22.92
CA LEU D 335 -26.65 9.12 -23.92
C LEU D 335 -27.89 8.47 -23.31
N LYS D 336 -27.70 7.55 -22.37
CA LYS D 336 -28.85 6.95 -21.68
C LYS D 336 -29.52 7.98 -20.78
N PHE D 337 -28.73 8.74 -20.03
CA PHE D 337 -29.28 9.81 -19.21
C PHE D 337 -30.04 10.82 -20.06
N GLN D 338 -29.50 11.14 -21.24
CA GLN D 338 -30.20 12.05 -22.16
C GLN D 338 -31.48 11.41 -22.68
N LYS D 339 -31.45 10.11 -22.94
CA LYS D 339 -32.62 9.42 -23.47
C LYS D 339 -33.69 9.20 -22.40
N ASP D 340 -33.28 8.95 -21.16
CA ASP D 340 -34.24 8.65 -20.10
C ASP D 340 -35.09 9.86 -19.74
N LEU D 341 -34.48 11.03 -19.62
CA LEU D 341 -35.16 12.23 -19.17
C LEU D 341 -35.42 13.22 -20.30
N ASN D 342 -35.14 12.84 -21.54
CA ASN D 342 -35.40 13.69 -22.72
C ASN D 342 -34.69 15.03 -22.59
N ILE D 343 -33.43 14.98 -22.18
CA ILE D 343 -32.64 16.21 -22.01
C ILE D 343 -32.28 16.77 -23.38
N PRO D 344 -32.59 18.03 -23.65
CA PRO D 344 -32.19 18.62 -24.94
C PRO D 344 -30.69 18.73 -25.06
N ASP D 345 -30.19 18.60 -26.30
CA ASP D 345 -28.76 18.63 -26.54
C ASP D 345 -28.13 19.96 -26.12
N GLU D 346 -28.86 21.07 -26.28
CA GLU D 346 -28.31 22.38 -26.01
C GLU D 346 -28.09 22.65 -24.53
N LYS D 347 -28.53 21.75 -23.65
CA LYS D 347 -28.42 21.97 -22.21
C LYS D 347 -27.55 20.94 -21.50
N LEU D 348 -26.91 20.03 -22.22
CA LEU D 348 -26.22 18.88 -21.63
C LEU D 348 -24.72 19.04 -21.83
N ASN D 349 -23.99 19.24 -20.73
CA ASN D 349 -22.53 19.36 -20.74
C ASN D 349 -22.07 20.40 -21.76
N VAL D 350 -22.62 21.60 -21.63
CA VAL D 350 -22.49 22.63 -22.65
C VAL D 350 -21.06 23.13 -22.85
N ASN D 351 -20.15 22.82 -21.92
CA ASN D 351 -18.75 23.23 -22.04
C ASN D 351 -17.81 22.03 -22.13
N GLY D 352 -18.32 20.87 -22.52
CA GLY D 352 -17.51 19.67 -22.60
C GLY D 352 -17.44 18.93 -21.27
N GLY D 353 -16.81 17.76 -21.32
CA GLY D 353 -16.72 16.92 -20.15
C GLY D 353 -15.43 16.14 -20.02
N ALA D 354 -15.46 15.07 -19.23
CA ALA D 354 -14.24 14.34 -18.89
C ALA D 354 -13.62 13.62 -20.08
N ILE D 355 -14.39 13.34 -21.13
CA ILE D 355 -13.82 12.74 -22.32
C ILE D 355 -12.74 13.64 -22.91
N ALA D 356 -12.97 14.95 -22.87
CA ALA D 356 -12.03 15.91 -23.41
C ALA D 356 -11.00 16.35 -22.38
N MET D 357 -11.44 16.70 -21.17
CA MET D 357 -10.58 17.36 -20.21
C MET D 357 -10.05 16.43 -19.12
N GLY D 358 -10.73 15.32 -18.84
CA GLY D 358 -10.24 14.36 -17.86
C GLY D 358 -11.16 14.18 -16.68
N HIS D 359 -10.96 13.08 -15.94
CA HIS D 359 -11.80 12.70 -14.81
C HIS D 359 -10.92 12.39 -13.62
N PRO D 360 -10.49 13.40 -12.87
CA PRO D 360 -9.63 13.18 -11.69
C PRO D 360 -10.43 12.74 -10.46
N LEU D 361 -11.10 11.60 -10.60
CA LEU D 361 -11.88 10.91 -9.56
C LEU D 361 -12.38 11.78 -8.43
N GLY D 362 -11.57 11.91 -7.37
CA GLY D 362 -12.00 12.59 -6.16
C GLY D 362 -12.30 14.06 -6.33
N ALA D 363 -11.82 14.68 -7.42
CA ALA D 363 -12.00 16.12 -7.63
C ALA D 363 -13.04 16.45 -8.68
N THR D 364 -13.52 15.47 -9.45
CA THR D 364 -14.37 15.77 -10.59
C THR D 364 -15.69 16.40 -10.16
N GLY D 365 -16.26 15.93 -9.04
CA GLY D 365 -17.53 16.47 -8.58
C GLY D 365 -17.47 17.95 -8.31
N ALA D 366 -16.37 18.43 -7.72
CA ALA D 366 -16.24 19.86 -7.45
C ALA D 366 -15.89 20.63 -8.71
N MET D 367 -15.19 19.99 -9.66
CA MET D 367 -14.83 20.67 -10.90
C MET D 367 -16.07 20.96 -11.75
N ILE D 368 -16.93 19.95 -11.94
CA ILE D 368 -18.07 20.15 -12.80
C ILE D 368 -19.14 20.99 -12.11
N LEU D 369 -19.15 21.00 -10.77
CA LEU D 369 -20.03 21.92 -10.05
C LEU D 369 -19.59 23.37 -10.26
N GLY D 370 -18.30 23.64 -10.07
CA GLY D 370 -17.79 24.97 -10.31
C GLY D 370 -17.92 25.41 -11.76
N THR D 371 -17.88 24.45 -12.69
CA THR D 371 -18.11 24.77 -14.10
C THR D 371 -19.51 25.35 -14.30
N MET D 372 -20.50 24.79 -13.62
CA MET D 372 -21.88 25.25 -13.79
C MET D 372 -22.14 26.57 -13.09
N VAL D 373 -21.42 26.85 -11.99
CA VAL D 373 -21.56 28.16 -11.35
C VAL D 373 -21.10 29.26 -12.31
N ASP D 374 -20.05 28.99 -13.07
CA ASP D 374 -19.53 29.99 -14.01
C ASP D 374 -20.42 30.12 -15.24
N GLU D 375 -20.95 29.00 -15.74
CA GLU D 375 -21.75 29.05 -16.96
C GLU D 375 -23.11 29.68 -16.71
N LEU D 376 -23.70 29.44 -15.53
CA LEU D 376 -24.93 30.12 -15.16
C LEU D 376 -24.72 31.64 -15.15
N GLU D 377 -23.59 32.10 -14.61
CA GLU D 377 -23.31 33.53 -14.61
C GLU D 377 -23.06 34.05 -16.02
N ARG D 378 -22.29 33.29 -16.82
CA ARG D 378 -21.99 33.75 -18.18
C ARG D 378 -23.24 33.78 -19.04
N ARG D 379 -24.12 32.80 -18.89
CA ARG D 379 -25.36 32.76 -19.65
C ARG D 379 -26.48 33.58 -19.02
N ASN D 380 -26.30 34.04 -17.77
CA ASN D 380 -27.37 34.69 -17.01
C ASN D 380 -28.58 33.77 -16.89
N ALA D 381 -28.33 32.50 -16.60
CA ALA D 381 -29.38 31.52 -16.40
C ALA D 381 -29.59 31.26 -14.91
N ARG D 382 -30.67 30.54 -14.60
CA ARG D 382 -31.14 30.42 -13.22
C ARG D 382 -30.64 29.13 -12.55
N ARG D 383 -30.98 27.97 -13.10
CA ARG D 383 -30.75 26.71 -12.43
C ARG D 383 -29.82 25.80 -13.22
N ALA D 384 -29.11 24.95 -12.50
CA ALA D 384 -28.26 23.92 -13.08
C ALA D 384 -28.32 22.67 -12.20
N LEU D 385 -28.32 21.50 -12.84
CA LEU D 385 -28.33 20.23 -12.14
C LEU D 385 -27.04 19.49 -12.46
N ILE D 386 -26.32 19.08 -11.42
CA ILE D 386 -25.03 18.40 -11.53
C ILE D 386 -25.19 16.99 -10.99
N THR D 387 -24.74 16.00 -11.75
CA THR D 387 -24.89 14.61 -11.33
C THR D 387 -23.71 13.80 -11.86
N LEU D 388 -23.39 12.71 -11.14
CA LEU D 388 -22.32 11.81 -11.52
C LEU D 388 -22.75 10.37 -11.31
N CYS D 389 -22.46 9.52 -12.29
CA CYS D 389 -22.57 8.09 -12.05
C CYS D 389 -21.43 7.64 -11.15
N ILE D 390 -21.70 6.63 -10.33
CA ILE D 390 -20.76 6.19 -9.30
C ILE D 390 -20.52 4.69 -9.44
N GLY D 391 -19.31 4.28 -9.08
CA GLY D 391 -19.02 2.86 -8.97
C GLY D 391 -19.79 2.22 -7.84
N GLY D 392 -20.04 0.92 -7.98
CA GLY D 392 -20.91 0.22 -7.07
C GLY D 392 -22.39 0.43 -7.31
N GLY D 393 -22.75 1.21 -8.34
CA GLY D 393 -24.14 1.42 -8.68
C GLY D 393 -24.81 2.55 -7.94
N MET D 394 -24.07 3.58 -7.56
CA MET D 394 -24.62 4.70 -6.80
C MET D 394 -24.84 5.91 -7.72
N GLY D 395 -25.54 6.90 -7.18
CA GLY D 395 -25.79 8.14 -7.91
C GLY D 395 -25.90 9.30 -6.95
N VAL D 396 -25.43 10.46 -7.41
CA VAL D 396 -25.48 11.70 -6.65
C VAL D 396 -25.90 12.82 -7.59
N ALA D 397 -26.85 13.66 -7.15
CA ALA D 397 -27.31 14.78 -7.94
C ALA D 397 -27.46 16.00 -7.03
N THR D 398 -27.17 17.17 -7.60
CA THR D 398 -27.22 18.43 -6.87
C THR D 398 -27.81 19.50 -7.76
N ILE D 399 -28.70 20.33 -7.20
CA ILE D 399 -29.32 21.43 -7.92
C ILE D 399 -28.84 22.74 -7.31
N ILE D 400 -28.36 23.65 -8.15
CA ILE D 400 -27.92 24.97 -7.72
C ILE D 400 -28.73 26.02 -8.47
N GLU D 401 -28.87 27.19 -7.84
CA GLU D 401 -29.60 28.31 -8.41
C GLU D 401 -28.74 29.56 -8.31
N ARG D 402 -28.56 30.25 -9.43
CA ARG D 402 -27.69 31.42 -9.45
C ARG D 402 -28.27 32.54 -8.59
N VAL D 403 -27.39 33.20 -7.85
CA VAL D 403 -27.79 34.31 -7.00
C VAL D 403 -27.05 35.59 -7.42
#